data_9EQ2
#
_entry.id   9EQ2
#
_cell.length_a   1.00
_cell.length_b   1.00
_cell.length_c   1.00
_cell.angle_alpha   90.00
_cell.angle_beta   90.00
_cell.angle_gamma   90.00
#
_symmetry.space_group_name_H-M   'P 1'
#
loop_
_entity.id
_entity.type
_entity.pdbx_description
1 polymer 'RuvB-like protein 1'
2 polymer 'RuvB-like helicase'
3 polymer At1g56440
4 non-polymer "ADENOSINE-5'-DIPHOSPHATE"
#
loop_
_entity_poly.entity_id
_entity_poly.type
_entity_poly.pdbx_seq_one_letter_code
_entity_poly.pdbx_strand_id
1 'polypeptide(L)'
;MGSSHHHHHHHHSSGENLYFQGSHMLEDPMEKVKIEEIQSTAKKQRIATHTHIKGLGLEPTGIPIKLAAGFVGQLEAREA
AGLVVDMIKQKKMAGKALLLAGPPGTGKTALALGISQELGSKVPFCPMVGSEVYSSEVKKTEVLMENFRRAIGLRIKETK
EVYEGEVTELSPEETESLTGGYGKSISHVVITLKTVKGTKHLKLDPTIYDALIKEKVAVGDVIYIEANSGAVKRVGRSDA
FATEFDLEAEEYVPLPKGEVHKKKEIVQDVTLQDLDAANARPQGGQDILSLMGQMMKPRKTEITDKLRQEINKVVNRYID
EGVAELVPGVLFIDEVHMLDMECFSYLNRALESSLSPIVIFATNRGVCNVRGTDMPSPHGVPIDLLDRLVIIRTQIYDPS
EMIQIIAIRAQVEELTVDEECLVLLGEIGQRTSLRHAVQLLSPASIVAKMNGRDNICKADIEEVTSLYLDAKSSAKLLHE
QQEKYIS
;
A,C,B
2 'polypeptide(L)'
;MADLNWISAGHAIADVGTMAELKLSESRDLTRVERIGAHSHIRGLGLDSALEPRAVSEGMVGQVKARKAAGVILQMIREG
KIAGRAILIAGQPGTGKTAIAMGMAKSLGLETPFAMIAGSEIFSLEMSKTEALTQSFRKAIGVRIKEETEVIEGEVVEVQ
IDRPASSGVASKSGKMTMKTTDMETVYDMGAKMIEALNKEKVQSGDVIAIDKATGKITKLGRSFSRSRDYDAMGAQTKFV
QCPEGELQKRKEVVHCVTLHEIDVINSRTQGFLALFTGDTGEIRSEVREQIDTKVAEWREEGKAEIVPGVLFIDEVHMLD
IECFSFLNRALENEMSPILVVATNRGVTTIRGTNQKSPHGIPIDLLDRLLIITTQPYTDDDIRKILEIRCQEEDVEMNEE
AKQLLTLIGRDTSLRYAIHLITAAALSCQKRKGKVVEVEDIQRVYRLFLDVRRSMQYLVEYQSQYMFSEPIKNDEAAAED
EQDAMQI
;
D,F,E
3 'polypeptide(L)'
;MGSSHHHHHHHHHHMTDVTIKGGENLYFQGMARSPSKHGRDQTQDFQGFFNDLQDWELSLKDKDKKIKQQPANSSNPSSE
TFRPSGSGKYDFAKKYRSIRDLSSSLIGESLLDSSSEKEQGNEFFKQKKFNEAIDCYSRSIALSPNAVTYANRAMAYLKI
KRYREAEVDCTEALNLDDRYIKAYSRRATARKELGMIKEAKEDAEFALRLEPESQELKKQYADIKSLLEKEIIEKATGAM
QSTAQELLKTSGLDKKIQKPKTEMTSKPVTLVAKTNRDIVQPVLGSNESSGKKLIENIQPEEKSKEGSMKIPAITEILDS
KKVTPGSQSYEKEAKPSDRNGTQPSGPENQVSKQLELKPSVQELAAHAASLAMTEASKNIKTPKSAYEFENSWRSFSGDS
ALRSQLLKVTTPSSLPQIFKNALTSPVLVDIIKCVASFFTEDMDLAVKYIENLTKVPRFNMLVMCLTSTEKNELLKIWED
VFCNKATPMEYAEVLDKLRSRYCLKQLEVLFQGPWSHPQFEK
;
G
#
# COMPACT_ATOMS: atom_id res chain seq x y z
N ILE A 47 -19.30 10.29 -28.33
CA ILE A 47 -18.88 11.65 -28.76
C ILE A 47 -20.09 12.43 -29.29
N ALA A 48 -21.03 12.74 -28.40
CA ALA A 48 -22.14 13.60 -28.77
C ALA A 48 -21.63 14.98 -29.16
N THR A 49 -20.65 15.48 -28.42
CA THR A 49 -19.90 16.66 -28.81
C THR A 49 -18.97 16.28 -29.98
N HIS A 50 -18.18 17.25 -30.47
CA HIS A 50 -17.17 17.01 -31.54
C HIS A 50 -17.85 16.60 -32.86
N THR A 51 -19.13 16.93 -33.06
CA THR A 51 -19.86 16.62 -34.31
C THR A 51 -19.45 17.64 -35.35
N HIS A 52 -19.27 18.91 -34.95
CA HIS A 52 -18.85 19.96 -35.86
C HIS A 52 -17.48 19.69 -36.49
N ILE A 53 -16.61 18.93 -35.82
CA ILE A 53 -15.28 18.65 -36.35
C ILE A 53 -15.44 17.62 -37.47
N LYS A 54 -14.92 17.95 -38.65
CA LYS A 54 -14.97 17.12 -39.85
C LYS A 54 -13.59 17.06 -40.49
N GLY A 55 -12.57 16.80 -39.68
CA GLY A 55 -11.19 16.72 -40.11
C GLY A 55 -10.40 17.96 -39.71
N LEU A 56 -9.09 17.89 -39.98
CA LEU A 56 -8.20 18.98 -39.60
C LEU A 56 -8.46 20.24 -40.40
N GLY A 57 -8.89 20.11 -41.65
CA GLY A 57 -9.16 21.27 -42.47
C GLY A 57 -7.89 22.00 -42.86
N LEU A 58 -7.07 21.35 -43.69
CA LEU A 58 -5.77 21.83 -44.10
C LEU A 58 -5.75 22.13 -45.59
N GLU A 59 -4.82 22.99 -45.98
CA GLU A 59 -4.56 23.26 -47.38
C GLU A 59 -3.80 22.07 -47.98
N PRO A 60 -3.70 21.99 -49.32
CA PRO A 60 -2.86 20.93 -49.90
C PRO A 60 -1.40 21.03 -49.51
N THR A 61 -0.90 22.26 -49.29
CA THR A 61 0.48 22.43 -48.81
C THR A 61 0.66 21.91 -47.39
N GLY A 62 -0.41 21.75 -46.61
CA GLY A 62 -0.37 21.18 -45.28
C GLY A 62 -0.48 22.17 -44.15
N ILE A 63 -0.26 23.46 -44.41
CA ILE A 63 -0.42 24.47 -43.36
C ILE A 63 -1.90 24.62 -43.06
N PRO A 64 -2.35 24.65 -41.80
CA PRO A 64 -3.81 24.70 -41.56
C PRO A 64 -4.40 26.05 -41.93
N ILE A 65 -5.69 26.00 -42.28
CA ILE A 65 -6.48 27.21 -42.47
C ILE A 65 -6.91 27.68 -41.08
N LYS A 66 -6.99 29.00 -40.89
CA LYS A 66 -7.33 29.55 -39.59
C LYS A 66 -8.75 29.20 -39.15
N LEU A 67 -9.65 28.89 -40.10
CA LEU A 67 -11.03 28.53 -39.76
C LEU A 67 -11.54 27.62 -40.86
N ALA A 68 -11.56 26.32 -40.59
CA ALA A 68 -11.98 25.33 -41.58
C ALA A 68 -12.19 23.99 -40.89
N ALA A 69 -13.19 23.25 -41.39
CA ALA A 69 -13.50 21.90 -40.92
C ALA A 69 -13.85 21.87 -39.44
N GLY A 70 -14.45 22.95 -38.93
CA GLY A 70 -14.83 23.05 -37.54
C GLY A 70 -13.74 23.54 -36.60
N PHE A 71 -12.48 23.50 -37.02
CA PHE A 71 -11.37 23.84 -36.11
C PHE A 71 -11.17 25.34 -36.08
N VAL A 72 -11.05 25.95 -34.89
CA VAL A 72 -10.71 27.39 -34.75
C VAL A 72 -9.31 27.48 -34.15
N GLY A 73 -8.42 28.24 -34.75
CA GLY A 73 -7.05 28.43 -34.22
C GLY A 73 -6.36 27.12 -34.02
N GLN A 74 -5.38 27.06 -33.10
CA GLN A 74 -4.68 25.81 -32.81
C GLN A 74 -3.81 25.38 -34.00
N LEU A 75 -3.05 26.34 -34.53
CA LEU A 75 -2.40 26.13 -35.82
C LEU A 75 -1.22 25.18 -35.71
N GLU A 76 -0.43 25.30 -34.65
CA GLU A 76 0.76 24.46 -34.52
C GLU A 76 0.38 22.99 -34.31
N ALA A 77 -0.57 22.73 -33.41
CA ALA A 77 -0.98 21.36 -33.16
C ALA A 77 -1.72 20.78 -34.37
N ARG A 78 -2.49 21.61 -35.08
CA ARG A 78 -3.17 21.12 -36.27
C ARG A 78 -2.18 20.78 -37.39
N GLU A 79 -1.15 21.61 -37.56
CA GLU A 79 -0.12 21.30 -38.54
C GLU A 79 0.63 20.02 -38.19
N ALA A 80 0.95 19.86 -36.91
CA ALA A 80 1.62 18.63 -36.48
C ALA A 80 0.71 17.41 -36.65
N ALA A 81 -0.59 17.58 -36.40
CA ALA A 81 -1.53 16.48 -36.61
C ALA A 81 -1.63 16.11 -38.08
N GLY A 82 -1.62 17.10 -38.97
CA GLY A 82 -1.60 16.80 -40.39
C GLY A 82 -0.33 16.08 -40.81
N LEU A 83 0.80 16.49 -40.24
CA LEU A 83 2.06 15.82 -40.54
C LEU A 83 2.05 14.38 -40.04
N VAL A 84 1.44 14.14 -38.87
CA VAL A 84 1.33 12.78 -38.37
C VAL A 84 0.38 11.97 -39.23
N VAL A 85 -0.67 12.60 -39.77
CA VAL A 85 -1.58 11.90 -40.68
C VAL A 85 -0.83 11.46 -41.92
N ASP A 86 0.02 12.35 -42.46
CA ASP A 86 0.83 11.98 -43.62
C ASP A 86 1.84 10.89 -43.27
N MET A 87 2.36 10.90 -42.04
CA MET A 87 3.23 9.82 -41.60
C MET A 87 2.48 8.50 -41.53
N ILE A 88 1.22 8.54 -41.10
CA ILE A 88 0.41 7.32 -40.99
C ILE A 88 0.09 6.78 -42.38
N LYS A 89 -0.14 7.68 -43.35
CA LYS A 89 -0.53 7.25 -44.68
C LYS A 89 0.58 6.42 -45.35
N GLN A 90 1.84 6.78 -45.12
CA GLN A 90 2.99 6.08 -45.67
C GLN A 90 3.54 5.00 -44.73
N LYS A 91 2.74 4.51 -43.78
CA LYS A 91 3.08 3.41 -42.88
C LYS A 91 4.33 3.68 -42.03
N LYS A 92 4.68 4.95 -41.82
CA LYS A 92 5.88 5.30 -41.07
C LYS A 92 5.68 5.28 -39.56
N MET A 93 4.45 5.27 -39.07
CA MET A 93 4.16 5.32 -37.64
C MET A 93 4.13 3.94 -36.97
N ALA A 94 4.43 2.87 -37.70
CA ALA A 94 4.48 1.54 -37.09
C ALA A 94 5.59 1.49 -36.05
N GLY A 95 5.27 0.93 -34.88
CA GLY A 95 6.19 0.94 -33.77
C GLY A 95 6.29 2.27 -33.04
N LYS A 96 5.32 3.16 -33.20
CA LYS A 96 5.28 4.44 -32.51
C LYS A 96 3.85 4.72 -32.06
N ALA A 97 3.73 5.69 -31.16
CA ALA A 97 2.46 6.21 -30.68
C ALA A 97 2.56 7.72 -30.63
N LEU A 98 1.41 8.37 -30.53
CA LEU A 98 1.29 9.82 -30.46
C LEU A 98 0.87 10.23 -29.05
N LEU A 99 1.35 11.39 -28.61
CA LEU A 99 0.99 11.97 -27.32
C LEU A 99 0.58 13.41 -27.55
N LEU A 100 -0.61 13.76 -27.05
CA LEU A 100 -1.13 15.13 -27.05
C LEU A 100 -1.03 15.65 -25.63
N ALA A 101 -0.01 16.47 -25.37
CA ALA A 101 0.25 17.06 -24.07
C ALA A 101 -0.30 18.48 -24.06
N GLY A 102 -1.24 18.76 -23.16
CA GLY A 102 -1.75 20.10 -23.04
C GLY A 102 -2.79 20.29 -21.97
N PRO A 103 -3.25 21.53 -21.76
CA PRO A 103 -4.28 21.78 -20.74
C PRO A 103 -5.61 21.15 -21.13
N PRO A 104 -6.55 20.94 -20.18
CA PRO A 104 -7.87 20.45 -20.56
C PRO A 104 -8.56 21.48 -21.42
N GLY A 105 -9.44 21.05 -22.33
CA GLY A 105 -10.17 21.97 -23.22
C GLY A 105 -9.24 22.76 -24.10
N THR A 106 -8.29 22.11 -24.78
CA THR A 106 -7.34 22.77 -25.71
C THR A 106 -7.25 21.98 -27.00
N GLY A 107 -8.30 21.26 -27.41
CA GLY A 107 -8.32 20.64 -28.72
C GLY A 107 -7.95 19.17 -28.75
N LYS A 108 -7.15 18.69 -27.79
CA LYS A 108 -6.56 17.30 -27.83
C LYS A 108 -7.55 16.25 -28.35
N THR A 109 -8.67 15.95 -27.68
CA THR A 109 -9.58 14.86 -28.12
C THR A 109 -10.10 15.23 -29.50
N ALA A 110 -10.28 16.53 -29.77
CA ALA A 110 -10.77 17.01 -31.08
C ALA A 110 -9.68 16.84 -32.14
N LEU A 111 -8.39 16.94 -31.77
CA LEU A 111 -7.28 16.74 -32.70
C LEU A 111 -7.18 15.28 -33.12
N ALA A 112 -7.39 14.37 -32.15
CA ALA A 112 -7.41 12.95 -32.48
C ALA A 112 -8.57 12.61 -33.41
N LEU A 113 -9.73 13.21 -33.17
CA LEU A 113 -10.87 12.97 -34.06
C LEU A 113 -10.59 13.53 -35.45
N GLY A 114 -9.90 14.66 -35.53
CA GLY A 114 -9.50 15.18 -36.83
C GLY A 114 -8.52 14.26 -37.54
N ILE A 115 -7.58 13.67 -36.80
CA ILE A 115 -6.65 12.71 -37.38
C ILE A 115 -7.39 11.50 -37.90
N SER A 116 -8.35 11.00 -37.12
CA SER A 116 -9.12 9.83 -37.57
C SER A 116 -9.98 10.15 -38.78
N GLN A 117 -10.58 11.34 -38.81
CA GLN A 117 -11.40 11.73 -39.95
C GLN A 117 -10.57 11.90 -41.21
N GLU A 118 -9.37 12.47 -41.09
CA GLU A 118 -8.55 12.73 -42.27
C GLU A 118 -8.05 11.44 -42.91
N LEU A 119 -7.91 10.36 -42.13
CA LEU A 119 -7.47 9.10 -42.72
C LEU A 119 -8.53 8.50 -43.65
N GLY A 120 -9.79 8.79 -43.41
CA GLY A 120 -10.87 8.30 -44.25
C GLY A 120 -12.18 8.30 -43.48
N SER A 121 -13.29 8.37 -44.22
CA SER A 121 -14.61 8.40 -43.59
C SER A 121 -14.91 7.08 -42.88
N LYS A 122 -14.52 5.96 -43.49
CA LYS A 122 -14.74 4.66 -42.86
C LYS A 122 -13.84 4.40 -41.65
N VAL A 123 -12.80 5.20 -41.45
CA VAL A 123 -11.79 4.88 -40.43
C VAL A 123 -12.40 5.12 -39.05
N PRO A 124 -12.38 4.18 -38.10
CA PRO A 124 -13.07 4.38 -36.83
C PRO A 124 -12.22 5.17 -35.84
N PHE A 125 -12.87 5.59 -34.76
CA PHE A 125 -12.25 6.37 -33.69
C PHE A 125 -12.78 5.83 -32.37
N CYS A 126 -11.88 5.23 -31.57
CA CYS A 126 -12.24 4.59 -30.30
C CYS A 126 -11.69 5.41 -29.14
N PRO A 127 -12.49 6.28 -28.50
CA PRO A 127 -12.01 6.98 -27.31
C PRO A 127 -12.18 6.16 -26.04
N MET A 128 -11.27 6.39 -25.10
CA MET A 128 -11.37 5.78 -23.78
C MET A 128 -10.56 6.65 -22.83
N VAL A 129 -10.74 6.38 -21.53
CA VAL A 129 -10.04 7.06 -20.45
C VAL A 129 -9.28 6.02 -19.63
N GLY A 130 -8.31 6.49 -18.86
CA GLY A 130 -7.51 5.58 -18.05
C GLY A 130 -8.31 4.86 -16.99
N SER A 131 -9.37 5.49 -16.47
CA SER A 131 -10.22 4.84 -15.49
C SER A 131 -10.97 3.66 -16.09
N GLU A 132 -11.29 3.73 -17.38
CA GLU A 132 -12.12 2.71 -18.05
C GLU A 132 -11.46 1.34 -18.03
N VAL A 133 -10.14 1.25 -17.93
CA VAL A 133 -9.48 -0.04 -17.87
C VAL A 133 -9.76 -0.79 -16.56
N TYR A 134 -10.15 -0.08 -15.49
CA TYR A 134 -10.30 -0.69 -14.17
C TYR A 134 -11.69 -1.26 -13.93
N SER A 135 -12.39 -1.71 -14.97
CA SER A 135 -13.63 -2.43 -14.76
C SER A 135 -13.35 -3.76 -14.05
N SER A 136 -14.12 -4.05 -13.01
CA SER A 136 -13.82 -5.22 -12.18
C SER A 136 -14.18 -6.52 -12.89
N GLU A 137 -15.30 -6.55 -13.60
CA GLU A 137 -15.82 -7.78 -14.18
C GLU A 137 -14.90 -8.39 -15.24
N VAL A 138 -14.03 -7.59 -15.88
CA VAL A 138 -13.16 -8.04 -16.95
C VAL A 138 -11.75 -7.52 -16.66
N LYS A 139 -10.74 -8.34 -16.99
CA LYS A 139 -9.35 -8.00 -16.68
C LYS A 139 -8.93 -6.74 -17.43
N LYS A 140 -8.03 -5.98 -16.79
CA LYS A 140 -7.60 -4.68 -17.32
C LYS A 140 -6.91 -4.83 -18.68
N THR A 141 -6.04 -5.83 -18.80
CA THR A 141 -5.40 -6.10 -20.08
C THR A 141 -6.42 -6.50 -21.14
N GLU A 142 -7.48 -7.19 -20.74
CA GLU A 142 -8.52 -7.56 -21.69
C GLU A 142 -9.29 -6.34 -22.18
N VAL A 143 -9.57 -5.37 -21.29
CA VAL A 143 -10.23 -4.14 -21.73
C VAL A 143 -9.34 -3.36 -22.67
N LEU A 144 -8.04 -3.27 -22.35
CA LEU A 144 -7.08 -2.61 -23.22
C LEU A 144 -7.05 -3.23 -24.61
N MET A 145 -6.92 -4.56 -24.67
CA MET A 145 -6.81 -5.20 -25.97
C MET A 145 -8.14 -5.20 -26.71
N GLU A 146 -9.27 -5.18 -25.98
CA GLU A 146 -10.58 -5.04 -26.62
C GLU A 146 -10.70 -3.70 -27.32
N ASN A 147 -10.29 -2.61 -26.66
CA ASN A 147 -10.32 -1.32 -27.33
C ASN A 147 -9.28 -1.27 -28.47
N PHE A 148 -8.15 -1.94 -28.26
CA PHE A 148 -7.09 -2.03 -29.26
C PHE A 148 -7.60 -2.67 -30.54
N ARG A 149 -8.38 -3.75 -30.41
CA ARG A 149 -8.95 -4.43 -31.57
C ARG A 149 -10.21 -3.74 -32.09
N ARG A 150 -10.92 -3.00 -31.23
CA ARG A 150 -12.05 -2.20 -31.71
C ARG A 150 -11.56 -1.11 -32.65
N ALA A 151 -10.39 -0.52 -32.36
CA ALA A 151 -9.86 0.52 -33.24
C ALA A 151 -9.48 -0.03 -34.60
N ILE A 152 -9.01 -1.27 -34.69
CA ILE A 152 -8.51 -1.81 -35.95
C ILE A 152 -9.70 -2.05 -36.87
N GLY A 153 -9.74 -1.34 -38.00
CA GLY A 153 -10.82 -1.46 -38.96
C GLY A 153 -10.40 -2.30 -40.16
N LEU A 154 -11.38 -2.98 -40.76
CA LEU A 154 -11.19 -3.76 -41.98
C LEU A 154 -12.44 -3.66 -42.81
N ARG A 155 -12.28 -3.82 -44.13
CA ARG A 155 -13.40 -3.95 -45.05
C ARG A 155 -13.16 -5.18 -45.92
N ILE A 156 -14.17 -6.04 -46.01
CA ILE A 156 -14.13 -7.27 -46.80
C ILE A 156 -15.00 -7.03 -48.03
N LYS A 157 -14.42 -7.24 -49.20
CA LYS A 157 -15.08 -7.00 -50.50
C LYS A 157 -15.22 -8.30 -51.27
N VAL A 267 -19.68 -4.01 -49.88
CA VAL A 267 -18.52 -4.23 -49.02
C VAL A 267 -18.97 -4.23 -47.56
N GLN A 268 -18.34 -5.08 -46.76
CA GLN A 268 -18.71 -5.33 -45.36
C GLN A 268 -17.62 -4.77 -44.47
N ASP A 269 -17.95 -3.74 -43.69
CA ASP A 269 -17.00 -3.08 -42.80
C ASP A 269 -17.10 -3.70 -41.40
N VAL A 270 -15.98 -4.24 -40.91
CA VAL A 270 -15.90 -4.94 -39.64
C VAL A 270 -14.65 -4.48 -38.89
N THR A 271 -14.79 -4.34 -37.57
CA THR A 271 -13.62 -4.16 -36.71
C THR A 271 -13.05 -5.53 -36.35
N LEU A 272 -11.82 -5.51 -35.83
CA LEU A 272 -11.20 -6.75 -35.37
C LEU A 272 -11.83 -7.27 -34.08
N GLN A 273 -12.58 -6.43 -33.35
CA GLN A 273 -13.28 -6.91 -32.17
C GLN A 273 -14.49 -7.76 -32.55
N ASP A 274 -15.23 -7.36 -33.60
CA ASP A 274 -16.38 -8.13 -34.02
C ASP A 274 -15.98 -9.50 -34.56
N LEU A 275 -14.84 -9.58 -35.25
CA LEU A 275 -14.37 -10.87 -35.74
C LEU A 275 -13.98 -11.80 -34.59
N ASP A 276 -13.54 -11.25 -33.46
CA ASP A 276 -13.30 -12.07 -32.29
C ASP A 276 -14.59 -12.44 -31.59
N ALA A 277 -15.57 -11.52 -31.58
CA ALA A 277 -16.85 -11.82 -30.94
C ALA A 277 -17.59 -12.93 -31.68
N ALA A 278 -17.59 -12.89 -33.01
CA ALA A 278 -18.21 -13.94 -33.79
C ALA A 278 -17.46 -15.26 -33.70
N ASN A 279 -16.17 -15.25 -33.33
CA ASN A 279 -15.32 -16.42 -33.23
C ASN A 279 -14.68 -16.52 -31.86
N ALA A 280 -15.43 -16.15 -30.82
CA ALA A 280 -14.94 -16.19 -29.45
C ALA A 280 -14.92 -17.62 -28.92
N LYS A 306 -9.72 -14.37 -26.30
CA LYS A 306 -8.62 -15.30 -26.44
C LYS A 306 -8.64 -15.91 -27.84
N LEU A 307 -7.71 -16.83 -28.13
CA LEU A 307 -7.52 -17.41 -29.46
C LEU A 307 -7.13 -16.34 -30.47
N ARG A 308 -6.44 -15.30 -30.00
CA ARG A 308 -6.23 -14.07 -30.76
C ARG A 308 -5.39 -14.29 -32.01
N GLN A 309 -4.32 -15.08 -31.89
CA GLN A 309 -3.38 -15.22 -32.99
C GLN A 309 -4.00 -15.92 -34.19
N GLU A 310 -5.03 -16.74 -33.99
CA GLU A 310 -5.73 -17.36 -35.10
C GLU A 310 -6.40 -16.32 -35.98
N ILE A 311 -7.17 -15.41 -35.37
CA ILE A 311 -7.84 -14.37 -36.16
C ILE A 311 -6.79 -13.42 -36.75
N ASN A 312 -5.70 -13.15 -36.02
CA ASN A 312 -4.67 -12.26 -36.56
C ASN A 312 -4.02 -12.85 -37.80
N LYS A 313 -3.65 -14.13 -37.76
CA LYS A 313 -3.07 -14.77 -38.93
C LYS A 313 -4.09 -14.91 -40.06
N VAL A 314 -5.37 -15.11 -39.72
CA VAL A 314 -6.40 -15.24 -40.74
C VAL A 314 -6.58 -13.93 -41.49
N VAL A 315 -6.64 -12.80 -40.77
CA VAL A 315 -6.80 -11.52 -41.46
C VAL A 315 -5.53 -11.15 -42.22
N ASN A 316 -4.35 -11.57 -41.72
CA ASN A 316 -3.12 -11.40 -42.48
C ASN A 316 -3.19 -12.15 -43.80
N ARG A 317 -3.67 -13.39 -43.77
CA ARG A 317 -3.83 -14.18 -44.99
C ARG A 317 -4.84 -13.53 -45.92
N TYR A 318 -5.92 -12.99 -45.37
CA TYR A 318 -6.94 -12.35 -46.19
C TYR A 318 -6.39 -11.12 -46.91
N ILE A 319 -5.71 -10.23 -46.19
CA ILE A 319 -5.20 -9.02 -46.82
C ILE A 319 -4.07 -9.35 -47.79
N ASP A 320 -3.29 -10.41 -47.51
CA ASP A 320 -2.32 -10.87 -48.50
C ASP A 320 -3.02 -11.37 -49.76
N GLU A 321 -4.14 -12.08 -49.59
CA GLU A 321 -4.92 -12.53 -50.74
C GLU A 321 -5.69 -11.41 -51.42
N GLY A 322 -5.85 -10.24 -50.79
CA GLY A 322 -6.56 -9.13 -51.39
C GLY A 322 -8.06 -9.15 -51.20
N VAL A 323 -8.62 -10.17 -50.56
CA VAL A 323 -10.06 -10.19 -50.31
C VAL A 323 -10.49 -9.12 -49.31
N ALA A 324 -9.58 -8.66 -48.44
CA ALA A 324 -9.87 -7.68 -47.40
C ALA A 324 -8.81 -6.59 -47.41
N GLU A 325 -9.22 -5.41 -46.95
CA GLU A 325 -8.37 -4.23 -46.85
C GLU A 325 -8.39 -3.74 -45.41
N LEU A 326 -7.22 -3.34 -44.92
CA LEU A 326 -7.02 -2.94 -43.53
C LEU A 326 -6.98 -1.42 -43.44
N VAL A 327 -7.85 -0.85 -42.62
CA VAL A 327 -7.87 0.57 -42.28
C VAL A 327 -7.66 0.71 -40.78
N PRO A 328 -6.43 0.98 -40.31
CA PRO A 328 -6.25 1.16 -38.86
C PRO A 328 -6.92 2.42 -38.36
N GLY A 329 -7.64 2.29 -37.24
CA GLY A 329 -8.31 3.41 -36.61
C GLY A 329 -7.42 4.11 -35.60
N VAL A 330 -8.06 4.95 -34.80
CA VAL A 330 -7.40 5.81 -33.82
C VAL A 330 -7.88 5.37 -32.45
N LEU A 331 -7.01 4.70 -31.69
CA LEU A 331 -7.27 4.37 -30.30
C LEU A 331 -6.83 5.55 -29.47
N PHE A 332 -7.78 6.36 -29.01
CA PHE A 332 -7.51 7.54 -28.21
C PHE A 332 -7.65 7.18 -26.75
N ILE A 333 -6.65 7.55 -25.94
CA ILE A 333 -6.58 7.20 -24.51
C ILE A 333 -6.30 8.49 -23.76
N ASP A 334 -7.34 9.06 -23.16
CA ASP A 334 -7.17 10.28 -22.35
C ASP A 334 -6.83 9.83 -20.93
N GLU A 335 -6.22 10.69 -20.13
CA GLU A 335 -5.85 10.45 -18.74
C GLU A 335 -4.89 9.26 -18.63
N VAL A 336 -3.81 9.32 -19.43
CA VAL A 336 -2.91 8.19 -19.55
C VAL A 336 -2.17 7.90 -18.24
N HIS A 337 -2.00 8.90 -17.37
CA HIS A 337 -1.32 8.70 -16.10
C HIS A 337 -2.03 7.71 -15.18
N MET A 338 -3.35 7.52 -15.35
CA MET A 338 -4.06 6.56 -14.52
C MET A 338 -3.65 5.12 -14.81
N LEU A 339 -3.16 4.83 -16.02
CA LEU A 339 -2.71 3.49 -16.33
C LEU A 339 -1.49 3.12 -15.49
N ASP A 340 -1.34 1.83 -15.23
CA ASP A 340 -0.29 1.28 -14.36
C ASP A 340 0.76 0.57 -15.20
N MET A 341 1.79 0.06 -14.51
CA MET A 341 2.93 -0.53 -15.21
C MET A 341 2.54 -1.78 -16.00
N GLU A 342 1.56 -2.54 -15.52
CA GLU A 342 1.07 -3.67 -16.30
C GLU A 342 0.42 -3.19 -17.60
N CYS A 343 -0.40 -2.15 -17.51
CA CYS A 343 -1.05 -1.59 -18.69
C CYS A 343 -0.03 -1.01 -19.66
N PHE A 344 0.96 -0.28 -19.14
CA PHE A 344 1.95 0.33 -20.02
C PHE A 344 2.83 -0.73 -20.67
N SER A 345 3.19 -1.78 -19.92
CA SER A 345 3.98 -2.86 -20.49
C SER A 345 3.21 -3.60 -21.57
N TYR A 346 1.92 -3.85 -21.34
CA TYR A 346 1.11 -4.51 -22.36
C TYR A 346 0.96 -3.64 -23.60
N LEU A 347 0.79 -2.32 -23.42
CA LEU A 347 0.72 -1.43 -24.57
C LEU A 347 2.03 -1.40 -25.33
N ASN A 348 3.17 -1.40 -24.61
CA ASN A 348 4.47 -1.38 -25.27
C ASN A 348 4.70 -2.65 -26.06
N ARG A 349 4.26 -3.80 -25.53
CA ARG A 349 4.41 -5.05 -26.29
C ARG A 349 3.43 -5.11 -27.45
N ALA A 350 2.21 -4.59 -27.27
CA ALA A 350 1.18 -4.68 -28.30
C ALA A 350 1.38 -3.68 -29.43
N LEU A 351 2.14 -2.61 -29.21
CA LEU A 351 2.47 -1.70 -30.30
C LEU A 351 3.38 -2.35 -31.35
N GLU A 352 4.09 -3.42 -30.99
CA GLU A 352 4.96 -4.09 -31.96
C GLU A 352 4.19 -4.81 -33.06
N SER A 353 2.90 -5.11 -32.85
CA SER A 353 2.12 -5.81 -33.86
C SER A 353 1.96 -4.95 -35.11
N SER A 354 2.02 -5.61 -36.27
CA SER A 354 1.94 -4.88 -37.54
C SER A 354 0.55 -4.28 -37.76
N LEU A 355 -0.49 -4.96 -37.30
CA LEU A 355 -1.87 -4.52 -37.52
C LEU A 355 -2.38 -3.57 -36.44
N SER A 356 -1.48 -2.99 -35.65
CA SER A 356 -1.93 -2.16 -34.54
C SER A 356 -2.51 -0.84 -35.06
N PRO A 357 -3.42 -0.20 -34.28
CA PRO A 357 -3.91 1.12 -34.68
C PRO A 357 -2.96 2.20 -34.18
N ILE A 358 -3.32 3.46 -34.36
CA ILE A 358 -2.54 4.58 -33.86
C ILE A 358 -3.02 4.86 -32.45
N VAL A 359 -2.13 4.70 -31.48
CA VAL A 359 -2.43 4.94 -30.08
C VAL A 359 -2.11 6.41 -29.79
N ILE A 360 -3.15 7.21 -29.60
CA ILE A 360 -3.03 8.63 -29.29
C ILE A 360 -3.31 8.76 -27.79
N PHE A 361 -2.25 8.78 -27.00
CA PHE A 361 -2.38 9.19 -25.61
C PHE A 361 -2.65 10.68 -25.53
N ALA A 362 -3.36 11.09 -24.49
CA ALA A 362 -3.61 12.49 -24.21
C ALA A 362 -3.44 12.74 -22.72
N THR A 363 -2.74 13.82 -22.38
CA THR A 363 -2.35 14.06 -21.00
C THR A 363 -2.30 15.55 -20.72
N ASN A 364 -2.57 15.89 -19.45
CA ASN A 364 -2.49 17.25 -18.93
C ASN A 364 -1.73 17.28 -17.60
N ARG A 365 -0.78 16.38 -17.42
CA ARG A 365 0.03 16.25 -16.21
C ARG A 365 1.50 16.28 -16.58
N GLY A 366 2.30 16.91 -15.72
CA GLY A 366 3.73 17.01 -15.94
C GLY A 366 4.47 15.84 -15.36
N VAL A 367 5.37 16.09 -14.41
CA VAL A 367 6.00 15.00 -13.68
C VAL A 367 4.96 14.34 -12.79
N CYS A 368 4.95 13.00 -12.80
CA CYS A 368 3.98 12.27 -12.01
C CYS A 368 4.50 10.86 -11.79
N ASN A 369 4.07 10.26 -10.69
CA ASN A 369 4.48 8.89 -10.37
C ASN A 369 3.71 7.91 -11.24
N VAL A 370 4.43 6.97 -11.84
CA VAL A 370 3.77 5.91 -12.61
C VAL A 370 3.00 5.04 -11.63
N ARG A 371 1.74 4.77 -11.95
CA ARG A 371 0.88 4.01 -11.05
C ARG A 371 1.40 2.59 -10.91
N GLY A 372 1.44 2.10 -9.66
CA GLY A 372 2.10 0.86 -9.32
C GLY A 372 3.57 0.97 -9.00
N THR A 373 4.15 2.17 -9.07
CA THR A 373 5.53 2.43 -8.68
C THR A 373 5.58 3.72 -7.89
N ASP A 374 6.80 4.14 -7.50
CA ASP A 374 7.03 5.33 -6.69
C ASP A 374 7.77 6.44 -7.44
N MET A 375 8.59 6.12 -8.44
CA MET A 375 9.46 7.14 -9.02
C MET A 375 8.64 8.10 -9.89
N PRO A 376 8.88 9.42 -9.81
CA PRO A 376 8.27 10.31 -10.81
C PRO A 376 8.87 10.11 -12.18
N SER A 377 8.07 10.43 -13.20
CA SER A 377 8.50 10.36 -14.59
C SER A 377 7.68 11.37 -15.38
N PRO A 378 8.11 11.71 -16.61
CA PRO A 378 7.35 12.71 -17.38
C PRO A 378 5.99 12.17 -17.80
N HIS A 379 4.95 12.96 -17.55
CA HIS A 379 3.57 12.69 -17.97
C HIS A 379 2.99 11.42 -17.35
N GLY A 380 3.58 10.91 -16.27
CA GLY A 380 3.12 9.66 -15.69
C GLY A 380 3.25 8.46 -16.60
N VAL A 381 4.23 8.49 -17.52
CA VAL A 381 4.47 7.42 -18.50
C VAL A 381 5.83 6.82 -18.15
N PRO A 382 6.08 5.51 -18.31
CA PRO A 382 7.44 5.00 -18.14
C PRO A 382 8.36 5.48 -19.26
N ILE A 383 9.66 5.45 -18.97
CA ILE A 383 10.65 5.88 -19.96
C ILE A 383 10.65 4.93 -21.15
N ASP A 384 10.39 3.64 -20.92
CA ASP A 384 10.43 2.65 -22.00
C ASP A 384 9.39 2.93 -23.07
N LEU A 385 8.20 3.37 -22.67
CA LEU A 385 7.19 3.79 -23.64
C LEU A 385 7.46 5.20 -24.15
N LEU A 386 8.08 6.07 -23.35
CA LEU A 386 8.43 7.40 -23.83
C LEU A 386 9.51 7.39 -24.89
N ASP A 387 10.25 6.28 -25.05
CA ASP A 387 11.23 6.13 -26.13
C ASP A 387 10.59 5.83 -27.50
N ARG A 388 9.25 5.92 -27.65
CA ARG A 388 8.62 5.79 -28.96
C ARG A 388 7.43 6.72 -29.16
N LEU A 389 7.31 7.80 -28.40
CA LEU A 389 6.18 8.73 -28.48
C LEU A 389 6.55 9.94 -29.32
N VAL A 390 5.67 10.28 -30.27
CA VAL A 390 5.70 11.57 -30.94
C VAL A 390 4.79 12.49 -30.14
N ILE A 391 5.34 13.61 -29.65
CA ILE A 391 4.65 14.51 -28.73
C ILE A 391 4.25 15.76 -29.48
N ILE A 392 2.99 16.17 -29.32
CA ILE A 392 2.46 17.41 -29.90
C ILE A 392 1.88 18.24 -28.77
N ARG A 393 2.19 19.53 -28.76
CA ARG A 393 1.73 20.47 -27.75
C ARG A 393 0.49 21.20 -28.27
N THR A 394 -0.54 21.26 -27.44
CA THR A 394 -1.77 21.99 -27.74
C THR A 394 -1.85 23.19 -26.81
N GLN A 395 -2.00 24.38 -27.38
CA GLN A 395 -1.99 25.63 -26.63
C GLN A 395 -3.39 25.98 -26.17
N ILE A 396 -3.47 26.72 -25.06
CA ILE A 396 -4.75 27.24 -24.59
C ILE A 396 -5.16 28.43 -25.44
N TYR A 397 -6.45 28.74 -25.41
CA TYR A 397 -7.08 29.66 -26.36
C TYR A 397 -7.16 31.08 -25.83
N ASP A 398 -7.25 32.01 -26.76
CA ASP A 398 -7.53 33.42 -26.46
C ASP A 398 -9.02 33.58 -26.18
N PRO A 399 -9.45 34.76 -25.70
CA PRO A 399 -10.90 34.99 -25.59
C PRO A 399 -11.62 34.93 -26.93
N SER A 400 -11.00 35.41 -28.01
CA SER A 400 -11.67 35.41 -29.31
C SER A 400 -11.87 34.00 -29.84
N GLU A 401 -10.84 33.16 -29.74
CA GLU A 401 -10.95 31.79 -30.22
C GLU A 401 -11.94 31.00 -29.38
N MET A 402 -11.97 31.23 -28.07
CA MET A 402 -12.94 30.58 -27.22
C MET A 402 -14.37 31.01 -27.56
N ILE A 403 -14.55 32.31 -27.84
CA ILE A 403 -15.88 32.80 -28.22
C ILE A 403 -16.32 32.17 -29.54
N GLN A 404 -15.38 32.02 -30.48
CA GLN A 404 -15.70 31.35 -31.74
C GLN A 404 -16.07 29.88 -31.50
N ILE A 405 -15.38 29.24 -30.55
CA ILE A 405 -15.67 27.83 -30.25
C ILE A 405 -17.08 27.70 -29.69
N ILE A 406 -17.44 28.55 -28.73
CA ILE A 406 -18.78 28.50 -28.15
C ILE A 406 -19.83 28.87 -29.20
N ALA A 407 -19.51 29.79 -30.12
CA ALA A 407 -20.46 30.13 -31.18
C ALA A 407 -20.69 28.94 -32.10
N ILE A 408 -19.62 28.21 -32.44
CA ILE A 408 -19.76 27.05 -33.32
C ILE A 408 -20.59 25.97 -32.62
N ARG A 409 -20.31 25.75 -31.33
CA ARG A 409 -21.03 24.72 -30.54
C ARG A 409 -22.51 25.12 -30.39
N ALA A 410 -22.81 26.41 -30.24
CA ALA A 410 -24.18 26.87 -30.13
C ALA A 410 -24.93 26.73 -31.45
N GLN A 411 -24.27 27.05 -32.56
CA GLN A 411 -24.90 26.90 -33.87
C GLN A 411 -25.17 25.44 -34.18
N VAL A 412 -24.23 24.56 -33.84
CA VAL A 412 -24.41 23.14 -34.13
C VAL A 412 -25.50 22.54 -33.26
N GLU A 413 -25.72 23.09 -32.07
CA GLU A 413 -26.81 22.65 -31.19
C GLU A 413 -28.18 23.21 -31.59
N GLU A 414 -28.26 23.98 -32.69
CA GLU A 414 -29.49 24.68 -33.10
C GLU A 414 -29.95 25.63 -31.98
N LEU A 415 -29.01 26.40 -31.45
CA LEU A 415 -29.25 27.48 -30.49
C LEU A 415 -28.92 28.81 -31.14
N THR A 416 -29.82 29.78 -30.99
CA THR A 416 -29.64 31.12 -31.53
C THR A 416 -29.08 32.01 -30.43
N VAL A 417 -27.92 32.63 -30.69
CA VAL A 417 -27.18 33.41 -29.72
C VAL A 417 -26.77 34.74 -30.36
N ASP A 418 -26.37 35.67 -29.52
CA ASP A 418 -25.85 36.98 -29.91
C ASP A 418 -24.45 37.15 -29.32
N GLU A 419 -23.75 38.17 -29.82
CA GLU A 419 -22.38 38.42 -29.36
C GLU A 419 -22.33 38.81 -27.88
N GLU A 420 -23.39 39.46 -27.38
CA GLU A 420 -23.39 39.98 -26.01
C GLU A 420 -23.28 38.85 -25.00
N CYS A 421 -24.12 37.81 -25.13
CA CYS A 421 -24.03 36.67 -24.23
C CYS A 421 -22.86 35.77 -24.58
N LEU A 422 -22.40 35.76 -25.84
CA LEU A 422 -21.25 34.95 -26.20
C LEU A 422 -19.98 35.47 -25.54
N VAL A 423 -19.86 36.79 -25.33
CA VAL A 423 -18.72 37.32 -24.59
C VAL A 423 -18.73 36.79 -23.16
N LEU A 424 -19.91 36.76 -22.54
CA LEU A 424 -20.02 36.23 -21.17
C LEU A 424 -19.70 34.74 -21.14
N LEU A 425 -20.14 34.00 -22.15
CA LEU A 425 -19.83 32.56 -22.19
C LEU A 425 -18.34 32.33 -22.39
N GLY A 426 -17.69 33.17 -23.20
CA GLY A 426 -16.24 33.09 -23.31
C GLY A 426 -15.54 33.40 -22.00
N GLU A 427 -16.07 34.38 -21.25
CA GLU A 427 -15.52 34.69 -19.94
C GLU A 427 -15.66 33.50 -18.99
N ILE A 428 -16.83 32.85 -19.01
CA ILE A 428 -17.08 31.71 -18.12
C ILE A 428 -16.18 30.54 -18.50
N GLY A 429 -15.97 30.32 -19.80
CA GLY A 429 -15.05 29.29 -20.23
C GLY A 429 -13.63 29.58 -19.84
N GLN A 430 -13.21 30.85 -19.97
CA GLN A 430 -11.85 31.22 -19.60
C GLN A 430 -11.63 31.10 -18.09
N ARG A 431 -12.67 31.30 -17.29
CA ARG A 431 -12.51 31.25 -15.85
C ARG A 431 -12.55 29.85 -15.29
N THR A 432 -13.36 28.94 -15.86
CA THR A 432 -13.49 27.59 -15.34
C THR A 432 -12.94 26.54 -16.30
N SER A 433 -13.49 26.45 -17.51
CA SER A 433 -13.05 25.48 -18.51
C SER A 433 -13.88 25.70 -19.77
N LEU A 434 -13.36 25.19 -20.89
CA LEU A 434 -14.11 25.24 -22.14
C LEU A 434 -15.25 24.24 -22.13
N ARG A 435 -15.03 23.07 -21.52
CA ARG A 435 -16.07 22.04 -21.47
C ARG A 435 -17.28 22.51 -20.70
N HIS A 436 -17.06 23.21 -19.58
CA HIS A 436 -18.17 23.73 -18.79
C HIS A 436 -18.97 24.75 -19.59
N ALA A 437 -18.28 25.66 -20.30
CA ALA A 437 -18.97 26.67 -21.10
C ALA A 437 -19.77 26.02 -22.23
N VAL A 438 -19.22 24.97 -22.84
CA VAL A 438 -19.97 24.27 -23.88
C VAL A 438 -21.19 23.57 -23.28
N GLN A 439 -21.04 22.97 -22.10
CA GLN A 439 -22.14 22.21 -21.51
C GLN A 439 -23.23 23.11 -20.94
N LEU A 440 -22.93 24.37 -20.62
CA LEU A 440 -23.96 25.29 -20.14
C LEU A 440 -24.97 25.69 -21.20
N LEU A 441 -24.73 25.40 -22.48
CA LEU A 441 -25.56 25.95 -23.55
C LEU A 441 -26.96 25.37 -23.54
N SER A 442 -27.10 24.06 -23.34
CA SER A 442 -28.43 23.44 -23.33
C SER A 442 -29.32 23.94 -22.20
N PRO A 443 -28.89 23.96 -20.93
CA PRO A 443 -29.73 24.59 -19.90
C PRO A 443 -29.95 26.08 -20.12
N ALA A 444 -29.04 26.77 -20.80
CA ALA A 444 -29.32 28.16 -21.17
C ALA A 444 -30.49 28.24 -22.14
N SER A 445 -30.55 27.32 -23.11
CA SER A 445 -31.69 27.27 -24.01
C SER A 445 -32.98 26.95 -23.25
N ILE A 446 -32.90 26.04 -22.27
CA ILE A 446 -34.08 25.70 -21.49
C ILE A 446 -34.55 26.89 -20.67
N VAL A 447 -33.63 27.62 -20.04
CA VAL A 447 -34.01 28.77 -19.25
C VAL A 447 -34.56 29.88 -20.14
N ALA A 448 -34.02 30.02 -21.35
CA ALA A 448 -34.59 30.98 -22.30
C ALA A 448 -36.00 30.58 -22.69
N LYS A 449 -36.24 29.29 -22.90
CA LYS A 449 -37.59 28.83 -23.21
C LYS A 449 -38.54 29.05 -22.04
N MET A 450 -38.05 28.93 -20.81
CA MET A 450 -38.90 29.18 -19.64
C MET A 450 -39.33 30.64 -19.58
N ASN A 451 -38.46 31.55 -20.00
CA ASN A 451 -38.77 32.99 -20.02
C ASN A 451 -39.51 33.43 -21.28
N GLY A 452 -40.03 32.50 -22.08
CA GLY A 452 -40.79 32.87 -23.26
C GLY A 452 -39.99 33.55 -24.34
N ARG A 453 -38.80 33.03 -24.65
CA ARG A 453 -37.99 33.55 -25.74
C ARG A 453 -37.12 32.44 -26.30
N ASP A 454 -36.96 32.44 -27.62
CA ASP A 454 -36.07 31.48 -28.27
C ASP A 454 -34.61 31.88 -28.12
N ASN A 455 -34.32 33.18 -28.23
CA ASN A 455 -32.95 33.64 -28.13
C ASN A 455 -32.42 33.50 -26.70
N ILE A 456 -31.14 33.18 -26.59
CA ILE A 456 -30.46 33.02 -25.31
C ILE A 456 -29.95 34.41 -24.94
N CYS A 457 -30.62 35.05 -23.99
CA CYS A 457 -30.21 36.37 -23.53
C CYS A 457 -29.05 36.25 -22.55
N LYS A 458 -28.46 37.40 -22.22
CA LYS A 458 -27.36 37.42 -21.25
C LYS A 458 -27.84 36.99 -19.87
N ALA A 459 -29.05 37.41 -19.49
CA ALA A 459 -29.59 37.04 -18.18
C ALA A 459 -29.79 35.53 -18.06
N ASP A 460 -30.10 34.86 -19.18
CA ASP A 460 -30.18 33.40 -19.17
C ASP A 460 -28.83 32.78 -18.81
N ILE A 461 -27.76 33.29 -19.41
CA ILE A 461 -26.42 32.77 -19.11
C ILE A 461 -26.06 33.04 -17.67
N GLU A 462 -26.38 34.23 -17.16
CA GLU A 462 -26.12 34.54 -15.75
C GLU A 462 -26.87 33.60 -14.82
N GLU A 463 -28.13 33.30 -15.13
CA GLU A 463 -28.92 32.38 -14.32
C GLU A 463 -28.31 30.98 -14.32
N VAL A 464 -27.91 30.50 -15.49
CA VAL A 464 -27.44 29.12 -15.57
C VAL A 464 -26.08 28.97 -14.90
N THR A 465 -25.15 29.92 -15.12
CA THR A 465 -23.86 29.79 -14.44
C THR A 465 -23.99 30.04 -12.94
N SER A 466 -25.00 30.81 -12.50
CA SER A 466 -25.26 30.90 -11.07
C SER A 466 -25.77 29.58 -10.51
N LEU A 467 -26.58 28.84 -11.28
CA LEU A 467 -27.10 27.57 -10.80
C LEU A 467 -26.04 26.47 -10.83
N TYR A 468 -25.54 26.14 -12.03
CA TYR A 468 -24.66 24.99 -12.23
C TYR A 468 -23.21 25.45 -12.11
N LEU A 469 -22.61 25.23 -10.95
CA LEU A 469 -21.19 25.45 -10.76
C LEU A 469 -20.39 24.35 -11.44
N ASP A 470 -19.17 24.68 -11.83
CA ASP A 470 -18.22 23.67 -12.28
C ASP A 470 -17.72 22.86 -11.08
N ALA A 471 -16.90 21.85 -11.35
CA ALA A 471 -16.43 20.97 -10.29
C ALA A 471 -15.53 21.70 -9.30
N LYS A 472 -14.69 22.61 -9.80
CA LYS A 472 -13.69 23.21 -8.94
C LYS A 472 -14.31 24.21 -7.97
N SER A 473 -15.23 25.06 -8.46
CA SER A 473 -15.91 26.00 -7.58
C SER A 473 -16.80 25.27 -6.59
N SER A 474 -17.45 24.19 -7.03
CA SER A 474 -18.27 23.39 -6.12
C SER A 474 -17.41 22.77 -5.01
N ALA A 475 -16.23 22.28 -5.36
CA ALA A 475 -15.35 21.73 -4.33
C ALA A 475 -14.81 22.82 -3.41
N LYS A 476 -14.57 24.02 -3.92
CA LYS A 476 -14.17 25.12 -3.05
C LYS A 476 -15.28 25.49 -2.07
N LEU A 477 -16.53 25.47 -2.54
CA LEU A 477 -17.66 25.70 -1.63
C LEU A 477 -17.77 24.60 -0.59
N LEU A 478 -17.60 23.35 -1.01
CA LEU A 478 -17.73 22.23 -0.08
C LEU A 478 -16.60 22.18 0.93
N HIS A 479 -15.39 22.60 0.53
CA HIS A 479 -14.27 22.61 1.47
C HIS A 479 -14.51 23.59 2.60
N GLU A 480 -15.07 24.76 2.29
CA GLU A 480 -15.52 25.67 3.31
C GLU A 480 -16.71 25.06 4.06
N GLN A 481 -16.86 25.46 5.33
CA GLN A 481 -17.82 24.92 6.31
C GLN A 481 -17.97 23.39 6.25
N GLN B 63 30.07 3.16 -27.59
CA GLN B 63 30.14 1.97 -26.69
C GLN B 63 31.34 1.10 -27.04
N VAL B 64 32.53 1.64 -26.81
CA VAL B 64 33.78 0.94 -27.05
C VAL B 64 34.28 0.23 -25.80
N LYS B 65 34.24 0.92 -24.66
CA LYS B 65 34.69 0.31 -23.41
C LYS B 65 33.76 -0.80 -22.97
N ALA B 66 32.44 -0.60 -23.12
CA ALA B 66 31.48 -1.63 -22.76
C ALA B 66 31.62 -2.85 -23.67
N ARG B 67 31.83 -2.62 -24.98
CA ARG B 67 32.04 -3.73 -25.90
C ARG B 67 33.34 -4.46 -25.58
N LYS B 68 34.37 -3.72 -25.16
CA LYS B 68 35.62 -4.34 -24.74
C LYS B 68 35.42 -5.21 -23.52
N ALA B 69 34.65 -4.73 -22.54
CA ALA B 69 34.37 -5.53 -21.35
C ALA B 69 33.56 -6.77 -21.70
N ALA B 70 32.59 -6.63 -22.62
CA ALA B 70 31.82 -7.78 -23.07
C ALA B 70 32.71 -8.80 -23.76
N GLY B 71 33.68 -8.32 -24.56
CA GLY B 71 34.63 -9.24 -25.18
C GLY B 71 35.50 -9.95 -24.17
N VAL B 72 35.88 -9.26 -23.11
CA VAL B 72 36.66 -9.90 -22.05
C VAL B 72 35.82 -10.99 -21.37
N ILE B 73 34.53 -10.71 -21.12
CA ILE B 73 33.68 -11.75 -20.54
C ILE B 73 33.48 -12.89 -21.52
N LEU B 74 33.44 -12.61 -22.82
CA LEU B 74 33.33 -13.68 -23.81
C LEU B 74 34.55 -14.60 -23.76
N GLN B 75 35.75 -14.01 -23.72
CA GLN B 75 36.96 -14.82 -23.58
C GLN B 75 36.98 -15.56 -22.26
N MET B 76 36.39 -14.97 -21.21
CA MET B 76 36.21 -15.67 -19.95
C MET B 76 35.31 -16.90 -20.10
N ILE B 77 34.19 -16.73 -20.81
CA ILE B 77 33.22 -17.80 -20.94
C ILE B 77 33.77 -18.94 -21.79
N ARG B 78 34.56 -18.60 -22.82
CA ARG B 78 35.16 -19.64 -23.65
C ARG B 78 36.13 -20.50 -22.84
N GLU B 79 36.88 -19.89 -21.93
CA GLU B 79 37.79 -20.62 -21.06
C GLU B 79 37.08 -21.28 -19.87
N GLY B 80 35.77 -21.09 -19.71
CA GLY B 80 35.06 -21.69 -18.59
C GLY B 80 35.27 -21.02 -17.26
N LYS B 81 35.83 -19.81 -17.25
CA LYS B 81 36.16 -19.12 -16.00
C LYS B 81 34.99 -18.33 -15.41
N ILE B 82 33.86 -18.24 -16.10
CA ILE B 82 32.74 -17.46 -15.58
C ILE B 82 32.17 -18.13 -14.32
N ALA B 83 32.14 -19.45 -14.28
CA ALA B 83 31.73 -20.25 -13.12
C ALA B 83 30.28 -19.88 -12.77
N GLY B 84 29.95 -19.58 -11.52
CA GLY B 84 28.61 -19.19 -11.13
C GLY B 84 28.27 -17.73 -11.30
N ARG B 85 29.19 -16.91 -11.82
CA ARG B 85 28.95 -15.48 -11.94
C ARG B 85 28.03 -15.18 -13.12
N ALA B 86 27.56 -13.94 -13.18
CA ALA B 86 26.68 -13.45 -14.24
C ALA B 86 27.12 -12.04 -14.60
N ILE B 87 26.36 -11.37 -15.48
CA ILE B 87 26.70 -10.04 -15.99
C ILE B 87 25.53 -9.12 -15.71
N LEU B 88 25.85 -7.85 -15.43
CA LEU B 88 24.88 -6.76 -15.35
C LEU B 88 25.31 -5.66 -16.29
N ILE B 89 24.36 -5.14 -17.08
CA ILE B 89 24.56 -3.97 -17.92
C ILE B 89 23.86 -2.81 -17.23
N ALA B 90 24.64 -1.83 -16.77
CA ALA B 90 24.15 -0.71 -15.97
C ALA B 90 24.42 0.60 -16.70
N GLY B 91 23.37 1.25 -17.15
CA GLY B 91 23.53 2.53 -17.80
C GLY B 91 22.18 3.17 -18.08
N GLN B 92 22.22 4.31 -18.76
CA GLN B 92 20.99 5.04 -19.05
C GLN B 92 20.14 4.25 -20.04
N PRO B 93 18.83 4.52 -20.11
CA PRO B 93 17.97 3.72 -21.00
C PRO B 93 18.29 3.91 -22.47
N GLY B 94 18.11 2.82 -23.22
CA GLY B 94 18.29 2.86 -24.67
C GLY B 94 19.70 3.20 -25.11
N THR B 95 20.70 2.60 -24.45
CA THR B 95 22.12 2.83 -24.73
C THR B 95 22.80 1.54 -25.20
N GLY B 96 22.11 0.78 -26.04
CA GLY B 96 22.70 -0.39 -26.65
C GLY B 96 22.80 -1.61 -25.75
N LYS B 97 21.90 -1.74 -24.78
CA LYS B 97 21.93 -2.90 -23.89
C LYS B 97 21.62 -4.19 -24.63
N THR B 98 20.46 -4.23 -25.29
CA THR B 98 20.06 -5.43 -26.02
C THR B 98 20.99 -5.70 -27.19
N ALA B 99 21.54 -4.65 -27.81
CA ALA B 99 22.55 -4.84 -28.85
C ALA B 99 23.78 -5.51 -28.29
N ILE B 100 24.23 -5.09 -27.09
CA ILE B 100 25.39 -5.70 -26.46
C ILE B 100 25.12 -7.17 -26.16
N ALA B 101 23.93 -7.47 -25.62
CA ALA B 101 23.62 -8.85 -25.26
C ALA B 101 23.50 -9.74 -26.50
N MET B 102 22.84 -9.24 -27.54
CA MET B 102 22.69 -10.05 -28.75
C MET B 102 24.03 -10.23 -29.46
N GLY B 103 24.88 -9.21 -29.45
CA GLY B 103 26.22 -9.38 -29.99
C GLY B 103 27.04 -10.37 -29.20
N MET B 104 26.87 -10.37 -27.87
CA MET B 104 27.54 -11.34 -27.02
C MET B 104 27.11 -12.76 -27.36
N ALA B 105 25.79 -12.97 -27.48
CA ALA B 105 25.27 -14.30 -27.80
C ALA B 105 25.70 -14.74 -29.19
N LYS B 106 25.73 -13.83 -30.16
CA LYS B 106 26.19 -14.16 -31.49
C LYS B 106 27.67 -14.51 -31.50
N SER B 107 28.50 -13.71 -30.82
CA SER B 107 29.92 -13.95 -30.79
C SER B 107 30.30 -15.21 -30.03
N LEU B 108 29.45 -15.65 -29.10
CA LEU B 108 29.60 -17.03 -28.60
C LEU B 108 29.41 -18.02 -29.73
N GLY B 109 28.48 -17.75 -30.64
CA GLY B 109 28.24 -18.58 -31.80
C GLY B 109 26.88 -18.31 -32.39
N LEU B 110 26.78 -18.30 -33.72
CA LEU B 110 25.49 -18.07 -34.36
C LEU B 110 24.50 -19.19 -34.06
N GLU B 111 24.99 -20.42 -33.89
CA GLU B 111 24.15 -21.53 -33.47
C GLU B 111 23.77 -21.50 -31.99
N THR B 112 24.38 -20.61 -31.19
CA THR B 112 24.10 -20.58 -29.77
C THR B 112 22.67 -20.10 -29.54
N PRO B 113 21.87 -20.73 -28.66
CA PRO B 113 20.54 -20.20 -28.39
C PRO B 113 20.63 -18.91 -27.58
N PHE B 114 19.53 -18.16 -27.62
CA PHE B 114 19.41 -16.91 -26.89
C PHE B 114 17.96 -16.76 -26.45
N ALA B 115 17.76 -16.22 -25.25
CA ALA B 115 16.44 -15.91 -24.73
C ALA B 115 16.45 -14.50 -24.17
N MET B 116 15.29 -13.84 -24.26
CA MET B 116 15.12 -12.46 -23.83
C MET B 116 13.84 -12.36 -23.02
N ILE B 117 13.84 -11.47 -22.04
CA ILE B 117 12.62 -11.22 -21.26
C ILE B 117 12.75 -9.87 -20.60
N ALA B 118 11.63 -9.16 -20.49
CA ALA B 118 11.53 -7.92 -19.76
C ALA B 118 11.17 -8.21 -18.30
N GLY B 119 11.54 -7.27 -17.42
CA GLY B 119 11.26 -7.45 -16.01
C GLY B 119 9.78 -7.47 -15.69
N SER B 120 8.97 -6.73 -16.45
CA SER B 120 7.53 -6.67 -16.25
C SER B 120 6.77 -7.75 -17.02
N GLU B 121 7.43 -8.49 -17.93
CA GLU B 121 6.71 -9.49 -18.73
C GLU B 121 6.27 -10.65 -17.86
N ILE B 122 7.02 -10.98 -16.80
CA ILE B 122 6.66 -12.08 -15.92
C ILE B 122 5.35 -11.84 -15.20
N PHE B 123 4.93 -10.58 -15.03
CA PHE B 123 3.64 -10.21 -14.46
C PHE B 123 2.54 -10.11 -15.52
N SER B 124 2.67 -10.84 -16.64
CA SER B 124 1.60 -10.87 -17.64
C SER B 124 0.35 -11.59 -17.14
N LEU B 125 0.45 -12.42 -16.10
CA LEU B 125 -0.61 -13.16 -15.43
C LEU B 125 -1.10 -14.38 -16.22
N GLU B 126 -0.58 -14.64 -17.42
CA GLU B 126 -0.89 -15.90 -18.09
C GLU B 126 -0.33 -17.08 -17.30
N MET B 127 0.87 -16.93 -16.75
CA MET B 127 1.52 -17.93 -15.93
C MET B 127 2.26 -17.21 -14.82
N SER B 128 2.68 -17.98 -13.81
CA SER B 128 3.33 -17.40 -12.64
C SER B 128 4.69 -16.80 -13.01
N LYS B 129 5.29 -16.09 -12.05
CA LYS B 129 6.59 -15.47 -12.28
C LYS B 129 7.66 -16.54 -12.47
N THR B 130 7.70 -17.52 -11.57
CA THR B 130 8.73 -18.54 -11.63
C THR B 130 8.53 -19.46 -12.83
N GLU B 131 7.29 -19.69 -13.26
CA GLU B 131 7.08 -20.48 -14.46
C GLU B 131 7.62 -19.78 -15.69
N ALA B 132 7.39 -18.47 -15.81
CA ALA B 132 7.93 -17.72 -16.93
C ALA B 132 9.46 -17.68 -16.88
N LEU B 133 10.02 -17.54 -15.68
CA LEU B 133 11.47 -17.55 -15.56
C LEU B 133 12.06 -18.91 -15.91
N THR B 134 11.35 -20.00 -15.54
CA THR B 134 11.80 -21.33 -15.92
C THR B 134 11.76 -21.52 -17.42
N GLN B 135 10.70 -21.02 -18.08
CA GLN B 135 10.62 -21.11 -19.52
C GLN B 135 11.72 -20.31 -20.20
N SER B 136 12.03 -19.13 -19.65
CA SER B 136 13.13 -18.33 -20.21
C SER B 136 14.47 -19.02 -20.03
N PHE B 137 14.69 -19.65 -18.87
CA PHE B 137 15.93 -20.38 -18.64
C PHE B 137 16.05 -21.58 -19.56
N ARG B 138 14.97 -22.33 -19.75
CA ARG B 138 15.01 -23.49 -20.63
C ARG B 138 15.16 -23.08 -22.10
N LYS B 139 14.64 -21.91 -22.47
CA LYS B 139 14.79 -21.44 -23.84
C LYS B 139 16.24 -21.17 -24.19
N ALA B 140 17.05 -20.75 -23.21
CA ALA B 140 18.45 -20.38 -23.43
C ALA B 140 19.42 -21.55 -23.26
N ILE B 141 18.95 -22.79 -23.47
CA ILE B 141 19.79 -23.99 -23.49
C ILE B 141 19.45 -24.74 -24.77
N GLY B 142 20.47 -25.34 -25.40
CA GLY B 142 20.29 -26.00 -26.67
C GLY B 142 21.00 -27.33 -26.70
N VAL B 143 20.64 -28.14 -27.70
CA VAL B 143 21.25 -29.45 -27.96
C VAL B 143 21.52 -29.52 -29.46
N ARG B 144 22.78 -29.77 -29.82
CA ARG B 144 23.14 -29.99 -31.22
C ARG B 144 24.50 -30.68 -31.33
N CYS B 256 18.78 -29.20 -34.41
CA CYS B 256 18.94 -28.51 -33.09
C CYS B 256 17.58 -28.29 -32.45
N VAL B 257 17.57 -28.21 -31.11
CA VAL B 257 16.33 -28.03 -30.37
C VAL B 257 16.68 -27.56 -28.97
N THR B 258 15.90 -26.61 -28.46
CA THR B 258 16.04 -26.09 -27.11
C THR B 258 15.20 -26.92 -26.15
N LEU B 259 15.50 -26.77 -24.85
CA LEU B 259 14.78 -27.55 -23.85
C LEU B 259 13.34 -27.06 -23.69
N HIS B 260 13.08 -25.78 -23.98
CA HIS B 260 11.69 -25.33 -24.07
C HIS B 260 10.96 -26.05 -25.20
N GLU B 261 11.65 -26.24 -26.33
CA GLU B 261 11.03 -26.96 -27.43
C GLU B 261 10.84 -28.44 -27.09
N ILE B 262 11.76 -29.03 -26.33
CA ILE B 262 11.57 -30.40 -25.87
C ILE B 262 10.37 -30.48 -24.93
N ASP B 263 10.20 -29.47 -24.08
CA ASP B 263 9.03 -29.43 -23.20
C ASP B 263 7.75 -29.31 -23.99
N VAL B 264 7.76 -28.49 -25.05
CA VAL B 264 6.57 -28.33 -25.88
C VAL B 264 6.25 -29.64 -26.61
N ILE B 265 7.28 -30.32 -27.11
CA ILE B 265 7.07 -31.58 -27.82
C ILE B 265 6.54 -32.65 -26.85
N ASN B 266 7.11 -32.72 -25.66
CA ASN B 266 6.71 -33.68 -24.63
C ASN B 266 5.62 -33.14 -23.70
N SER B 267 4.96 -32.03 -24.05
CA SER B 267 3.94 -31.45 -23.20
C SER B 267 2.72 -32.37 -23.09
N THR B 280 1.02 -26.02 -20.84
CA THR B 280 2.34 -25.84 -20.16
C THR B 280 2.60 -26.99 -19.19
N GLY B 281 1.76 -27.10 -18.17
CA GLY B 281 1.90 -28.17 -17.20
C GLY B 281 3.16 -28.00 -16.35
N GLU B 282 3.53 -29.10 -15.70
CA GLU B 282 4.72 -29.15 -14.85
C GLU B 282 5.91 -29.65 -15.66
N ILE B 283 7.06 -29.04 -15.45
CA ILE B 283 8.29 -29.46 -16.11
C ILE B 283 8.80 -30.67 -15.35
N ARG B 284 8.43 -31.86 -15.82
CA ARG B 284 8.79 -33.08 -15.13
C ARG B 284 10.29 -33.31 -15.21
N SER B 285 10.82 -33.96 -14.17
CA SER B 285 12.26 -34.25 -14.12
C SER B 285 12.68 -35.31 -15.13
N GLU B 286 11.74 -36.09 -15.68
CA GLU B 286 12.11 -37.13 -16.63
C GLU B 286 12.71 -36.56 -17.91
N VAL B 287 12.34 -35.34 -18.29
CA VAL B 287 12.90 -34.75 -19.50
C VAL B 287 14.39 -34.47 -19.31
N ARG B 288 14.80 -34.09 -18.10
CA ARG B 288 16.22 -33.87 -17.85
C ARG B 288 17.01 -35.17 -17.91
N GLU B 289 16.44 -36.26 -17.40
CA GLU B 289 17.10 -37.56 -17.50
C GLU B 289 17.20 -38.01 -18.94
N GLN B 290 16.13 -37.78 -19.72
CA GLN B 290 16.16 -38.13 -21.14
C GLN B 290 17.23 -37.31 -21.86
N ILE B 291 17.33 -36.01 -21.52
CA ILE B 291 18.33 -35.15 -22.13
C ILE B 291 19.73 -35.65 -21.80
N ASP B 292 19.96 -36.00 -20.52
CA ASP B 292 21.27 -36.46 -20.09
C ASP B 292 21.66 -37.76 -20.80
N THR B 293 20.77 -38.74 -20.81
CA THR B 293 21.09 -40.02 -21.44
C THR B 293 21.26 -39.89 -22.95
N LYS B 294 20.35 -39.17 -23.61
CA LYS B 294 20.42 -39.04 -25.07
C LYS B 294 21.65 -38.25 -25.50
N VAL B 295 21.96 -37.15 -24.80
CA VAL B 295 23.13 -36.37 -25.16
C VAL B 295 24.40 -37.13 -24.83
N ALA B 296 24.42 -37.92 -23.75
CA ALA B 296 25.59 -38.75 -23.46
C ALA B 296 25.80 -39.80 -24.54
N GLU B 297 24.72 -40.42 -25.01
CA GLU B 297 24.83 -41.41 -26.07
C GLU B 297 25.29 -40.78 -27.39
N TRP B 298 24.75 -39.61 -27.73
CA TRP B 298 25.10 -38.97 -28.98
C TRP B 298 26.46 -38.28 -28.92
N ARG B 299 26.93 -37.94 -27.72
CA ARG B 299 28.29 -37.44 -27.52
C ARG B 299 29.30 -38.58 -27.59
N GLU B 300 28.90 -39.77 -27.10
CA GLU B 300 29.73 -40.95 -27.27
C GLU B 300 29.90 -41.28 -28.75
N GLU B 301 28.85 -41.11 -29.54
CA GLU B 301 28.90 -41.28 -30.98
C GLU B 301 29.60 -40.13 -31.71
N GLY B 302 29.90 -39.02 -31.02
CA GLY B 302 30.53 -37.88 -31.66
C GLY B 302 29.64 -37.22 -32.69
N LYS B 303 28.37 -36.99 -32.33
CA LYS B 303 27.33 -36.47 -33.23
C LYS B 303 26.63 -35.23 -32.70
N ALA B 304 26.42 -35.13 -31.39
CA ALA B 304 25.76 -33.96 -30.82
C ALA B 304 26.17 -33.82 -29.36
N GLU B 305 26.06 -32.58 -28.86
CA GLU B 305 26.37 -32.24 -27.48
C GLU B 305 25.42 -31.15 -27.02
N ILE B 306 25.33 -31.00 -25.70
CA ILE B 306 24.55 -29.92 -25.10
C ILE B 306 25.35 -28.63 -25.18
N VAL B 307 24.64 -27.49 -25.30
CA VAL B 307 25.24 -26.17 -25.35
C VAL B 307 24.47 -25.26 -24.39
N PRO B 308 25.15 -24.59 -23.43
CA PRO B 308 24.48 -23.47 -22.75
C PRO B 308 24.44 -22.22 -23.62
N GLY B 309 23.32 -21.52 -23.54
CA GLY B 309 23.08 -20.29 -24.29
C GLY B 309 23.27 -19.06 -23.42
N VAL B 310 22.43 -18.05 -23.68
CA VAL B 310 22.44 -16.79 -22.94
C VAL B 310 20.99 -16.40 -22.66
N LEU B 311 20.72 -15.97 -21.43
CA LEU B 311 19.43 -15.42 -21.04
C LEU B 311 19.63 -13.96 -20.68
N PHE B 312 18.89 -13.08 -21.34
CA PHE B 312 18.95 -11.64 -21.11
C PHE B 312 17.67 -11.16 -20.44
N ILE B 313 17.83 -10.39 -19.35
CA ILE B 313 16.72 -9.89 -18.54
C ILE B 313 16.84 -8.36 -18.52
N ASP B 314 16.03 -7.70 -19.33
CA ASP B 314 15.88 -6.25 -19.22
C ASP B 314 15.04 -5.88 -18.02
N GLU B 315 15.37 -4.72 -17.42
CA GLU B 315 14.59 -4.13 -16.33
C GLU B 315 14.63 -5.05 -15.10
N VAL B 316 15.84 -5.46 -14.72
CA VAL B 316 16.00 -6.40 -13.61
C VAL B 316 15.55 -5.80 -12.29
N HIS B 317 15.61 -4.47 -12.15
CA HIS B 317 15.13 -3.82 -10.93
C HIS B 317 13.63 -4.06 -10.68
N MET B 318 12.86 -4.36 -11.72
CA MET B 318 11.45 -4.71 -11.54
C MET B 318 11.25 -6.13 -11.01
N LEU B 319 12.29 -6.96 -10.95
CA LEU B 319 12.12 -8.32 -10.46
C LEU B 319 11.83 -8.31 -8.96
N ASP B 320 11.00 -9.27 -8.53
CA ASP B 320 10.66 -9.43 -7.13
C ASP B 320 11.75 -10.24 -6.42
N ILE B 321 11.72 -10.22 -5.08
CA ILE B 321 12.73 -10.95 -4.31
C ILE B 321 12.59 -12.44 -4.52
N GLU B 322 11.36 -12.94 -4.71
CA GLU B 322 11.17 -14.34 -5.05
C GLU B 322 11.82 -14.67 -6.40
N CYS B 323 11.77 -13.74 -7.35
CA CYS B 323 12.42 -13.96 -8.63
C CYS B 323 13.94 -14.01 -8.49
N PHE B 324 14.51 -13.20 -7.59
CA PHE B 324 15.95 -13.26 -7.36
C PHE B 324 16.35 -14.57 -6.70
N SER B 325 15.54 -15.04 -5.74
CA SER B 325 15.80 -16.34 -5.14
C SER B 325 15.72 -17.45 -6.17
N PHE B 326 14.74 -17.37 -7.07
CA PHE B 326 14.65 -18.35 -8.16
C PHE B 326 15.85 -18.24 -9.09
N LEU B 327 16.35 -17.03 -9.31
CA LEU B 327 17.52 -16.85 -10.16
C LEU B 327 18.74 -17.55 -9.56
N ASN B 328 18.95 -17.38 -8.26
CA ASN B 328 20.05 -18.09 -7.59
C ASN B 328 19.85 -19.59 -7.65
N ARG B 329 18.61 -20.06 -7.44
CA ARG B 329 18.33 -21.49 -7.47
C ARG B 329 18.57 -22.08 -8.86
N ALA B 330 18.18 -21.35 -9.91
CA ALA B 330 18.36 -21.85 -11.26
C ALA B 330 19.83 -21.80 -11.67
N LEU B 331 20.54 -20.74 -11.29
CA LEU B 331 21.97 -20.65 -11.58
C LEU B 331 22.77 -21.70 -10.83
N GLU B 332 22.26 -22.23 -9.72
CA GLU B 332 22.95 -23.31 -9.03
C GLU B 332 23.03 -24.57 -9.88
N ASN B 333 22.07 -24.79 -10.78
CA ASN B 333 22.07 -25.98 -11.62
C ASN B 333 23.26 -25.98 -12.58
N GLU B 334 23.79 -27.17 -12.84
CA GLU B 334 24.93 -27.31 -13.74
C GLU B 334 24.57 -26.95 -15.18
N MET B 335 23.30 -27.11 -15.58
CA MET B 335 22.88 -26.85 -16.96
C MET B 335 22.54 -25.38 -17.22
N SER B 336 22.75 -24.50 -16.26
CA SER B 336 22.25 -23.14 -16.36
C SER B 336 23.01 -22.36 -17.44
N PRO B 337 22.33 -21.38 -18.12
CA PRO B 337 23.05 -20.58 -19.13
C PRO B 337 23.71 -19.35 -18.52
N ILE B 338 24.37 -18.55 -19.34
CA ILE B 338 24.96 -17.30 -18.88
C ILE B 338 23.85 -16.27 -18.74
N LEU B 339 23.76 -15.65 -17.56
CA LEU B 339 22.76 -14.65 -17.25
C LEU B 339 23.33 -13.25 -17.50
N VAL B 340 22.56 -12.42 -18.21
CA VAL B 340 22.91 -11.03 -18.47
C VAL B 340 21.69 -10.20 -18.05
N VAL B 341 21.70 -9.73 -16.82
CA VAL B 341 20.67 -8.79 -16.38
C VAL B 341 21.04 -7.38 -16.86
N ALA B 342 20.05 -6.49 -16.83
CA ALA B 342 20.25 -5.12 -17.27
C ALA B 342 19.36 -4.20 -16.46
N THR B 343 19.91 -3.04 -16.07
CA THR B 343 19.21 -2.07 -15.23
C THR B 343 19.50 -0.67 -15.72
N ASN B 344 18.55 0.22 -15.46
CA ASN B 344 18.67 1.66 -15.72
C ASN B 344 18.20 2.45 -14.51
N ARG B 345 18.54 1.95 -13.32
CA ARG B 345 18.11 2.53 -12.05
C ARG B 345 19.29 2.50 -11.08
N GLY B 346 19.40 3.55 -10.27
CA GLY B 346 20.45 3.61 -9.27
C GLY B 346 20.08 2.86 -8.01
N VAL B 347 20.48 3.38 -6.85
CA VAL B 347 20.10 2.75 -5.59
C VAL B 347 18.60 2.90 -5.40
N THR B 348 17.94 1.79 -5.06
CA THR B 348 16.49 1.78 -4.88
C THR B 348 16.13 0.59 -4.02
N THR B 349 14.89 0.60 -3.53
CA THR B 349 14.40 -0.51 -2.73
C THR B 349 14.29 -1.77 -3.57
N ILE B 350 14.73 -2.90 -3.02
CA ILE B 350 14.44 -4.18 -3.63
C ILE B 350 12.94 -4.39 -3.57
N ARG B 351 12.33 -4.65 -4.73
CA ARG B 351 10.88 -4.58 -4.83
C ARG B 351 10.25 -5.75 -4.09
N GLY B 352 9.26 -5.45 -3.25
CA GLY B 352 8.67 -6.40 -2.33
C GLY B 352 9.28 -6.42 -0.94
N THR B 353 10.38 -5.69 -0.71
CA THR B 353 11.02 -5.56 0.59
C THR B 353 11.31 -4.09 0.86
N ASN B 354 11.88 -3.82 2.03
CA ASN B 354 12.22 -2.47 2.48
C ASN B 354 13.70 -2.12 2.34
N GLN B 355 14.57 -3.10 2.07
CA GLN B 355 16.00 -2.85 1.99
C GLN B 355 16.34 -2.12 0.70
N LYS B 356 17.16 -1.07 0.83
CA LYS B 356 17.70 -0.34 -0.32
C LYS B 356 19.08 -0.88 -0.65
N SER B 357 19.26 -1.29 -1.90
CA SER B 357 20.49 -1.89 -2.40
C SER B 357 20.83 -1.27 -3.75
N PRO B 358 22.07 -1.43 -4.23
CA PRO B 358 22.40 -0.92 -5.57
C PRO B 358 21.60 -1.62 -6.66
N HIS B 359 21.01 -0.81 -7.55
CA HIS B 359 20.26 -1.26 -8.71
C HIS B 359 18.99 -2.03 -8.36
N GLY B 360 18.54 -2.01 -7.11
CA GLY B 360 17.39 -2.80 -6.72
C GLY B 360 17.58 -4.29 -6.88
N ILE B 361 18.76 -4.79 -6.49
CA ILE B 361 19.16 -6.19 -6.63
C ILE B 361 19.57 -6.62 -5.22
N PRO B 362 19.42 -7.88 -4.80
CA PRO B 362 19.96 -8.28 -3.51
C PRO B 362 21.48 -8.22 -3.51
N ILE B 363 22.05 -8.10 -2.30
CA ILE B 363 23.50 -8.03 -2.16
C ILE B 363 24.14 -9.32 -2.65
N ASP B 364 23.60 -10.46 -2.21
CA ASP B 364 24.23 -11.77 -2.43
C ASP B 364 24.37 -12.10 -3.92
N LEU B 365 23.48 -11.57 -4.75
CA LEU B 365 23.71 -11.61 -6.20
C LEU B 365 24.78 -10.62 -6.60
N LEU B 366 24.78 -9.43 -5.99
CA LEU B 366 25.68 -8.36 -6.43
C LEU B 366 27.14 -8.65 -6.15
N ASP B 367 27.47 -9.52 -5.18
CA ASP B 367 28.89 -9.84 -5.01
C ASP B 367 29.46 -10.69 -6.14
N ARG B 368 28.63 -11.26 -7.03
CA ARG B 368 29.06 -12.15 -8.10
C ARG B 368 28.54 -11.69 -9.46
N LEU B 369 28.44 -10.37 -9.66
CA LEU B 369 28.06 -9.76 -10.94
C LEU B 369 29.22 -8.92 -11.46
N LEU B 370 29.65 -9.21 -12.69
CA LEU B 370 30.58 -8.34 -13.40
C LEU B 370 29.76 -7.21 -14.02
N ILE B 371 29.85 -6.03 -13.41
CA ILE B 371 29.00 -4.90 -13.79
C ILE B 371 29.71 -4.20 -14.95
N ILE B 372 29.13 -4.32 -16.15
CA ILE B 372 29.55 -3.54 -17.31
C ILE B 372 28.75 -2.25 -17.31
N THR B 373 29.45 -1.12 -17.40
CA THR B 373 28.83 0.20 -17.49
C THR B 373 28.90 0.69 -18.93
N THR B 374 27.81 1.30 -19.39
CA THR B 374 27.68 1.83 -20.74
C THR B 374 27.61 3.34 -20.65
N GLN B 375 28.56 4.01 -21.32
CA GLN B 375 28.67 5.46 -21.24
C GLN B 375 27.66 6.12 -22.19
N PRO B 376 27.29 7.38 -21.96
CA PRO B 376 26.38 8.05 -22.89
C PRO B 376 27.07 8.34 -24.21
N TYR B 377 26.25 8.49 -25.26
CA TYR B 377 26.77 8.73 -26.59
C TYR B 377 27.31 10.15 -26.71
N THR B 378 28.38 10.31 -27.48
CA THR B 378 29.02 11.58 -27.75
C THR B 378 28.51 12.16 -29.07
N ASP B 379 29.09 13.27 -29.50
CA ASP B 379 28.66 13.91 -30.74
C ASP B 379 28.92 13.01 -31.96
N ASP B 380 30.09 12.39 -32.02
CA ASP B 380 30.46 11.60 -33.19
C ASP B 380 29.61 10.34 -33.29
N ASP B 381 29.31 9.71 -32.15
CA ASP B 381 28.46 8.52 -32.16
C ASP B 381 27.06 8.86 -32.62
N ILE B 382 26.51 10.00 -32.15
CA ILE B 382 25.19 10.43 -32.58
C ILE B 382 25.19 10.71 -34.09
N ARG B 383 26.25 11.37 -34.57
CA ARG B 383 26.35 11.67 -36.00
C ARG B 383 26.41 10.40 -36.83
N LYS B 384 27.19 9.42 -36.40
CA LYS B 384 27.28 8.16 -37.13
C LYS B 384 25.95 7.40 -37.11
N ILE B 385 25.27 7.38 -35.97
CA ILE B 385 24.00 6.66 -35.88
C ILE B 385 22.95 7.32 -36.75
N LEU B 386 22.88 8.66 -36.73
CA LEU B 386 21.92 9.35 -37.58
C LEU B 386 22.27 9.19 -39.07
N GLU B 387 23.55 9.11 -39.40
CA GLU B 387 23.94 8.84 -40.77
C GLU B 387 23.49 7.46 -41.22
N ILE B 388 23.65 6.45 -40.36
CA ILE B 388 23.23 5.10 -40.71
C ILE B 388 21.72 5.04 -40.84
N ARG B 389 20.99 5.74 -39.96
CA ARG B 389 19.54 5.73 -40.03
C ARG B 389 19.04 6.46 -41.28
N CYS B 390 19.70 7.56 -41.66
CA CYS B 390 19.33 8.25 -42.89
C CYS B 390 19.60 7.38 -44.11
N GLN B 391 20.68 6.60 -44.08
CA GLN B 391 20.93 5.64 -45.14
C GLN B 391 19.84 4.57 -45.19
N GLU B 392 19.41 4.09 -44.02
CA GLU B 392 18.39 3.05 -43.98
C GLU B 392 17.03 3.58 -44.45
N GLU B 393 16.71 4.82 -44.10
CA GLU B 393 15.42 5.42 -44.44
C GLU B 393 15.37 5.99 -45.86
N ASP B 394 16.46 5.91 -46.64
CA ASP B 394 16.52 6.46 -48.00
C ASP B 394 16.28 7.98 -47.98
N VAL B 395 16.83 8.65 -46.97
CA VAL B 395 16.72 10.09 -46.78
C VAL B 395 18.11 10.69 -46.94
N GLU B 396 18.21 11.74 -47.76
CA GLU B 396 19.46 12.44 -48.05
C GLU B 396 19.36 13.85 -47.49
N MET B 397 20.43 14.30 -46.82
CA MET B 397 20.44 15.57 -46.12
C MET B 397 21.80 16.23 -46.29
N ASN B 398 21.78 17.56 -46.38
CA ASN B 398 23.02 18.33 -46.48
C ASN B 398 23.75 18.35 -45.14
N GLU B 399 24.99 18.84 -45.16
CA GLU B 399 25.82 18.81 -43.97
C GLU B 399 25.33 19.76 -42.89
N GLU B 400 24.74 20.90 -43.28
CA GLU B 400 24.23 21.84 -42.28
C GLU B 400 23.07 21.24 -41.50
N ALA B 401 22.13 20.62 -42.21
CA ALA B 401 21.01 19.96 -41.54
C ALA B 401 21.51 18.78 -40.70
N LYS B 402 22.54 18.08 -41.19
CA LYS B 402 23.09 16.95 -40.44
C LYS B 402 23.71 17.43 -39.12
N GLN B 403 24.47 18.52 -39.16
CA GLN B 403 25.08 19.04 -37.95
C GLN B 403 24.03 19.59 -36.98
N LEU B 404 23.00 20.25 -37.53
CA LEU B 404 21.93 20.76 -36.68
C LEU B 404 21.19 19.61 -36.00
N LEU B 405 20.94 18.53 -36.75
CA LEU B 405 20.31 17.35 -36.19
C LEU B 405 21.19 16.67 -35.16
N THR B 406 22.52 16.68 -35.35
CA THR B 406 23.42 16.15 -34.35
C THR B 406 23.33 16.96 -33.07
N LEU B 407 23.23 18.29 -33.19
CA LEU B 407 23.06 19.13 -32.00
C LEU B 407 21.74 18.84 -31.30
N ILE B 408 20.67 18.63 -32.08
CA ILE B 408 19.37 18.27 -31.52
C ILE B 408 19.47 16.94 -30.79
N GLY B 409 20.18 15.97 -31.37
CA GLY B 409 20.34 14.68 -30.72
C GLY B 409 21.14 14.77 -29.44
N ARG B 410 22.14 15.65 -29.41
CA ARG B 410 22.89 15.87 -28.18
C ARG B 410 22.00 16.45 -27.09
N ASP B 411 21.28 17.52 -27.40
CA ASP B 411 20.56 18.26 -26.37
C ASP B 411 19.20 17.67 -26.03
N THR B 412 18.64 16.76 -26.84
CA THR B 412 17.31 16.18 -26.65
C THR B 412 17.32 14.67 -26.86
N SER B 413 18.44 14.00 -26.59
CA SER B 413 18.59 12.56 -26.75
C SER B 413 18.50 12.11 -28.21
N LEU B 414 19.01 10.91 -28.49
CA LEU B 414 19.16 10.47 -29.87
C LEU B 414 17.84 10.05 -30.49
N ARG B 415 16.96 9.42 -29.71
CA ARG B 415 15.72 8.86 -30.25
C ARG B 415 14.79 9.94 -30.78
N TYR B 416 14.78 11.11 -30.13
CA TYR B 416 13.99 12.22 -30.63
C TYR B 416 14.50 12.69 -32.00
N ALA B 417 15.82 12.70 -32.19
CA ALA B 417 16.38 13.01 -33.50
C ALA B 417 16.01 11.95 -34.53
N ILE B 418 15.95 10.68 -34.10
CA ILE B 418 15.54 9.61 -35.01
C ILE B 418 14.10 9.82 -35.47
N HIS B 419 13.22 10.23 -34.55
CA HIS B 419 11.85 10.57 -34.94
C HIS B 419 11.82 11.79 -35.87
N LEU B 420 12.66 12.79 -35.58
CA LEU B 420 12.69 13.99 -36.40
C LEU B 420 13.19 13.71 -37.81
N ILE B 421 14.00 12.66 -38.00
CA ILE B 421 14.43 12.30 -39.35
C ILE B 421 13.23 11.93 -40.21
N THR B 422 12.36 11.06 -39.68
CA THR B 422 11.16 10.66 -40.43
C THR B 422 10.21 11.83 -40.62
N ALA B 423 10.02 12.64 -39.56
CA ALA B 423 9.11 13.77 -39.66
C ALA B 423 9.60 14.81 -40.67
N ALA B 424 10.91 15.08 -40.69
CA ALA B 424 11.46 16.04 -41.63
C ALA B 424 11.51 15.50 -43.04
N ALA B 425 11.69 14.19 -43.20
CA ALA B 425 11.58 13.60 -44.53
C ALA B 425 10.18 13.76 -45.08
N LEU B 426 9.16 13.54 -44.24
CA LEU B 426 7.79 13.72 -44.70
C LEU B 426 7.47 15.19 -44.97
N SER B 427 8.02 16.10 -44.15
CA SER B 427 7.83 17.52 -44.40
C SER B 427 8.46 17.95 -45.72
N CYS B 428 9.65 17.45 -46.02
CA CYS B 428 10.30 17.75 -47.29
C CYS B 428 9.53 17.15 -48.46
N GLN B 429 8.96 15.96 -48.27
CA GLN B 429 8.13 15.36 -49.32
C GLN B 429 6.89 16.20 -49.58
N LYS B 430 6.26 16.71 -48.52
CA LYS B 430 5.14 17.62 -48.71
C LYS B 430 5.57 18.93 -49.36
N ARG B 431 6.79 19.36 -49.10
CA ARG B 431 7.37 20.53 -49.77
C ARG B 431 7.81 20.24 -51.20
N LYS B 432 7.73 19.00 -51.67
CA LYS B 432 8.11 18.61 -53.03
C LYS B 432 9.59 18.86 -53.31
N GLY B 433 10.42 18.79 -52.26
CA GLY B 433 11.86 18.89 -52.41
C GLY B 433 12.49 17.53 -52.69
N LYS B 434 13.81 17.56 -52.91
CA LYS B 434 14.64 16.38 -53.04
C LYS B 434 15.70 16.25 -51.95
N VAL B 435 15.76 17.18 -51.00
CA VAL B 435 16.70 17.10 -49.89
C VAL B 435 16.10 17.88 -48.73
N VAL B 436 16.31 17.38 -47.52
CA VAL B 436 15.77 17.98 -46.31
C VAL B 436 16.81 18.95 -45.75
N GLU B 437 16.39 20.21 -45.57
CA GLU B 437 17.26 21.32 -45.21
C GLU B 437 16.91 21.85 -43.82
N VAL B 438 17.59 22.92 -43.43
CA VAL B 438 17.47 23.47 -42.08
C VAL B 438 16.06 24.01 -41.83
N GLU B 439 15.37 24.47 -42.88
CA GLU B 439 13.99 24.92 -42.74
C GLU B 439 13.09 23.78 -42.27
N ASP B 440 13.26 22.59 -42.85
CA ASP B 440 12.44 21.45 -42.46
C ASP B 440 12.74 21.02 -41.02
N ILE B 441 14.01 21.04 -40.62
CA ILE B 441 14.37 20.69 -39.26
C ILE B 441 13.81 21.74 -38.29
N GLN B 442 13.82 23.01 -38.69
CA GLN B 442 13.23 24.06 -37.87
C GLN B 442 11.74 23.83 -37.67
N ARG B 443 11.04 23.52 -38.76
CA ARG B 443 9.59 23.27 -38.68
C ARG B 443 9.29 22.08 -37.79
N VAL B 444 10.03 20.98 -37.98
CA VAL B 444 9.72 19.76 -37.25
C VAL B 444 10.10 19.89 -35.78
N TYR B 445 11.21 20.57 -35.48
CA TYR B 445 11.57 20.82 -34.08
C TYR B 445 10.54 21.72 -33.42
N ARG B 446 10.03 22.71 -34.14
CA ARG B 446 8.99 23.56 -33.58
C ARG B 446 7.72 22.77 -33.30
N LEU B 447 7.34 21.87 -34.21
CA LEU B 447 6.07 21.17 -34.09
C LEU B 447 6.14 20.05 -33.05
N PHE B 448 6.97 19.04 -33.28
CA PHE B 448 7.04 17.87 -32.41
C PHE B 448 8.00 18.15 -31.27
N LEU B 449 7.46 18.17 -30.05
CA LEU B 449 8.26 18.44 -28.86
C LEU B 449 8.99 17.16 -28.42
N ASP B 450 10.06 17.37 -27.66
CA ASP B 450 10.73 16.30 -26.93
C ASP B 450 10.08 16.15 -25.56
N VAL B 451 10.55 15.18 -24.78
CA VAL B 451 9.95 14.94 -23.48
C VAL B 451 10.25 16.09 -22.51
N ARG B 452 11.42 16.73 -22.64
CA ARG B 452 11.80 17.77 -21.70
C ARG B 452 10.91 18.99 -21.84
N ARG B 453 10.69 19.46 -23.09
CA ARG B 453 9.92 20.67 -23.28
C ARG B 453 8.44 20.46 -22.96
N SER B 454 7.88 19.31 -23.33
CA SER B 454 6.49 19.02 -23.00
C SER B 454 6.30 18.89 -21.50
N MET B 455 7.24 18.21 -20.83
CA MET B 455 7.18 18.08 -19.37
C MET B 455 7.27 19.45 -18.71
N GLN B 456 8.16 20.31 -19.21
CA GLN B 456 8.27 21.67 -18.68
C GLN B 456 6.99 22.45 -18.89
N TYR B 457 6.38 22.33 -20.07
CA TYR B 457 5.17 23.08 -20.40
C TYR B 457 4.02 22.69 -19.48
N LEU B 458 3.83 21.39 -19.27
CA LEU B 458 2.73 20.97 -18.39
C LEU B 458 3.06 21.20 -16.91
N VAL B 459 4.35 21.16 -16.52
CA VAL B 459 4.71 21.53 -15.15
C VAL B 459 4.40 22.99 -14.91
N GLU B 460 4.69 23.86 -15.88
CA GLU B 460 4.41 25.27 -15.73
C GLU B 460 2.90 25.52 -15.66
N TYR B 461 2.12 24.79 -16.48
CA TYR B 461 0.67 24.90 -16.37
C TYR B 461 0.20 24.47 -14.98
N GLN B 462 0.72 23.36 -14.47
CA GLN B 462 0.24 22.87 -13.18
C GLN B 462 0.66 23.80 -12.05
N SER B 463 1.80 24.46 -12.20
CA SER B 463 2.17 25.51 -11.24
C SER B 463 1.20 26.66 -11.29
N GLN B 464 0.79 27.09 -12.49
CA GLN B 464 -0.19 28.16 -12.60
C GLN B 464 -1.54 27.74 -12.04
N TYR B 465 -1.92 26.47 -12.22
CA TYR B 465 -3.30 26.05 -12.03
C TYR B 465 -3.69 26.04 -10.55
N MET B 466 -2.81 25.52 -9.69
CA MET B 466 -3.12 25.47 -8.26
C MET B 466 -3.12 26.87 -7.66
N ILE C 47 -21.29 -8.28 33.35
CA ILE C 47 -21.68 -7.20 34.30
C ILE C 47 -21.45 -7.67 35.74
N ALA C 48 -20.31 -8.35 35.95
CA ALA C 48 -19.97 -8.78 37.31
C ALA C 48 -19.63 -7.60 38.20
N THR C 49 -19.16 -6.48 37.62
CA THR C 49 -18.66 -5.30 38.38
C THR C 49 -19.75 -4.30 38.73
N HIS C 50 -20.89 -4.32 38.05
CA HIS C 50 -22.02 -3.38 38.31
C HIS C 50 -23.22 -4.15 38.86
N THR C 51 -23.05 -5.19 39.70
CA THR C 51 -24.18 -5.90 40.28
C THR C 51 -24.98 -5.03 41.26
N HIS C 52 -24.42 -3.91 41.71
CA HIS C 52 -25.09 -2.99 42.66
C HIS C 52 -26.02 -2.02 41.92
N ILE C 53 -25.93 -1.91 40.58
CA ILE C 53 -26.73 -0.95 39.82
C ILE C 53 -28.12 -1.55 39.65
N LYS C 54 -29.05 -1.17 40.52
CA LYS C 54 -30.44 -1.62 40.42
C LYS C 54 -31.26 -0.78 39.46
N GLY C 55 -30.92 0.49 39.30
CA GLY C 55 -31.66 1.36 38.41
C GLY C 55 -31.13 2.77 38.53
N LEU C 56 -31.73 3.66 37.72
CA LEU C 56 -31.27 5.05 37.71
C LEU C 56 -31.53 5.75 39.03
N GLY C 57 -32.53 5.31 39.80
CA GLY C 57 -32.82 5.94 41.07
C GLY C 57 -33.40 7.33 40.89
N LEU C 58 -34.62 7.39 40.33
CA LEU C 58 -35.29 8.62 39.99
C LEU C 58 -36.54 8.78 40.83
N GLU C 59 -36.86 10.03 41.17
CA GLU C 59 -38.07 10.34 41.89
C GLU C 59 -39.27 10.22 40.95
N PRO C 60 -40.51 10.33 41.46
CA PRO C 60 -41.65 10.44 40.55
C PRO C 60 -41.58 11.64 39.62
N THR C 61 -40.94 12.72 40.03
CA THR C 61 -40.81 13.92 39.21
C THR C 61 -39.69 13.82 38.17
N GLY C 62 -38.91 12.73 38.14
CA GLY C 62 -37.87 12.54 37.17
C GLY C 62 -36.50 13.04 37.58
N ILE C 63 -36.40 13.82 38.65
CA ILE C 63 -35.10 14.32 39.12
C ILE C 63 -34.40 13.16 39.82
N PRO C 64 -33.09 12.95 39.67
CA PRO C 64 -32.45 11.85 40.42
C PRO C 64 -32.34 12.17 41.90
N ILE C 65 -32.29 11.08 42.69
CA ILE C 65 -31.94 11.17 44.10
C ILE C 65 -30.42 11.17 44.20
N LYS C 66 -29.89 11.85 45.22
CA LYS C 66 -28.44 11.96 45.37
C LYS C 66 -27.80 10.59 45.61
N LEU C 67 -28.43 9.76 46.44
CA LEU C 67 -27.99 8.38 46.69
C LEU C 67 -29.21 7.47 46.66
N ALA C 68 -29.36 6.71 45.58
CA ALA C 68 -30.46 5.75 45.50
C ALA C 68 -30.19 4.79 44.35
N ALA C 69 -30.68 3.56 44.51
CA ALA C 69 -30.62 2.52 43.47
C ALA C 69 -29.18 2.20 43.07
N GLY C 70 -28.24 2.34 44.00
CA GLY C 70 -26.83 2.08 43.74
C GLY C 70 -26.07 3.25 43.14
N PHE C 71 -26.76 4.24 42.55
CA PHE C 71 -26.08 5.37 41.85
C PHE C 71 -25.79 6.48 42.84
N VAL C 72 -24.51 6.85 43.03
CA VAL C 72 -24.12 7.98 43.94
C VAL C 72 -23.43 9.05 43.08
N GLY C 73 -24.07 10.20 42.87
CA GLY C 73 -23.53 11.31 42.07
C GLY C 73 -23.98 11.22 40.63
N GLN C 74 -23.46 12.04 39.73
CA GLN C 74 -23.77 11.94 38.30
C GLN C 74 -25.23 12.29 38.03
N LEU C 75 -25.64 13.47 38.50
CA LEU C 75 -27.06 13.82 38.47
C LEU C 75 -27.51 14.19 37.06
N GLU C 76 -26.68 14.91 36.30
CA GLU C 76 -27.06 15.35 34.96
C GLU C 76 -27.28 14.16 34.03
N ALA C 77 -26.32 13.23 34.03
CA ALA C 77 -26.45 12.07 33.15
C ALA C 77 -27.57 11.15 33.58
N ARG C 78 -27.83 11.04 34.89
CA ARG C 78 -28.94 10.22 35.36
C ARG C 78 -30.28 10.82 34.95
N GLU C 79 -30.41 12.15 35.05
CA GLU C 79 -31.64 12.81 34.59
C GLU C 79 -31.83 12.64 33.09
N ALA C 80 -30.74 12.77 32.33
CA ALA C 80 -30.82 12.56 30.89
C ALA C 80 -31.21 11.12 30.55
N ALA C 81 -30.65 10.16 31.28
CA ALA C 81 -31.01 8.76 31.08
C ALA C 81 -32.47 8.51 31.44
N GLY C 82 -32.99 9.19 32.47
CA GLY C 82 -34.39 9.06 32.79
C GLY C 82 -35.29 9.59 31.69
N LEU C 83 -34.91 10.74 31.11
CA LEU C 83 -35.67 11.27 29.98
C LEU C 83 -35.62 10.31 28.79
N VAL C 84 -34.45 9.72 28.53
CA VAL C 84 -34.34 8.77 27.43
C VAL C 84 -35.17 7.51 27.71
N VAL C 85 -35.23 7.08 28.97
CA VAL C 85 -36.04 5.92 29.33
C VAL C 85 -37.51 6.22 29.08
N ASP C 86 -37.96 7.42 29.46
CA ASP C 86 -39.32 7.84 29.13
C ASP C 86 -39.55 7.89 27.63
N MET C 87 -38.52 8.24 26.86
CA MET C 87 -38.66 8.25 25.41
C MET C 87 -38.72 6.84 24.82
N ILE C 88 -38.03 5.87 25.42
CA ILE C 88 -38.16 4.48 24.98
C ILE C 88 -39.54 3.94 25.33
N LYS C 89 -40.08 4.31 26.49
CA LYS C 89 -41.33 3.73 26.96
C LYS C 89 -42.51 4.04 26.02
N GLN C 90 -42.46 5.18 25.33
CA GLN C 90 -43.47 5.60 24.36
C GLN C 90 -42.95 5.64 22.93
N LYS C 91 -41.83 4.95 22.64
CA LYS C 91 -41.44 4.58 21.28
C LYS C 91 -41.12 5.79 20.41
N LYS C 92 -40.63 6.88 21.02
CA LYS C 92 -40.22 8.07 20.28
C LYS C 92 -38.76 8.04 19.83
N MET C 93 -37.95 7.10 20.35
CA MET C 93 -36.58 6.89 19.91
C MET C 93 -36.47 5.89 18.76
N ALA C 94 -37.59 5.43 18.19
CA ALA C 94 -37.53 4.53 17.04
C ALA C 94 -36.87 5.23 15.85
N GLY C 95 -35.68 4.76 15.48
CA GLY C 95 -34.88 5.34 14.41
C GLY C 95 -33.63 6.05 14.87
N LYS C 96 -33.47 6.33 16.16
CA LYS C 96 -32.30 7.00 16.73
C LYS C 96 -31.55 6.03 17.65
N ALA C 97 -30.46 6.54 18.23
CA ALA C 97 -29.63 5.76 19.13
C ALA C 97 -29.00 6.72 20.15
N LEU C 98 -28.41 6.15 21.19
CA LEU C 98 -27.85 6.92 22.30
C LEU C 98 -26.34 6.79 22.24
N LEU C 99 -25.63 7.87 22.61
CA LEU C 99 -24.18 7.86 22.77
C LEU C 99 -23.83 8.49 24.11
N LEU C 100 -22.95 7.81 24.86
CA LEU C 100 -22.42 8.30 26.13
C LEU C 100 -20.98 8.72 25.90
N ALA C 101 -20.74 10.03 25.91
CA ALA C 101 -19.41 10.60 25.68
C ALA C 101 -18.85 11.06 27.02
N GLY C 102 -17.80 10.39 27.48
CA GLY C 102 -17.17 10.80 28.71
C GLY C 102 -15.89 10.05 29.01
N PRO C 103 -15.14 10.45 30.04
CA PRO C 103 -13.84 9.80 30.32
C PRO C 103 -14.02 8.37 30.80
N PRO C 104 -12.93 7.60 30.99
CA PRO C 104 -13.05 6.26 31.52
C PRO C 104 -13.48 6.32 32.96
N GLY C 105 -13.95 5.20 33.51
CA GLY C 105 -14.38 5.11 34.92
C GLY C 105 -15.31 6.25 35.28
N THR C 106 -16.28 6.57 34.41
CA THR C 106 -17.26 7.62 34.67
C THR C 106 -18.70 7.08 34.69
N GLY C 107 -18.88 5.77 34.80
CA GLY C 107 -20.22 5.23 34.96
C GLY C 107 -21.04 5.16 33.71
N LYS C 108 -20.40 5.06 32.54
CA LYS C 108 -21.16 4.94 31.29
C LYS C 108 -21.82 3.57 31.21
N THR C 109 -21.11 2.50 31.52
CA THR C 109 -21.65 1.13 31.47
C THR C 109 -22.61 0.99 32.61
N ALA C 110 -22.39 1.63 33.75
CA ALA C 110 -23.36 1.64 34.84
C ALA C 110 -24.63 2.38 34.43
N LEU C 111 -24.49 3.47 33.68
CA LEU C 111 -25.66 4.20 33.20
C LEU C 111 -26.48 3.36 32.24
N ALA C 112 -25.82 2.65 31.33
CA ALA C 112 -26.55 1.80 30.39
C ALA C 112 -27.26 0.67 31.12
N LEU C 113 -26.60 0.07 32.12
CA LEU C 113 -27.25 -0.97 32.90
C LEU C 113 -28.43 -0.42 33.69
N GLY C 114 -28.30 0.81 34.19
CA GLY C 114 -29.42 1.44 34.86
C GLY C 114 -30.59 1.70 33.94
N ILE C 115 -30.31 2.12 32.70
CA ILE C 115 -31.36 2.32 31.71
C ILE C 115 -32.07 1.01 31.41
N SER C 116 -31.29 -0.07 31.21
CA SER C 116 -31.88 -1.37 30.90
C SER C 116 -32.70 -1.89 32.05
N GLN C 117 -32.25 -1.65 33.29
CA GLN C 117 -33.04 -2.05 34.45
C GLN C 117 -34.32 -1.22 34.56
N GLU C 118 -34.24 0.08 34.26
CA GLU C 118 -35.41 0.93 34.36
C GLU C 118 -36.45 0.65 33.28
N LEU C 119 -36.04 0.09 32.15
CA LEU C 119 -37.01 -0.24 31.10
C LEU C 119 -38.01 -1.29 31.57
N GLY C 120 -37.55 -2.30 32.30
CA GLY C 120 -38.45 -3.33 32.76
C GLY C 120 -37.76 -4.29 33.71
N SER C 121 -38.47 -5.38 34.02
CA SER C 121 -37.99 -6.31 35.04
C SER C 121 -36.82 -7.14 34.51
N LYS C 122 -37.06 -7.94 33.48
CA LYS C 122 -36.08 -8.86 32.90
C LYS C 122 -35.69 -8.42 31.50
N VAL C 123 -35.51 -7.12 31.31
CA VAL C 123 -35.15 -6.60 30.00
C VAL C 123 -33.69 -7.00 29.72
N PRO C 124 -33.35 -7.60 28.56
CA PRO C 124 -31.97 -8.01 28.36
C PRO C 124 -31.02 -6.83 28.16
N PHE C 125 -29.75 -7.08 28.47
CA PHE C 125 -28.69 -6.08 28.38
C PHE C 125 -27.46 -6.77 27.79
N CYS C 126 -27.12 -6.42 26.55
CA CYS C 126 -26.01 -7.04 25.82
C CYS C 126 -24.84 -6.06 25.75
N PRO C 127 -23.85 -6.14 26.65
CA PRO C 127 -22.63 -5.35 26.46
C PRO C 127 -21.66 -6.01 25.50
N MET C 128 -20.90 -5.17 24.81
CA MET C 128 -19.88 -5.65 23.90
C MET C 128 -18.89 -4.52 23.65
N VAL C 129 -17.82 -4.85 22.93
CA VAL C 129 -16.74 -3.93 22.60
C VAL C 129 -16.53 -3.97 21.10
N GLY C 130 -15.99 -2.89 20.54
CA GLY C 130 -15.70 -2.84 19.12
C GLY C 130 -14.67 -3.87 18.70
N SER C 131 -13.68 -4.15 19.55
CA SER C 131 -12.68 -5.15 19.23
C SER C 131 -13.30 -6.54 19.11
N GLU C 132 -14.40 -6.80 19.81
CA GLU C 132 -15.09 -8.08 19.65
C GLU C 132 -15.72 -8.24 18.27
N VAL C 133 -15.98 -7.15 17.55
CA VAL C 133 -16.63 -7.27 16.25
C VAL C 133 -15.69 -7.93 15.24
N TYR C 134 -14.41 -7.61 15.31
CA TYR C 134 -13.42 -8.27 14.46
C TYR C 134 -13.20 -9.70 14.95
N SER C 135 -13.26 -10.65 14.04
CA SER C 135 -13.13 -12.05 14.39
C SER C 135 -12.64 -12.83 13.18
N SER C 136 -11.86 -13.88 13.45
CA SER C 136 -11.27 -14.69 12.39
C SER C 136 -12.22 -15.76 11.85
N GLU C 137 -13.18 -16.22 12.65
CA GLU C 137 -14.07 -17.32 12.29
C GLU C 137 -15.41 -16.87 11.72
N VAL C 138 -15.90 -15.69 12.13
CA VAL C 138 -17.17 -15.16 11.69
C VAL C 138 -16.94 -13.77 11.10
N LYS C 139 -17.79 -13.41 10.14
CA LYS C 139 -17.72 -12.09 9.55
C LYS C 139 -18.12 -11.04 10.58
N LYS C 140 -17.51 -9.85 10.46
CA LYS C 140 -17.77 -8.77 11.41
C LYS C 140 -19.24 -8.36 11.41
N THR C 141 -19.84 -8.27 10.23
CA THR C 141 -21.25 -7.94 10.12
C THR C 141 -22.13 -9.01 10.76
N GLU C 142 -21.72 -10.28 10.66
CA GLU C 142 -22.53 -11.36 11.21
C GLU C 142 -22.57 -11.29 12.73
N VAL C 143 -21.41 -11.08 13.38
CA VAL C 143 -21.40 -10.93 14.83
C VAL C 143 -22.11 -9.65 15.25
N LEU C 144 -22.05 -8.61 14.41
CA LEU C 144 -22.80 -7.39 14.72
C LEU C 144 -24.30 -7.65 14.79
N MET C 145 -24.87 -8.29 13.77
CA MET C 145 -26.28 -8.66 13.86
C MET C 145 -26.56 -9.70 14.94
N GLU C 146 -25.59 -10.55 15.25
CA GLU C 146 -25.78 -11.51 16.34
C GLU C 146 -26.02 -10.80 17.66
N ASN C 147 -25.12 -9.87 18.01
CA ASN C 147 -25.32 -9.10 19.23
C ASN C 147 -26.53 -8.18 19.13
N PHE C 148 -26.81 -7.65 17.94
CA PHE C 148 -27.93 -6.74 17.75
C PHE C 148 -29.26 -7.43 18.03
N ARG C 149 -29.45 -8.63 17.46
CA ARG C 149 -30.66 -9.40 17.67
C ARG C 149 -30.69 -10.09 19.03
N ARG C 150 -29.53 -10.31 19.65
CA ARG C 150 -29.51 -10.93 20.98
C ARG C 150 -30.19 -10.05 22.04
N ALA C 151 -30.24 -8.73 21.83
CA ALA C 151 -30.86 -7.81 22.77
C ALA C 151 -32.36 -7.66 22.58
N ILE C 152 -32.96 -8.21 21.54
CA ILE C 152 -34.39 -8.08 21.28
C ILE C 152 -35.10 -9.21 22.03
N GLY C 153 -35.64 -8.92 23.21
CA GLY C 153 -36.33 -9.93 23.98
C GLY C 153 -37.78 -10.06 23.54
N LEU C 154 -38.34 -11.25 23.73
CA LEU C 154 -39.74 -11.52 23.47
C LEU C 154 -40.26 -12.43 24.58
N ARG C 155 -41.55 -12.31 24.86
CA ARG C 155 -42.25 -13.16 25.82
C ARG C 155 -43.48 -13.73 25.15
N ILE C 156 -43.64 -15.05 25.23
CA ILE C 156 -44.71 -15.79 24.59
C ILE C 156 -45.58 -16.38 25.70
N LYS C 157 -46.89 -16.15 25.59
CA LYS C 157 -47.84 -16.61 26.60
C LYS C 157 -48.25 -18.05 26.35
N VAL C 267 -45.70 -18.54 30.79
CA VAL C 267 -45.18 -17.46 29.94
C VAL C 267 -43.67 -17.56 29.90
N GLN C 268 -43.12 -17.81 28.69
CA GLN C 268 -41.71 -18.08 28.50
C GLN C 268 -41.07 -16.91 27.75
N ASP C 269 -39.88 -16.51 28.20
CA ASP C 269 -39.14 -15.37 27.67
C ASP C 269 -37.89 -15.87 26.95
N VAL C 270 -37.63 -15.32 25.76
CA VAL C 270 -36.52 -15.75 24.92
C VAL C 270 -36.10 -14.59 24.03
N THR C 271 -34.81 -14.54 23.70
CA THR C 271 -34.27 -13.50 22.84
C THR C 271 -34.41 -13.89 21.38
N LEU C 272 -34.46 -12.88 20.51
CA LEU C 272 -34.71 -13.13 19.08
C LEU C 272 -33.56 -13.87 18.42
N GLN C 273 -32.33 -13.71 18.93
CA GLN C 273 -31.21 -14.40 18.29
C GLN C 273 -31.25 -15.91 18.55
N ASP C 274 -31.88 -16.33 19.65
CA ASP C 274 -32.03 -17.76 19.91
C ASP C 274 -32.88 -18.43 18.84
N LEU C 275 -33.88 -17.71 18.31
CA LEU C 275 -34.70 -18.27 17.23
C LEU C 275 -33.86 -18.54 15.99
N ASP C 276 -33.01 -17.59 15.61
CA ASP C 276 -32.12 -17.82 14.46
C ASP C 276 -31.12 -18.92 14.75
N ALA C 277 -30.60 -18.98 15.97
CA ALA C 277 -29.62 -20.01 16.32
C ALA C 277 -30.24 -21.41 16.23
N ALA C 278 -31.50 -21.53 16.66
CA ALA C 278 -32.17 -22.83 16.55
C ALA C 278 -32.53 -23.16 15.11
N ASN C 279 -33.07 -22.18 14.38
CA ASN C 279 -33.66 -22.45 13.07
C ASN C 279 -32.68 -22.37 11.90
N ALA C 280 -31.51 -21.75 12.08
CA ALA C 280 -30.55 -21.65 10.98
C ALA C 280 -29.94 -23.01 10.67
N LYS C 306 -28.87 -15.76 9.26
CA LYS C 306 -28.78 -16.10 7.84
C LYS C 306 -30.13 -15.94 7.15
N LEU C 307 -31.17 -16.44 7.81
CA LEU C 307 -32.56 -16.36 7.35
C LEU C 307 -33.36 -15.42 8.25
N ARG C 308 -32.71 -14.33 8.68
CA ARG C 308 -33.23 -13.51 9.76
C ARG C 308 -34.51 -12.76 9.38
N GLN C 309 -34.65 -12.38 8.11
CA GLN C 309 -35.86 -11.67 7.68
C GLN C 309 -37.12 -12.51 7.90
N GLU C 310 -37.03 -13.81 7.64
CA GLU C 310 -38.19 -14.69 7.87
C GLU C 310 -38.50 -14.79 9.36
N ILE C 311 -37.46 -14.82 10.21
CA ILE C 311 -37.67 -14.84 11.64
C ILE C 311 -38.36 -13.56 12.08
N ASN C 312 -37.94 -12.42 11.51
CA ASN C 312 -38.56 -11.14 11.80
C ASN C 312 -40.03 -11.12 11.37
N LYS C 313 -40.33 -11.70 10.21
CA LYS C 313 -41.71 -11.73 9.72
C LYS C 313 -42.61 -12.56 10.64
N VAL C 314 -42.13 -13.75 11.06
CA VAL C 314 -42.98 -14.58 11.89
C VAL C 314 -43.17 -13.98 13.28
N VAL C 315 -42.13 -13.37 13.86
CA VAL C 315 -42.34 -12.74 15.18
C VAL C 315 -43.25 -11.53 15.03
N ASN C 316 -43.20 -10.83 13.88
CA ASN C 316 -44.14 -9.75 13.63
C ASN C 316 -45.57 -10.27 13.60
N ARG C 317 -45.79 -11.41 12.93
CA ARG C 317 -47.13 -12.02 12.94
C ARG C 317 -47.55 -12.42 14.35
N TYR C 318 -46.61 -12.97 15.14
CA TYR C 318 -46.90 -13.38 16.50
C TYR C 318 -47.35 -12.20 17.36
N ILE C 319 -46.58 -11.10 17.32
CA ILE C 319 -46.91 -9.96 18.17
C ILE C 319 -48.15 -9.23 17.66
N ASP C 320 -48.36 -9.19 16.34
CA ASP C 320 -49.59 -8.60 15.82
C ASP C 320 -50.82 -9.41 16.22
N GLU C 321 -50.68 -10.74 16.31
CA GLU C 321 -51.78 -11.55 16.81
C GLU C 321 -52.01 -11.36 18.31
N GLY C 322 -51.05 -10.82 19.05
CA GLY C 322 -51.20 -10.56 20.46
C GLY C 322 -50.85 -11.72 21.38
N VAL C 323 -50.58 -12.91 20.83
CA VAL C 323 -50.17 -14.04 21.67
C VAL C 323 -48.81 -13.82 22.33
N ALA C 324 -47.96 -12.96 21.77
CA ALA C 324 -46.63 -12.67 22.30
C ALA C 324 -46.40 -11.16 22.30
N GLU C 325 -45.37 -10.75 23.04
CA GLU C 325 -44.99 -9.35 23.20
C GLU C 325 -43.48 -9.24 23.06
N LEU C 326 -43.03 -8.07 22.59
CA LEU C 326 -41.62 -7.75 22.42
C LEU C 326 -41.18 -6.73 23.46
N VAL C 327 -39.96 -6.90 23.95
CA VAL C 327 -39.28 -5.95 24.82
C VAL C 327 -37.98 -5.55 24.12
N PRO C 328 -37.75 -4.27 23.79
CA PRO C 328 -36.43 -3.90 23.23
C PRO C 328 -35.41 -3.77 24.36
N GLY C 329 -34.32 -4.52 24.25
CA GLY C 329 -33.25 -4.46 25.22
C GLY C 329 -32.31 -3.31 24.95
N VAL C 330 -31.10 -3.44 25.47
CA VAL C 330 -30.07 -2.40 25.42
C VAL C 330 -28.81 -3.06 24.89
N LEU C 331 -28.41 -2.70 23.67
CA LEU C 331 -27.14 -3.12 23.09
C LEU C 331 -26.12 -2.06 23.42
N PHE C 332 -25.31 -2.31 24.46
CA PHE C 332 -24.26 -1.39 24.85
C PHE C 332 -22.99 -1.76 24.08
N ILE C 333 -22.40 -0.77 23.41
CA ILE C 333 -21.20 -0.94 22.59
C ILE C 333 -20.16 0.04 23.11
N ASP C 334 -19.19 -0.47 23.88
CA ASP C 334 -18.06 0.32 24.32
C ASP C 334 -16.99 0.35 23.24
N GLU C 335 -16.17 1.41 23.26
CA GLU C 335 -15.11 1.63 22.28
C GLU C 335 -15.69 1.70 20.87
N VAL C 336 -16.60 2.64 20.68
CA VAL C 336 -17.31 2.75 19.41
C VAL C 336 -16.37 3.15 18.28
N HIS C 337 -15.30 3.89 18.59
CA HIS C 337 -14.36 4.29 17.55
C HIS C 337 -13.64 3.11 16.90
N MET C 338 -13.57 1.96 17.57
CA MET C 338 -12.91 0.80 16.98
C MET C 338 -13.71 0.21 15.82
N LEU C 339 -15.00 0.48 15.71
CA LEU C 339 -15.81 -0.09 14.65
C LEU C 339 -15.41 0.48 13.29
N ASP C 340 -15.45 -0.37 12.27
CA ASP C 340 -15.09 0.02 10.92
C ASP C 340 -16.21 0.83 10.27
N MET C 341 -15.90 1.42 9.10
CA MET C 341 -16.90 2.20 8.38
C MET C 341 -18.04 1.30 7.88
N GLU C 342 -17.70 0.07 7.48
CA GLU C 342 -18.73 -0.89 7.10
C GLU C 342 -19.64 -1.19 8.29
N CYS C 343 -19.06 -1.32 9.48
CA CYS C 343 -19.85 -1.56 10.69
C CYS C 343 -20.79 -0.40 10.98
N PHE C 344 -20.28 0.83 10.87
CA PHE C 344 -21.10 2.01 11.15
C PHE C 344 -22.24 2.13 10.14
N SER C 345 -21.95 1.94 8.86
CA SER C 345 -22.99 2.03 7.84
C SER C 345 -24.03 0.94 8.01
N TYR C 346 -23.59 -0.27 8.36
CA TYR C 346 -24.54 -1.36 8.50
C TYR C 346 -25.42 -1.12 9.73
N LEU C 347 -24.86 -0.56 10.80
CA LEU C 347 -25.69 -0.22 11.96
C LEU C 347 -26.66 0.89 11.60
N ASN C 348 -26.23 1.84 10.76
CA ASN C 348 -27.11 2.94 10.35
C ASN C 348 -28.33 2.43 9.59
N ARG C 349 -28.12 1.51 8.64
CA ARG C 349 -29.28 0.93 7.95
C ARG C 349 -30.06 -0.03 8.85
N ALA C 350 -29.38 -0.76 9.75
CA ALA C 350 -30.05 -1.77 10.55
C ALA C 350 -30.90 -1.16 11.67
N LEU C 351 -30.62 0.08 12.06
CA LEU C 351 -31.49 0.76 13.03
C LEU C 351 -32.88 1.05 12.47
N GLU C 352 -33.05 1.05 11.15
CA GLU C 352 -34.35 1.31 10.53
C GLU C 352 -35.38 0.23 10.86
N SER C 353 -34.96 -0.98 11.20
CA SER C 353 -35.90 -2.07 11.44
C SER C 353 -36.76 -1.79 12.67
N SER C 354 -38.04 -2.14 12.57
CA SER C 354 -38.99 -1.84 13.64
C SER C 354 -38.69 -2.63 14.91
N LEU C 355 -38.15 -3.85 14.77
CA LEU C 355 -37.89 -4.70 15.92
C LEU C 355 -36.61 -4.35 16.67
N SER C 356 -35.87 -3.33 16.25
CA SER C 356 -34.52 -3.12 16.77
C SER C 356 -34.56 -2.65 18.23
N PRO C 357 -33.47 -2.90 19.02
CA PRO C 357 -33.40 -2.37 20.38
C PRO C 357 -32.74 -1.01 20.43
N ILE C 358 -32.71 -0.40 21.61
CA ILE C 358 -31.91 0.81 21.80
C ILE C 358 -30.43 0.43 21.79
N VAL C 359 -29.67 1.04 20.89
CA VAL C 359 -28.22 0.90 20.82
C VAL C 359 -27.61 2.08 21.54
N ILE C 360 -26.79 1.78 22.56
CA ILE C 360 -26.09 2.77 23.37
C ILE C 360 -24.60 2.62 23.07
N PHE C 361 -24.07 3.52 22.25
CA PHE C 361 -22.64 3.60 22.06
C PHE C 361 -22.00 4.30 23.25
N ALA C 362 -20.71 4.04 23.47
CA ALA C 362 -19.94 4.74 24.50
C ALA C 362 -18.58 5.09 23.94
N THR C 363 -18.09 6.28 24.29
CA THR C 363 -16.83 6.77 23.77
C THR C 363 -16.17 7.71 24.78
N ASN C 364 -14.84 7.80 24.65
CA ASN C 364 -14.02 8.68 25.48
C ASN C 364 -12.93 9.40 24.71
N ARG C 365 -12.92 9.34 23.37
CA ARG C 365 -11.81 9.84 22.57
C ARG C 365 -12.03 11.27 22.09
N GLY C 366 -13.10 11.50 21.33
CA GLY C 366 -13.34 12.78 20.69
C GLY C 366 -12.83 12.80 19.27
N VAL C 367 -11.71 13.49 19.03
CA VAL C 367 -11.10 13.49 17.70
C VAL C 367 -10.55 12.09 17.43
N CYS C 368 -11.02 11.47 16.36
CA CYS C 368 -10.54 10.14 15.98
C CYS C 368 -10.97 9.86 14.56
N ASN C 369 -10.01 9.47 13.72
CA ASN C 369 -10.32 9.10 12.35
C ASN C 369 -11.20 7.86 12.33
N VAL C 370 -12.15 7.81 11.39
CA VAL C 370 -13.04 6.67 11.32
C VAL C 370 -12.25 5.47 10.81
N ARG C 371 -12.34 4.36 11.53
CA ARG C 371 -11.54 3.19 11.22
C ARG C 371 -11.91 2.63 9.86
N GLY C 372 -10.89 2.42 9.02
CA GLY C 372 -11.05 2.03 7.64
C GLY C 372 -10.99 3.16 6.63
N THR C 373 -11.03 4.42 7.08
CA THR C 373 -10.90 5.58 6.21
C THR C 373 -10.00 6.61 6.90
N ASP C 374 -9.61 7.63 6.13
CA ASP C 374 -8.72 8.68 6.60
C ASP C 374 -9.43 9.95 7.07
N MET C 375 -10.75 10.04 6.94
CA MET C 375 -11.44 11.29 7.25
C MET C 375 -11.60 11.44 8.77
N PRO C 376 -11.19 12.55 9.38
CA PRO C 376 -11.56 12.77 10.78
C PRO C 376 -13.06 12.99 10.93
N SER C 377 -13.57 12.64 12.12
CA SER C 377 -14.96 12.85 12.47
C SER C 377 -15.09 12.87 13.99
N PRO C 378 -16.15 13.46 14.55
CA PRO C 378 -16.29 13.44 16.01
C PRO C 378 -16.54 12.03 16.53
N HIS C 379 -15.80 11.66 17.57
CA HIS C 379 -15.95 10.40 18.29
C HIS C 379 -15.72 9.17 17.42
N GLY C 380 -15.02 9.31 16.29
CA GLY C 380 -14.78 8.18 15.42
C GLY C 380 -16.02 7.62 14.75
N VAL C 381 -17.12 8.35 14.72
CA VAL C 381 -18.39 7.92 14.14
C VAL C 381 -18.59 8.73 12.86
N PRO C 382 -19.11 8.17 11.76
CA PRO C 382 -19.35 8.99 10.57
C PRO C 382 -20.49 9.97 10.78
N ILE C 383 -20.60 10.93 9.87
CA ILE C 383 -21.64 11.95 9.98
C ILE C 383 -23.01 11.33 9.75
N ASP C 384 -23.10 10.33 8.86
CA ASP C 384 -24.39 9.76 8.49
C ASP C 384 -25.05 9.03 9.66
N LEU C 385 -24.25 8.51 10.61
CA LEU C 385 -24.78 7.94 11.84
C LEU C 385 -24.85 8.96 12.97
N LEU C 386 -23.95 9.95 12.99
CA LEU C 386 -24.05 11.03 13.97
C LEU C 386 -25.30 11.88 13.80
N ASP C 387 -25.93 11.84 12.62
CA ASP C 387 -27.19 12.55 12.41
C ASP C 387 -28.27 12.12 13.39
N ARG C 388 -28.29 10.84 13.79
CA ARG C 388 -29.37 10.24 14.56
C ARG C 388 -28.97 9.81 15.97
N LEU C 389 -27.94 10.44 16.55
CA LEU C 389 -27.48 10.13 17.91
C LEU C 389 -27.94 11.21 18.89
N VAL C 390 -28.44 10.77 20.04
CA VAL C 390 -28.76 11.64 21.16
C VAL C 390 -27.63 11.45 22.18
N ILE C 391 -26.87 12.52 22.41
CA ILE C 391 -25.63 12.44 23.17
C ILE C 391 -25.97 12.78 24.61
N ILE C 392 -25.25 12.16 25.55
CA ILE C 392 -25.36 12.45 26.97
C ILE C 392 -23.95 12.55 27.54
N ARG C 393 -23.71 13.56 28.38
CA ARG C 393 -22.43 13.78 29.01
C ARG C 393 -22.37 13.07 30.36
N THR C 394 -21.19 12.57 30.71
CA THR C 394 -20.88 12.00 32.01
C THR C 394 -19.61 12.66 32.54
N GLN C 395 -19.65 13.13 33.78
CA GLN C 395 -18.64 14.00 34.35
C GLN C 395 -17.79 13.26 35.37
N ILE C 396 -16.52 13.67 35.46
CA ILE C 396 -15.58 13.04 36.39
C ILE C 396 -15.99 13.35 37.83
N TYR C 397 -15.56 12.48 38.74
CA TYR C 397 -15.96 12.55 40.14
C TYR C 397 -14.95 13.31 41.00
N ASP C 398 -15.46 13.99 42.01
CA ASP C 398 -14.63 14.53 43.08
C ASP C 398 -14.22 13.38 43.99
N PRO C 399 -13.24 13.59 44.89
CA PRO C 399 -12.79 12.48 45.76
C PRO C 399 -13.86 11.90 46.68
N SER C 400 -14.80 12.72 47.18
CA SER C 400 -15.81 12.21 48.11
C SER C 400 -16.75 11.23 47.42
N GLU C 401 -17.20 11.55 46.21
CA GLU C 401 -18.06 10.64 45.47
C GLU C 401 -17.33 9.35 45.14
N MET C 402 -16.05 9.45 44.76
CA MET C 402 -15.27 8.26 44.44
C MET C 402 -15.09 7.38 45.68
N ILE C 403 -14.88 7.99 46.85
CA ILE C 403 -14.76 7.22 48.07
C ILE C 403 -16.09 6.54 48.40
N GLN C 404 -17.21 7.21 48.13
CA GLN C 404 -18.50 6.57 48.32
C GLN C 404 -18.67 5.38 47.38
N ILE C 405 -18.19 5.51 46.14
CA ILE C 405 -18.26 4.41 45.19
C ILE C 405 -17.44 3.22 45.68
N ILE C 406 -16.23 3.48 46.15
CA ILE C 406 -15.37 2.39 46.63
C ILE C 406 -15.99 1.76 47.86
N ALA C 407 -16.64 2.56 48.73
CA ALA C 407 -17.34 1.99 49.88
C ALA C 407 -18.48 1.09 49.46
N ILE C 408 -19.25 1.51 48.45
CA ILE C 408 -20.38 0.70 47.97
C ILE C 408 -19.88 -0.62 47.39
N ARG C 409 -18.81 -0.56 46.60
CA ARG C 409 -18.22 -1.79 46.07
C ARG C 409 -17.65 -2.65 47.18
N ALA C 410 -17.16 -2.04 48.27
CA ALA C 410 -16.68 -2.81 49.40
C ALA C 410 -17.81 -3.57 50.07
N GLN C 411 -18.97 -2.92 50.27
CA GLN C 411 -20.07 -3.64 50.90
C GLN C 411 -20.61 -4.74 50.00
N VAL C 412 -20.68 -4.47 48.70
CA VAL C 412 -21.31 -5.42 47.78
C VAL C 412 -20.45 -6.68 47.65
N GLU C 413 -19.12 -6.55 47.73
CA GLU C 413 -18.22 -7.69 47.73
C GLU C 413 -18.07 -8.35 49.12
N GLU C 414 -18.85 -7.93 50.12
CA GLU C 414 -18.81 -8.46 51.48
C GLU C 414 -17.50 -8.17 52.19
N LEU C 415 -16.80 -7.10 51.80
CA LEU C 415 -15.57 -6.66 52.46
C LEU C 415 -15.88 -5.59 53.49
N THR C 416 -14.96 -5.45 54.45
CA THR C 416 -15.01 -4.43 55.49
C THR C 416 -13.87 -3.45 55.29
N VAL C 417 -14.17 -2.16 55.42
CA VAL C 417 -13.24 -1.07 55.13
C VAL C 417 -13.42 0.02 56.18
N ASP C 418 -12.48 0.97 56.17
CA ASP C 418 -12.48 2.11 57.08
C ASP C 418 -12.02 3.34 56.29
N GLU C 419 -12.24 4.51 56.87
CA GLU C 419 -11.93 5.77 56.18
C GLU C 419 -10.44 5.91 55.89
N GLU C 420 -9.58 5.37 56.77
CA GLU C 420 -8.15 5.53 56.61
C GLU C 420 -7.64 4.85 55.34
N CYS C 421 -8.20 3.69 55.00
CA CYS C 421 -7.86 3.00 53.75
C CYS C 421 -8.71 3.45 52.59
N LEU C 422 -9.96 3.82 52.84
CA LEU C 422 -10.83 4.29 51.76
C LEU C 422 -10.33 5.60 51.15
N VAL C 423 -9.76 6.49 51.96
CA VAL C 423 -9.21 7.74 51.42
C VAL C 423 -8.05 7.46 50.48
N LEU C 424 -7.17 6.53 50.87
CA LEU C 424 -6.04 6.18 50.01
C LEU C 424 -6.55 5.50 48.73
N LEU C 425 -7.57 4.66 48.85
CA LEU C 425 -8.16 4.04 47.66
C LEU C 425 -8.77 5.09 46.74
N GLY C 426 -9.41 6.10 47.30
CA GLY C 426 -9.94 7.19 46.48
C GLY C 426 -8.85 7.96 45.77
N GLU C 427 -7.73 8.22 46.47
CA GLU C 427 -6.60 8.87 45.83
C GLU C 427 -6.03 8.01 44.70
N ILE C 428 -5.95 6.70 44.92
CA ILE C 428 -5.45 5.80 43.88
C ILE C 428 -6.40 5.79 42.68
N GLY C 429 -7.70 5.83 42.95
CA GLY C 429 -8.66 5.88 41.86
C GLY C 429 -8.56 7.19 41.08
N GLN C 430 -8.32 8.29 41.78
CA GLN C 430 -8.13 9.57 41.11
C GLN C 430 -6.88 9.55 40.24
N ARG C 431 -5.78 8.98 40.75
CA ARG C 431 -4.50 9.12 40.08
C ARG C 431 -4.33 8.17 38.90
N THR C 432 -5.06 7.04 38.90
CA THR C 432 -5.09 6.09 37.76
C THR C 432 -6.51 5.99 37.22
N SER C 433 -7.43 5.23 37.85
CA SER C 433 -8.85 5.17 37.41
C SER C 433 -9.73 4.49 38.46
N LEU C 434 -11.04 4.72 38.42
CA LEU C 434 -11.99 4.11 39.39
C LEU C 434 -12.16 2.63 39.03
N ARG C 435 -11.72 2.23 37.83
CA ARG C 435 -11.82 0.82 37.37
C ARG C 435 -10.60 0.04 37.90
N HIS C 436 -9.60 0.74 38.47
CA HIS C 436 -8.36 0.09 39.02
C HIS C 436 -8.37 0.20 40.53
N ALA C 437 -9.22 1.04 41.11
CA ALA C 437 -9.32 1.18 42.58
C ALA C 437 -10.43 0.25 43.07
N VAL C 438 -11.24 -0.28 42.15
CA VAL C 438 -12.36 -1.21 42.49
C VAL C 438 -11.89 -2.62 42.14
N GLN C 439 -10.79 -2.76 41.39
CA GLN C 439 -10.22 -4.10 41.05
C GLN C 439 -9.29 -4.48 42.19
N LEU C 440 -8.71 -3.52 42.91
CA LEU C 440 -7.76 -3.78 43.99
C LEU C 440 -8.42 -4.22 45.29
N LEU C 441 -9.75 -4.15 45.42
CA LEU C 441 -10.39 -4.42 46.70
C LEU C 441 -10.23 -5.88 47.11
N SER C 442 -10.44 -6.81 46.18
CA SER C 442 -10.34 -8.23 46.51
C SER C 442 -8.93 -8.66 46.92
N PRO C 443 -7.87 -8.36 46.17
CA PRO C 443 -6.52 -8.72 46.67
C PRO C 443 -6.13 -8.00 47.95
N ALA C 444 -6.71 -6.83 48.23
CA ALA C 444 -6.51 -6.22 49.54
C ALA C 444 -7.08 -7.09 50.64
N SER C 445 -8.26 -7.66 50.42
CA SER C 445 -8.83 -8.59 51.39
C SER C 445 -7.97 -9.84 51.53
N ILE C 446 -7.43 -10.34 50.42
CA ILE C 446 -6.60 -11.54 50.47
C ILE C 446 -5.32 -11.27 51.25
N VAL C 447 -4.64 -10.17 50.97
CA VAL C 447 -3.39 -9.88 51.67
C VAL C 447 -3.66 -9.52 53.13
N ALA C 448 -4.85 -8.98 53.43
CA ALA C 448 -5.25 -8.82 54.82
C ALA C 448 -5.38 -10.17 55.51
N LYS C 449 -5.96 -11.16 54.82
CA LYS C 449 -6.07 -12.49 55.40
C LYS C 449 -4.69 -13.12 55.59
N MET C 450 -3.76 -12.90 54.65
CA MET C 450 -2.39 -13.35 54.85
C MET C 450 -1.74 -12.66 56.04
N ASN C 451 -2.06 -11.40 56.28
CA ASN C 451 -1.50 -10.66 57.41
C ASN C 451 -2.15 -11.03 58.74
N GLY C 452 -3.17 -11.90 58.75
CA GLY C 452 -3.75 -12.36 60.00
C GLY C 452 -4.80 -11.47 60.60
N ARG C 453 -5.42 -10.60 59.79
CA ARG C 453 -6.51 -9.73 60.22
C ARG C 453 -7.60 -9.75 59.16
N ASP C 454 -8.85 -9.88 59.61
CA ASP C 454 -9.98 -9.99 58.69
C ASP C 454 -10.40 -8.65 58.08
N ASN C 455 -9.99 -7.52 58.66
CA ASN C 455 -10.39 -6.19 58.22
C ASN C 455 -9.23 -5.50 57.50
N ILE C 456 -9.55 -4.88 56.37
CA ILE C 456 -8.52 -4.24 55.55
C ILE C 456 -8.03 -3.00 56.26
N CYS C 457 -6.71 -2.85 56.32
CA CYS C 457 -6.02 -1.69 56.89
C CYS C 457 -5.32 -0.91 55.78
N LYS C 458 -4.79 0.26 56.15
CA LYS C 458 -4.09 1.10 55.18
C LYS C 458 -2.83 0.41 54.65
N ALA C 459 -2.17 -0.40 55.49
CA ALA C 459 -1.00 -1.14 55.04
C ALA C 459 -1.36 -2.13 53.94
N ASP C 460 -2.55 -2.72 53.99
CA ASP C 460 -2.97 -3.64 52.94
C ASP C 460 -3.12 -2.92 51.61
N ILE C 461 -3.72 -1.73 51.62
CA ILE C 461 -3.89 -0.96 50.39
C ILE C 461 -2.54 -0.51 49.87
N GLU C 462 -1.63 -0.12 50.77
CA GLU C 462 -0.28 0.24 50.35
C GLU C 462 0.43 -0.94 49.69
N GLU C 463 0.28 -2.14 50.27
CA GLU C 463 0.93 -3.32 49.73
C GLU C 463 0.37 -3.68 48.35
N VAL C 464 -0.95 -3.74 48.21
CA VAL C 464 -1.51 -4.15 46.93
C VAL C 464 -1.29 -3.07 45.87
N THR C 465 -1.26 -1.80 46.25
CA THR C 465 -0.93 -0.75 45.28
C THR C 465 0.52 -0.86 44.85
N SER C 466 1.41 -1.23 45.78
CA SER C 466 2.81 -1.45 45.41
C SER C 466 2.94 -2.64 44.46
N LEU C 467 2.17 -3.70 44.69
CA LEU C 467 2.31 -4.91 43.89
C LEU C 467 1.73 -4.72 42.50
N TYR C 468 0.44 -4.44 42.41
CA TYR C 468 -0.31 -4.47 41.16
C TYR C 468 -0.42 -3.05 40.60
N LEU C 469 0.20 -2.83 39.45
CA LEU C 469 0.18 -1.54 38.78
C LEU C 469 -0.94 -1.48 37.75
N ASP C 470 -1.34 -0.25 37.42
CA ASP C 470 -2.26 -0.03 36.32
C ASP C 470 -1.53 -0.20 34.99
N ALA C 471 -2.31 -0.23 33.91
CA ALA C 471 -1.73 -0.47 32.59
C ALA C 471 -0.83 0.67 32.14
N LYS C 472 -1.25 1.91 32.37
CA LYS C 472 -0.45 3.06 31.96
C LYS C 472 0.86 3.13 32.73
N SER C 473 0.80 2.98 34.05
CA SER C 473 2.02 3.01 34.86
C SER C 473 2.91 1.82 34.56
N SER C 474 2.32 0.65 34.32
CA SER C 474 3.11 -0.54 34.00
C SER C 474 3.86 -0.37 32.68
N ALA C 475 3.17 0.13 31.65
CA ALA C 475 3.85 0.38 30.38
C ALA C 475 4.89 1.49 30.51
N LYS C 476 4.62 2.49 31.35
CA LYS C 476 5.59 3.56 31.57
C LYS C 476 6.87 3.02 32.20
N LEU C 477 6.71 2.17 33.23
CA LEU C 477 7.86 1.55 33.86
C LEU C 477 8.57 0.61 32.91
N LEU C 478 7.83 -0.06 32.02
CA LEU C 478 8.47 -0.95 31.06
C LEU C 478 9.34 -0.19 30.08
N HIS C 479 8.81 0.89 29.49
CA HIS C 479 9.60 1.58 28.46
C HIS C 479 10.71 2.41 29.08
N GLU C 480 10.54 2.91 30.32
CA GLU C 480 11.57 3.77 30.90
C GLU C 480 12.77 2.98 31.39
N GLN C 481 12.54 1.75 31.89
CA GLN C 481 13.60 0.91 32.45
C GLN C 481 13.95 -0.18 31.43
N ILE D 47 30.69 -22.48 -3.68
CA ILE D 47 31.56 -21.60 -2.84
C ILE D 47 33.02 -21.77 -3.25
N ALA D 48 33.31 -21.47 -4.52
CA ALA D 48 34.68 -21.60 -5.01
C ALA D 48 35.62 -20.55 -4.41
N THR D 49 35.09 -19.43 -3.93
CA THR D 49 35.96 -18.38 -3.40
C THR D 49 36.68 -18.82 -2.13
N HIS D 50 36.01 -19.63 -1.29
CA HIS D 50 36.60 -20.14 -0.05
C HIS D 50 37.30 -21.48 -0.23
N THR D 51 37.80 -21.78 -1.43
CA THR D 51 38.45 -23.07 -1.66
C THR D 51 39.76 -23.19 -0.88
N HIS D 52 40.47 -22.07 -0.70
CA HIS D 52 41.78 -22.13 -0.06
C HIS D 52 41.73 -22.40 1.43
N ILE D 53 40.59 -22.16 2.08
CA ILE D 53 40.47 -22.37 3.52
C ILE D 53 40.35 -23.86 3.78
N LYS D 54 41.14 -24.36 4.76
CA LYS D 54 41.16 -25.75 5.17
C LYS D 54 40.98 -25.96 6.66
N GLY D 55 40.86 -24.89 7.44
CA GLY D 55 40.69 -25.02 8.88
C GLY D 55 41.02 -23.72 9.57
N LEU D 56 40.71 -23.67 10.86
CA LEU D 56 41.02 -22.49 11.65
C LEU D 56 42.52 -22.28 11.77
N GLY D 57 43.31 -23.35 11.79
CA GLY D 57 44.74 -23.22 11.88
C GLY D 57 45.19 -22.72 13.23
N LEU D 58 45.02 -23.55 14.26
CA LEU D 58 45.31 -23.23 15.64
C LEU D 58 46.45 -24.09 16.16
N GLU D 59 47.16 -23.56 17.15
CA GLU D 59 48.18 -24.33 17.84
C GLU D 59 47.49 -25.36 18.75
N PRO D 60 48.23 -26.33 19.30
CA PRO D 60 47.64 -27.21 20.32
C PRO D 60 47.13 -26.43 21.53
N THR D 61 47.82 -25.36 21.92
CA THR D 61 47.35 -24.51 23.02
C THR D 61 46.14 -23.66 22.65
N GLY D 62 45.76 -23.60 21.37
CA GLY D 62 44.57 -22.90 20.94
C GLY D 62 44.79 -21.47 20.46
N ILE D 63 45.95 -20.89 20.72
CA ILE D 63 46.24 -19.55 20.18
C ILE D 63 46.40 -19.67 18.66
N PRO D 64 45.85 -18.78 17.83
CA PRO D 64 45.98 -18.96 16.39
C PRO D 64 47.40 -18.74 15.88
N ILE D 65 47.68 -19.33 14.73
CA ILE D 65 48.89 -19.10 13.96
C ILE D 65 48.61 -17.90 13.05
N LYS D 66 49.65 -17.09 12.81
CA LYS D 66 49.47 -15.90 11.98
C LYS D 66 49.07 -16.26 10.55
N LEU D 67 49.69 -17.30 9.98
CA LEU D 67 49.35 -17.82 8.65
C LEU D 67 49.32 -19.34 8.74
N ALA D 68 48.12 -19.93 8.65
CA ALA D 68 48.00 -21.37 8.64
C ALA D 68 46.60 -21.76 8.18
N ALA D 69 46.52 -22.88 7.47
CA ALA D 69 45.27 -23.46 7.00
C ALA D 69 44.50 -22.51 6.08
N GLY D 70 45.21 -21.67 5.33
CA GLY D 70 44.61 -20.71 4.44
C GLY D 70 44.23 -19.39 5.08
N PHE D 71 44.09 -19.35 6.40
CA PHE D 71 43.76 -18.11 7.10
C PHE D 71 45.00 -17.24 7.25
N VAL D 72 44.81 -15.93 7.19
CA VAL D 72 45.83 -14.95 7.56
C VAL D 72 45.16 -13.90 8.44
N GLY D 73 45.83 -13.55 9.53
CA GLY D 73 45.31 -12.55 10.43
C GLY D 73 44.03 -13.01 11.12
N GLN D 74 43.28 -12.02 11.61
CA GLN D 74 41.98 -12.26 12.25
C GLN D 74 42.13 -13.13 13.49
N LEU D 75 43.05 -12.73 14.36
CA LEU D 75 43.45 -13.60 15.47
C LEU D 75 42.35 -13.72 16.52
N GLU D 76 41.67 -12.61 16.83
CA GLU D 76 40.67 -12.64 17.90
C GLU D 76 39.48 -13.51 17.51
N ALA D 77 38.94 -13.31 16.31
CA ALA D 77 37.82 -14.12 15.86
C ALA D 77 38.22 -15.57 15.65
N ARG D 78 39.46 -15.81 15.21
CA ARG D 78 39.93 -17.19 15.06
C ARG D 78 40.00 -17.89 16.41
N GLU D 79 40.53 -17.22 17.43
CA GLU D 79 40.60 -17.81 18.76
C GLU D 79 39.19 -18.05 19.34
N ALA D 80 38.29 -17.09 19.11
CA ALA D 80 36.91 -17.27 19.56
C ALA D 80 36.24 -18.45 18.86
N ALA D 81 36.47 -18.60 17.56
CA ALA D 81 35.91 -19.73 16.84
C ALA D 81 36.53 -21.04 17.29
N GLY D 82 37.82 -21.03 17.67
CA GLY D 82 38.42 -22.23 18.23
C GLY D 82 37.80 -22.63 19.54
N LEU D 83 37.54 -21.65 20.40
CA LEU D 83 36.86 -21.95 21.66
C LEU D 83 35.44 -22.43 21.42
N VAL D 84 34.77 -21.91 20.38
CA VAL D 84 33.44 -22.39 20.05
C VAL D 84 33.50 -23.81 19.51
N VAL D 85 34.56 -24.14 18.76
CA VAL D 85 34.72 -25.51 18.26
C VAL D 85 34.92 -26.47 19.42
N ASP D 86 35.74 -26.08 20.40
CA ASP D 86 35.90 -26.92 21.58
C ASP D 86 34.62 -27.02 22.39
N MET D 87 33.82 -25.95 22.43
CA MET D 87 32.51 -26.03 23.05
C MET D 87 31.59 -26.97 22.29
N ILE D 88 31.77 -27.09 20.98
CA ILE D 88 30.93 -27.95 20.15
C ILE D 88 31.35 -29.42 20.26
N LYS D 89 32.65 -29.68 20.50
CA LYS D 89 33.09 -31.07 20.65
C LYS D 89 32.44 -31.74 21.85
N GLN D 90 32.35 -31.02 22.97
CA GLN D 90 31.43 -31.38 24.05
C GLN D 90 30.02 -30.92 23.68
N LYS D 91 29.04 -31.35 24.47
CA LYS D 91 27.64 -31.08 24.20
C LYS D 91 27.16 -29.76 24.83
N LYS D 92 28.08 -28.82 25.08
CA LYS D 92 27.74 -27.57 25.75
C LYS D 92 27.11 -26.54 24.82
N MET D 93 27.17 -26.74 23.50
CA MET D 93 26.57 -25.82 22.54
C MET D 93 25.07 -26.02 22.35
N ALA D 94 24.44 -26.97 23.07
CA ALA D 94 23.06 -27.30 22.81
C ALA D 94 22.14 -26.14 23.18
N GLY D 95 21.20 -25.84 22.29
CA GLY D 95 20.27 -24.75 22.49
C GLY D 95 20.80 -23.36 22.16
N LYS D 96 22.05 -23.24 21.70
CA LYS D 96 22.70 -21.97 21.40
C LYS D 96 23.05 -21.91 19.93
N ALA D 97 23.47 -20.73 19.50
CA ALA D 97 23.93 -20.48 18.14
C ALA D 97 25.02 -19.43 18.20
N LEU D 98 25.70 -19.25 17.07
CA LEU D 98 26.80 -18.30 16.92
C LEU D 98 26.35 -17.17 16.01
N LEU D 99 26.91 -15.98 16.24
CA LEU D 99 26.61 -14.79 15.43
C LEU D 99 27.92 -14.08 15.13
N LEU D 100 28.32 -14.10 13.86
CA LEU D 100 29.50 -13.39 13.40
C LEU D 100 29.07 -11.99 12.98
N ALA D 101 29.36 -11.00 13.83
CA ALA D 101 29.02 -9.60 13.57
C ALA D 101 30.27 -8.87 13.12
N GLY D 102 30.20 -8.27 11.93
CA GLY D 102 31.31 -7.48 11.45
C GLY D 102 31.08 -6.94 10.05
N PRO D 103 31.97 -6.08 9.56
CA PRO D 103 31.78 -5.50 8.22
C PRO D 103 31.89 -6.56 7.14
N PRO D 104 31.42 -6.29 5.92
CA PRO D 104 31.59 -7.27 4.84
C PRO D 104 33.04 -7.43 4.47
N GLY D 105 33.37 -8.63 3.98
CA GLY D 105 34.72 -8.90 3.54
C GLY D 105 35.74 -9.13 4.64
N THR D 106 35.30 -9.29 5.89
CA THR D 106 36.18 -9.55 7.02
C THR D 106 36.31 -11.04 7.36
N GLY D 107 35.74 -11.93 6.55
CA GLY D 107 35.96 -13.35 6.73
C GLY D 107 34.95 -14.06 7.59
N LYS D 108 33.68 -13.63 7.59
CA LYS D 108 32.66 -14.30 8.38
C LYS D 108 32.35 -15.68 7.80
N THR D 109 32.08 -15.74 6.50
CA THR D 109 31.88 -17.02 5.83
C THR D 109 33.14 -17.87 5.88
N ALA D 110 34.31 -17.21 5.83
CA ALA D 110 35.57 -17.93 5.97
C ALA D 110 35.67 -18.61 7.33
N LEU D 111 35.29 -17.90 8.41
CA LEU D 111 35.33 -18.49 9.73
C LEU D 111 34.30 -19.62 9.87
N ALA D 112 33.12 -19.45 9.26
CA ALA D 112 32.12 -20.51 9.33
C ALA D 112 32.59 -21.77 8.63
N LEU D 113 33.16 -21.63 7.42
CA LEU D 113 33.69 -22.80 6.73
C LEU D 113 34.88 -23.39 7.46
N GLY D 114 35.69 -22.55 8.10
CA GLY D 114 36.78 -23.05 8.90
C GLY D 114 36.30 -23.88 10.09
N ILE D 115 35.22 -23.43 10.74
CA ILE D 115 34.65 -24.20 11.83
C ILE D 115 34.13 -25.53 11.32
N SER D 116 33.39 -25.51 10.20
CA SER D 116 32.81 -26.74 9.67
C SER D 116 33.90 -27.71 9.21
N GLN D 117 35.03 -27.19 8.74
CA GLN D 117 36.17 -28.06 8.44
C GLN D 117 36.82 -28.57 9.73
N GLU D 118 36.85 -27.75 10.78
CA GLU D 118 37.54 -28.12 12.00
C GLU D 118 36.81 -29.21 12.77
N LEU D 119 35.48 -29.28 12.65
CA LEU D 119 34.73 -30.27 13.44
C LEU D 119 35.07 -31.69 13.01
N GLY D 120 35.25 -31.93 11.72
CA GLY D 120 35.51 -33.28 11.25
C GLY D 120 36.09 -33.28 9.86
N SER D 121 36.24 -34.49 9.32
CA SER D 121 36.89 -34.66 8.02
C SER D 121 36.07 -34.02 6.90
N LYS D 122 34.79 -34.37 6.81
CA LYS D 122 33.86 -33.80 5.83
C LYS D 122 32.52 -33.51 6.50
N VAL D 123 32.57 -32.85 7.65
CA VAL D 123 31.35 -32.42 8.32
C VAL D 123 30.63 -31.42 7.41
N PRO D 124 29.33 -31.60 7.09
CA PRO D 124 28.74 -30.78 6.01
C PRO D 124 28.58 -29.31 6.38
N PHE D 125 28.66 -28.47 5.35
CA PHE D 125 28.52 -27.03 5.44
C PHE D 125 27.47 -26.62 4.43
N CYS D 126 26.42 -25.93 4.90
CA CYS D 126 25.22 -25.62 4.11
C CYS D 126 25.03 -24.10 4.13
N PRO D 127 25.80 -23.35 3.35
CA PRO D 127 25.64 -21.89 3.38
C PRO D 127 24.37 -21.45 2.69
N MET D 128 23.85 -20.32 3.13
CA MET D 128 22.66 -19.71 2.54
C MET D 128 22.68 -18.23 2.88
N VAL D 129 21.64 -17.52 2.42
CA VAL D 129 21.41 -16.12 2.77
C VAL D 129 19.96 -15.97 3.15
N GLY D 130 19.65 -14.85 3.81
CA GLY D 130 18.28 -14.62 4.23
C GLY D 130 17.33 -14.46 3.06
N SER D 131 17.78 -13.80 1.99
CA SER D 131 16.95 -13.62 0.81
C SER D 131 16.58 -14.93 0.14
N GLU D 132 17.38 -15.99 0.34
CA GLU D 132 17.02 -17.31 -0.16
C GLU D 132 15.75 -17.86 0.47
N VAL D 133 15.38 -17.39 1.66
CA VAL D 133 14.21 -17.93 2.35
C VAL D 133 12.93 -17.57 1.58
N TYR D 134 12.82 -16.33 1.11
CA TYR D 134 11.64 -15.91 0.35
C TYR D 134 11.62 -16.61 -1.00
N SER D 135 10.73 -17.60 -1.13
CA SER D 135 10.54 -18.36 -2.37
C SER D 135 9.05 -18.46 -2.63
N SER D 136 8.67 -18.35 -3.91
CA SER D 136 7.25 -18.42 -4.27
C SER D 136 6.74 -19.85 -4.26
N GLU D 137 7.57 -20.80 -4.68
CA GLU D 137 7.12 -22.19 -4.81
C GLU D 137 6.80 -22.80 -3.45
N VAL D 138 7.64 -22.54 -2.44
CA VAL D 138 7.56 -23.16 -1.13
C VAL D 138 7.57 -22.08 -0.06
N LYS D 139 7.12 -22.45 1.13
CA LYS D 139 7.03 -21.50 2.23
C LYS D 139 8.42 -21.08 2.70
N LYS D 140 8.46 -19.94 3.38
CA LYS D 140 9.69 -19.52 4.06
C LYS D 140 10.13 -20.56 5.09
N THR D 141 9.17 -21.06 5.88
CA THR D 141 9.47 -22.07 6.89
C THR D 141 9.97 -23.36 6.26
N GLU D 142 9.44 -23.72 5.09
CA GLU D 142 9.89 -24.93 4.42
C GLU D 142 11.34 -24.80 3.95
N VAL D 143 11.71 -23.64 3.40
CA VAL D 143 13.09 -23.43 2.98
C VAL D 143 14.02 -23.45 4.20
N LEU D 144 13.57 -22.83 5.30
CA LEU D 144 14.34 -22.85 6.54
C LEU D 144 14.60 -24.27 7.02
N MET D 145 13.55 -25.08 7.14
CA MET D 145 13.73 -26.47 7.56
C MET D 145 14.53 -27.28 6.56
N GLU D 146 14.42 -26.98 5.27
CA GLU D 146 15.17 -27.71 4.27
C GLU D 146 16.67 -27.50 4.46
N ASN D 147 17.09 -26.24 4.62
CA ASN D 147 18.51 -25.99 4.85
C ASN D 147 18.95 -26.49 6.23
N PHE D 148 18.07 -26.33 7.23
CA PHE D 148 18.36 -26.74 8.60
C PHE D 148 18.63 -28.24 8.68
N ARG D 149 17.83 -29.05 7.98
CA ARG D 149 18.03 -30.48 7.96
C ARG D 149 19.11 -30.92 6.96
N ARG D 150 19.37 -30.11 5.92
CA ARG D 150 20.51 -30.39 5.05
C ARG D 150 21.81 -30.27 5.83
N ALA D 151 21.86 -29.37 6.80
CA ALA D 151 23.08 -29.19 7.57
C ALA D 151 23.44 -30.38 8.45
N ILE D 152 22.48 -31.24 8.81
CA ILE D 152 22.72 -32.36 9.72
C ILE D 152 23.30 -33.51 8.92
N GLY D 153 24.28 -34.20 9.50
CA GLY D 153 24.89 -35.37 8.87
C GLY D 153 24.78 -36.61 9.74
N LEU D 154 24.65 -37.76 9.10
CA LEU D 154 24.55 -39.07 9.76
C LEU D 154 25.39 -40.06 8.99
N ARG D 155 26.23 -40.81 9.71
CA ARG D 155 27.01 -41.91 9.15
C ARG D 155 26.54 -43.23 9.74
N ILE D 156 26.40 -44.23 8.87
CA ILE D 156 25.82 -45.53 9.20
C ILE D 156 26.77 -46.61 8.73
N LYS D 157 26.97 -47.63 9.57
CA LYS D 157 27.84 -48.77 9.26
C LYS D 157 27.07 -49.85 8.51
N VAL D 267 31.28 -48.05 6.12
CA VAL D 267 30.47 -46.98 6.68
C VAL D 267 30.25 -45.93 5.60
N GLN D 268 29.05 -45.36 5.55
CA GLN D 268 28.71 -44.34 4.56
C GLN D 268 27.90 -43.23 5.22
N ASP D 269 28.05 -42.02 4.68
CA ASP D 269 27.46 -40.81 5.23
C ASP D 269 26.32 -40.31 4.34
N VAL D 270 25.40 -39.57 4.96
CA VAL D 270 24.24 -39.04 4.26
C VAL D 270 23.66 -37.91 5.10
N THR D 271 23.07 -36.93 4.42
CA THR D 271 22.37 -35.85 5.10
C THR D 271 20.97 -36.29 5.48
N LEU D 272 20.42 -35.65 6.52
CA LEU D 272 19.06 -35.95 6.94
C LEU D 272 18.02 -35.43 5.94
N GLN D 273 18.39 -34.49 5.06
CA GLN D 273 17.45 -34.07 4.03
C GLN D 273 17.15 -35.19 3.05
N ASP D 274 18.12 -36.06 2.79
CA ASP D 274 17.88 -37.20 1.91
C ASP D 274 16.83 -38.13 2.51
N LEU D 275 16.94 -38.41 3.81
CA LEU D 275 15.93 -39.21 4.48
C LEU D 275 14.60 -38.48 4.53
N ASP D 276 14.63 -37.16 4.68
CA ASP D 276 13.39 -36.39 4.79
C ASP D 276 12.63 -36.38 3.47
N ALA D 277 13.36 -36.33 2.34
CA ALA D 277 12.75 -36.23 1.02
C ALA D 277 12.40 -37.59 0.43
N ALA D 278 13.36 -38.54 0.46
CA ALA D 278 13.12 -39.85 -0.13
C ALA D 278 12.04 -40.61 0.63
N ASN D 279 12.16 -40.68 1.95
CA ASN D 279 11.20 -41.38 2.80
C ASN D 279 10.08 -40.42 3.23
N ALA D 280 9.42 -39.83 2.23
CA ALA D 280 8.38 -38.85 2.47
C ALA D 280 7.10 -39.48 2.98
N LYS D 306 4.54 -33.96 10.70
CA LYS D 306 4.58 -35.38 11.04
C LYS D 306 5.77 -36.08 10.40
N LEU D 307 6.18 -35.62 9.22
CA LEU D 307 7.36 -36.19 8.57
C LEU D 307 8.61 -35.90 9.40
N ARG D 308 8.74 -34.65 9.86
CA ARG D 308 9.89 -34.27 10.67
C ARG D 308 9.91 -35.03 11.98
N GLN D 309 8.76 -35.11 12.66
CA GLN D 309 8.71 -35.80 13.95
C GLN D 309 8.93 -37.30 13.78
N GLU D 310 8.32 -37.90 12.75
CA GLU D 310 8.46 -39.33 12.53
C GLU D 310 9.90 -39.70 12.19
N ILE D 311 10.52 -38.97 11.27
CA ILE D 311 11.91 -39.27 10.92
C ILE D 311 12.84 -38.95 12.09
N ASN D 312 12.52 -37.95 12.91
CA ASN D 312 13.32 -37.68 14.10
C ASN D 312 13.24 -38.86 15.08
N LYS D 313 12.04 -39.43 15.23
CA LYS D 313 11.90 -40.62 16.06
C LYS D 313 12.71 -41.77 15.51
N VAL D 314 12.71 -41.94 14.19
CA VAL D 314 13.46 -43.03 13.55
C VAL D 314 14.95 -42.85 13.79
N VAL D 315 15.47 -41.63 13.60
CA VAL D 315 16.90 -41.39 13.80
C VAL D 315 17.27 -41.50 15.27
N ASN D 316 16.37 -41.07 16.17
CA ASN D 316 16.64 -41.22 17.60
C ASN D 316 16.74 -42.70 17.99
N ARG D 317 15.83 -43.51 17.47
CA ARG D 317 15.91 -44.96 17.70
C ARG D 317 17.19 -45.53 17.09
N TYR D 318 17.60 -45.02 15.93
CA TYR D 318 18.77 -45.56 15.26
C TYR D 318 20.05 -45.25 16.03
N ILE D 319 20.20 -44.00 16.49
CA ILE D 319 21.41 -43.62 17.22
C ILE D 319 21.42 -44.23 18.61
N ASP D 320 20.25 -44.36 19.27
CA ASP D 320 20.23 -44.98 20.58
C ASP D 320 20.61 -46.46 20.53
N GLU D 321 20.43 -47.13 19.39
CA GLU D 321 20.90 -48.50 19.22
C GLU D 321 22.41 -48.62 19.11
N GLY D 322 23.15 -47.51 18.99
CA GLY D 322 24.59 -47.58 18.90
C GLY D 322 25.10 -48.11 17.58
N VAL D 323 24.42 -47.79 16.49
CA VAL D 323 24.78 -48.25 15.15
C VAL D 323 24.89 -47.12 14.13
N ALA D 324 24.23 -45.99 14.35
CA ALA D 324 24.38 -44.77 13.54
C ALA D 324 25.02 -43.68 14.41
N GLU D 325 25.82 -42.83 13.77
CA GLU D 325 26.64 -41.83 14.46
C GLU D 325 26.38 -40.48 13.81
N LEU D 326 26.10 -39.47 14.65
CA LEU D 326 25.69 -38.15 14.20
C LEU D 326 26.90 -37.24 14.05
N VAL D 327 27.01 -36.60 12.88
CA VAL D 327 27.98 -35.54 12.61
C VAL D 327 27.17 -34.27 12.34
N PRO D 328 26.92 -33.42 13.34
CA PRO D 328 26.22 -32.16 13.03
C PRO D 328 27.10 -31.22 12.23
N GLY D 329 26.46 -30.49 11.32
CA GLY D 329 27.11 -29.54 10.47
C GLY D 329 26.83 -28.10 10.88
N VAL D 330 27.04 -27.19 9.93
CA VAL D 330 27.01 -25.75 10.15
C VAL D 330 26.02 -25.15 9.16
N LEU D 331 24.95 -24.55 9.69
CA LEU D 331 23.99 -23.79 8.89
C LEU D 331 24.39 -22.33 8.95
N PHE D 332 25.12 -21.87 7.94
CA PHE D 332 25.56 -20.48 7.86
C PHE D 332 24.45 -19.67 7.19
N ILE D 333 23.92 -18.69 7.92
CA ILE D 333 22.80 -17.85 7.46
C ILE D 333 23.35 -16.44 7.34
N ASP D 334 23.80 -16.06 6.15
CA ASP D 334 24.21 -14.70 5.90
C ASP D 334 22.99 -13.80 5.75
N GLU D 335 23.20 -12.49 5.95
CA GLU D 335 22.18 -11.45 5.83
C GLU D 335 20.99 -11.78 6.75
N VAL D 336 21.29 -11.85 8.05
CA VAL D 336 20.28 -12.28 9.01
C VAL D 336 19.15 -11.25 9.11
N HIS D 337 19.45 -9.97 8.89
CA HIS D 337 18.42 -8.93 8.95
C HIS D 337 17.35 -9.10 7.88
N MET D 338 17.64 -9.81 6.79
CA MET D 338 16.64 -10.03 5.76
C MET D 338 15.48 -10.89 6.23
N LEU D 339 15.69 -11.72 7.25
CA LEU D 339 14.60 -12.51 7.81
C LEU D 339 13.65 -11.62 8.60
N ASP D 340 12.51 -12.20 8.99
CA ASP D 340 11.41 -11.51 9.66
C ASP D 340 11.09 -12.21 10.98
N MET D 341 10.04 -11.73 11.66
CA MET D 341 9.71 -12.22 12.99
C MET D 341 9.32 -13.70 12.96
N GLU D 342 8.60 -14.12 11.92
CA GLU D 342 8.19 -15.53 11.81
C GLU D 342 9.40 -16.44 11.68
N CYS D 343 10.35 -16.07 10.81
CA CYS D 343 11.54 -16.89 10.62
C CYS D 343 12.39 -16.95 11.88
N PHE D 344 12.57 -15.83 12.56
CA PHE D 344 13.39 -15.82 13.77
C PHE D 344 12.73 -16.61 14.89
N SER D 345 11.42 -16.47 15.07
CA SER D 345 10.72 -17.25 16.09
C SER D 345 10.77 -18.73 15.77
N TYR D 346 10.64 -19.09 14.49
CA TYR D 346 10.72 -20.50 14.11
C TYR D 346 12.12 -21.05 14.34
N LEU D 347 13.16 -20.26 14.08
CA LEU D 347 14.53 -20.72 14.35
C LEU D 347 14.75 -20.87 15.85
N ASN D 348 14.19 -19.96 16.65
CA ASN D 348 14.28 -20.08 18.11
C ASN D 348 13.61 -21.36 18.58
N ARG D 349 12.47 -21.71 17.98
CA ARG D 349 11.83 -22.99 18.30
C ARG D 349 12.69 -24.17 17.87
N ALA D 350 13.19 -24.15 16.64
CA ALA D 350 13.87 -25.32 16.07
C ALA D 350 15.25 -25.54 16.65
N LEU D 351 15.88 -24.52 17.24
CA LEU D 351 17.21 -24.72 17.81
C LEU D 351 17.19 -25.67 19.01
N GLU D 352 16.06 -25.77 19.70
CA GLU D 352 15.97 -26.63 20.88
C GLU D 352 15.88 -28.12 20.54
N SER D 353 15.71 -28.48 19.27
CA SER D 353 15.71 -29.89 18.89
C SER D 353 17.07 -30.52 19.15
N SER D 354 17.06 -31.79 19.52
CA SER D 354 18.28 -32.47 19.93
C SER D 354 19.28 -32.60 18.78
N LEU D 355 18.79 -32.90 17.57
CA LEU D 355 19.63 -33.15 16.41
C LEU D 355 19.95 -31.88 15.62
N SER D 356 19.84 -30.71 16.22
CA SER D 356 20.02 -29.48 15.47
C SER D 356 21.48 -29.28 15.08
N PRO D 357 21.77 -28.52 13.99
CA PRO D 357 23.17 -28.22 13.65
C PRO D 357 23.62 -26.93 14.32
N ILE D 358 24.84 -26.51 14.04
CA ILE D 358 25.41 -25.29 14.64
C ILE D 358 25.03 -24.15 13.71
N VAL D 359 23.93 -23.48 14.03
CA VAL D 359 23.47 -22.35 13.20
C VAL D 359 24.39 -21.18 13.47
N ILE D 360 25.01 -20.66 12.40
CA ILE D 360 25.97 -19.55 12.49
C ILE D 360 25.35 -18.40 11.71
N PHE D 361 24.65 -17.51 12.40
CA PHE D 361 24.22 -16.26 11.79
C PHE D 361 25.45 -15.42 11.46
N ALA D 362 25.31 -14.58 10.44
CA ALA D 362 26.33 -13.60 10.08
C ALA D 362 25.65 -12.30 9.70
N THR D 363 26.23 -11.18 10.12
CA THR D 363 25.59 -9.89 9.93
C THR D 363 26.62 -8.79 9.86
N ASN D 364 26.24 -7.70 9.17
CA ASN D 364 27.04 -6.49 9.06
C ASN D 364 26.20 -5.23 9.26
N ARG D 365 25.04 -5.33 9.92
CA ARG D 365 24.13 -4.21 10.18
C ARG D 365 24.11 -3.97 11.68
N GLY D 366 24.32 -2.71 12.08
CA GLY D 366 24.44 -2.39 13.49
C GLY D 366 23.15 -2.53 14.26
N VAL D 367 22.18 -1.66 14.00
CA VAL D 367 20.85 -1.70 14.57
C VAL D 367 19.86 -1.63 13.42
N CYS D 368 18.83 -2.46 13.46
CA CYS D 368 17.93 -2.61 12.33
C CYS D 368 16.54 -2.99 12.82
N ASN D 369 15.53 -2.60 12.06
CA ASN D 369 14.16 -2.99 12.34
C ASN D 369 13.91 -4.41 11.84
N VAL D 370 13.43 -5.27 12.73
CA VAL D 370 13.09 -6.63 12.33
C VAL D 370 11.92 -6.58 11.37
N ARG D 371 12.03 -7.28 10.25
CA ARG D 371 11.01 -7.24 9.22
C ARG D 371 9.70 -7.83 9.74
N GLY D 372 8.59 -7.15 9.43
CA GLY D 372 7.29 -7.47 9.98
C GLY D 372 6.94 -6.73 11.25
N THR D 373 7.88 -5.99 11.85
CA THR D 373 7.62 -5.15 13.02
C THR D 373 8.30 -3.81 12.82
N ASP D 374 7.98 -2.87 13.72
CA ASP D 374 8.59 -1.54 13.77
C ASP D 374 9.46 -1.37 15.02
N MET D 375 10.05 -2.47 15.51
CA MET D 375 10.91 -2.45 16.69
C MET D 375 12.36 -2.46 16.22
N PRO D 376 13.15 -1.41 16.43
CA PRO D 376 14.60 -1.57 16.25
C PRO D 376 15.16 -2.59 17.21
N SER D 377 16.15 -3.35 16.74
CA SER D 377 16.83 -4.34 17.56
C SER D 377 18.27 -4.44 17.10
N PRO D 378 19.18 -4.96 17.92
CA PRO D 378 20.57 -5.14 17.46
C PRO D 378 20.65 -6.22 16.39
N HIS D 379 21.36 -5.90 15.31
CA HIS D 379 21.67 -6.85 14.24
C HIS D 379 20.42 -7.35 13.50
N GLY D 380 19.29 -6.66 13.61
CA GLY D 380 18.07 -7.14 12.99
C GLY D 380 17.51 -8.42 13.55
N VAL D 381 17.97 -8.85 14.73
CA VAL D 381 17.56 -10.11 15.37
C VAL D 381 16.65 -9.73 16.54
N PRO D 382 15.57 -10.46 16.84
CA PRO D 382 14.73 -10.07 17.98
C PRO D 382 15.41 -10.36 19.30
N ILE D 383 14.82 -9.82 20.37
CA ILE D 383 15.39 -9.97 21.70
C ILE D 383 15.21 -11.40 22.20
N ASP D 384 14.13 -12.08 21.82
CA ASP D 384 13.88 -13.42 22.34
C ASP D 384 14.93 -14.42 21.84
N LEU D 385 15.40 -14.28 20.60
CA LEU D 385 16.45 -15.13 20.07
C LEU D 385 17.85 -14.63 20.38
N LEU D 386 18.02 -13.33 20.64
CA LEU D 386 19.36 -12.78 20.87
C LEU D 386 19.99 -13.29 22.16
N ASP D 387 19.21 -13.82 23.10
CA ASP D 387 19.77 -14.29 24.35
C ASP D 387 20.70 -15.48 24.15
N ARG D 388 20.33 -16.39 23.24
CA ARG D 388 21.05 -17.65 23.05
C ARG D 388 22.13 -17.57 21.97
N LEU D 389 22.71 -16.39 21.74
CA LEU D 389 23.68 -16.14 20.69
C LEU D 389 25.03 -15.79 21.31
N VAL D 390 26.05 -16.58 20.98
CA VAL D 390 27.44 -16.23 21.26
C VAL D 390 27.92 -15.39 20.09
N ILE D 391 28.43 -14.20 20.39
CA ILE D 391 28.75 -13.18 19.39
C ILE D 391 30.26 -13.12 19.25
N ILE D 392 30.73 -13.00 18.01
CA ILE D 392 32.16 -12.89 17.67
C ILE D 392 32.35 -11.64 16.82
N ARG D 393 33.43 -10.92 17.08
CA ARG D 393 33.79 -9.69 16.37
C ARG D 393 34.90 -10.01 15.38
N THR D 394 34.72 -9.58 14.13
CA THR D 394 35.71 -9.69 13.08
C THR D 394 36.19 -8.29 12.68
N GLN D 395 37.50 -8.14 12.52
CA GLN D 395 38.14 -6.85 12.33
C GLN D 395 38.37 -6.58 10.85
N ILE D 396 38.29 -5.30 10.48
CA ILE D 396 38.77 -4.88 9.16
C ILE D 396 40.28 -5.16 9.10
N TYR D 397 40.78 -5.32 7.87
CA TYR D 397 42.12 -5.82 7.64
C TYR D 397 43.14 -4.69 7.50
N ASP D 398 44.38 -4.98 7.90
CA ASP D 398 45.50 -4.14 7.57
C ASP D 398 45.76 -4.29 6.06
N PRO D 399 46.41 -3.29 5.41
CA PRO D 399 46.82 -3.48 4.01
C PRO D 399 47.63 -4.73 3.73
N SER D 400 48.59 -5.09 4.59
CA SER D 400 49.41 -6.26 4.34
C SER D 400 48.58 -7.55 4.41
N GLU D 401 47.59 -7.60 5.30
CA GLU D 401 46.73 -8.77 5.36
C GLU D 401 45.87 -8.90 4.11
N MET D 402 45.37 -7.77 3.57
CA MET D 402 44.64 -7.82 2.31
C MET D 402 45.55 -8.24 1.17
N ILE D 403 46.81 -7.81 1.20
CA ILE D 403 47.79 -8.22 0.19
C ILE D 403 47.98 -9.73 0.24
N GLN D 404 48.12 -10.28 1.45
CA GLN D 404 48.32 -11.72 1.58
C GLN D 404 47.09 -12.50 1.16
N ILE D 405 45.89 -11.96 1.44
CA ILE D 405 44.65 -12.62 1.02
C ILE D 405 44.57 -12.67 -0.50
N ILE D 406 44.84 -11.54 -1.15
CA ILE D 406 44.79 -11.49 -2.61
C ILE D 406 45.87 -12.39 -3.20
N ALA D 407 47.04 -12.47 -2.55
CA ALA D 407 48.12 -13.31 -3.04
C ALA D 407 47.73 -14.79 -2.99
N ILE D 408 47.19 -15.25 -1.87
CA ILE D 408 46.84 -16.67 -1.77
C ILE D 408 45.66 -16.99 -2.68
N ARG D 409 44.72 -16.06 -2.83
CA ARG D 409 43.59 -16.29 -3.72
C ARG D 409 44.03 -16.37 -5.17
N ALA D 410 44.98 -15.51 -5.59
CA ALA D 410 45.51 -15.60 -6.93
C ALA D 410 46.31 -16.88 -7.12
N GLN D 411 47.06 -17.29 -6.10
CA GLN D 411 47.88 -18.50 -6.21
C GLN D 411 47.01 -19.75 -6.34
N VAL D 412 45.90 -19.82 -5.60
CA VAL D 412 45.06 -21.01 -5.64
C VAL D 412 44.36 -21.13 -6.99
N GLU D 413 44.04 -20.02 -7.63
CA GLU D 413 43.50 -20.03 -9.00
C GLU D 413 44.57 -20.22 -10.07
N GLU D 414 45.84 -20.48 -9.70
CA GLU D 414 46.94 -20.73 -10.63
C GLU D 414 47.17 -19.50 -11.51
N LEU D 415 47.41 -18.37 -10.83
CA LEU D 415 47.84 -17.13 -11.43
C LEU D 415 49.16 -16.71 -10.83
N THR D 416 50.01 -16.10 -11.65
CA THR D 416 51.23 -15.43 -11.21
C THR D 416 51.04 -13.94 -11.36
N VAL D 417 51.52 -13.18 -10.37
CA VAL D 417 51.13 -11.78 -10.20
C VAL D 417 52.29 -11.01 -9.58
N ASP D 418 52.45 -9.75 -9.99
CA ASP D 418 53.54 -8.91 -9.54
C ASP D 418 53.22 -8.28 -8.19
N GLU D 419 54.26 -7.82 -7.51
CA GLU D 419 54.09 -7.24 -6.18
C GLU D 419 53.34 -5.91 -6.26
N GLU D 420 53.74 -5.04 -7.18
CA GLU D 420 53.04 -3.76 -7.33
C GLU D 420 51.61 -3.97 -7.83
N CYS D 421 51.39 -5.02 -8.62
CA CYS D 421 50.03 -5.39 -9.00
C CYS D 421 49.21 -5.79 -7.78
N LEU D 422 49.83 -6.53 -6.85
CA LEU D 422 49.15 -6.85 -5.60
C LEU D 422 48.85 -5.60 -4.80
N VAL D 423 49.77 -4.62 -4.82
CA VAL D 423 49.54 -3.37 -4.12
C VAL D 423 48.33 -2.63 -4.70
N LEU D 424 48.22 -2.60 -6.02
CA LEU D 424 47.06 -1.96 -6.65
C LEU D 424 45.78 -2.72 -6.32
N LEU D 425 45.84 -4.05 -6.33
CA LEU D 425 44.65 -4.85 -6.00
C LEU D 425 44.24 -4.64 -4.55
N GLY D 426 45.20 -4.52 -3.64
CA GLY D 426 44.88 -4.22 -2.25
C GLY D 426 44.30 -2.84 -2.07
N GLU D 427 44.79 -1.87 -2.85
CA GLU D 427 44.21 -0.53 -2.81
C GLU D 427 42.76 -0.56 -3.28
N ILE D 428 42.48 -1.34 -4.33
CA ILE D 428 41.10 -1.49 -4.81
C ILE D 428 40.26 -2.19 -3.74
N GLY D 429 40.86 -3.16 -3.04
CA GLY D 429 40.11 -3.88 -2.02
C GLY D 429 39.72 -3.00 -0.85
N GLN D 430 40.66 -2.18 -0.38
CA GLN D 430 40.32 -1.22 0.67
C GLN D 430 39.36 -0.16 0.16
N ARG D 431 39.43 0.18 -1.12
CA ARG D 431 38.57 1.25 -1.64
C ARG D 431 37.11 0.84 -1.65
N THR D 432 36.81 -0.36 -2.19
CA THR D 432 35.43 -0.82 -2.40
C THR D 432 35.07 -1.99 -1.51
N SER D 433 35.78 -3.12 -1.64
CA SER D 433 35.55 -4.30 -0.82
C SER D 433 36.54 -5.37 -1.25
N LEU D 434 36.80 -6.31 -0.33
CA LEU D 434 37.72 -7.40 -0.64
C LEU D 434 37.12 -8.38 -1.65
N ARG D 435 35.79 -8.55 -1.64
CA ARG D 435 35.14 -9.47 -2.56
C ARG D 435 35.33 -9.02 -4.01
N HIS D 436 35.17 -7.72 -4.27
CA HIS D 436 35.43 -7.20 -5.61
C HIS D 436 36.88 -7.39 -6.01
N ALA D 437 37.81 -7.16 -5.08
CA ALA D 437 39.23 -7.27 -5.39
C ALA D 437 39.61 -8.70 -5.76
N VAL D 438 39.09 -9.69 -5.03
CA VAL D 438 39.38 -11.08 -5.40
C VAL D 438 38.69 -11.43 -6.72
N GLN D 439 37.46 -10.93 -6.94
CA GLN D 439 36.76 -11.30 -8.16
C GLN D 439 37.39 -10.68 -9.41
N LEU D 440 38.14 -9.58 -9.27
CA LEU D 440 38.80 -9.00 -10.43
C LEU D 440 39.98 -9.83 -10.94
N LEU D 441 40.42 -10.86 -10.22
CA LEU D 441 41.64 -11.58 -10.60
C LEU D 441 41.45 -12.36 -11.90
N SER D 442 40.31 -13.03 -12.05
CA SER D 442 40.05 -13.78 -13.28
C SER D 442 39.99 -12.88 -14.52
N PRO D 443 39.22 -11.78 -14.55
CA PRO D 443 39.31 -10.88 -15.71
C PRO D 443 40.69 -10.26 -15.87
N ALA D 444 41.43 -10.06 -14.80
CA ALA D 444 42.81 -9.61 -14.93
C ALA D 444 43.65 -10.66 -15.65
N SER D 445 43.45 -11.93 -15.33
CA SER D 445 44.18 -12.99 -16.02
C SER D 445 43.78 -13.07 -17.49
N ILE D 446 42.49 -12.88 -17.80
CA ILE D 446 42.06 -12.95 -19.19
C ILE D 446 42.61 -11.76 -19.97
N VAL D 447 42.64 -10.57 -19.35
CA VAL D 447 43.18 -9.40 -20.03
C VAL D 447 44.69 -9.56 -20.23
N ALA D 448 45.37 -10.18 -19.26
CA ALA D 448 46.81 -10.42 -19.42
C ALA D 448 47.07 -11.44 -20.52
N LYS D 449 46.20 -12.46 -20.62
CA LYS D 449 46.36 -13.48 -21.67
C LYS D 449 46.21 -12.84 -23.05
N MET D 450 45.25 -11.94 -23.21
CA MET D 450 45.27 -11.06 -24.36
C MET D 450 46.51 -10.19 -24.30
N ASN D 451 47.07 -9.87 -25.47
CA ASN D 451 48.38 -9.26 -25.66
C ASN D 451 49.54 -10.18 -25.31
N GLY D 452 49.29 -11.47 -25.08
CA GLY D 452 50.36 -12.46 -25.00
C GLY D 452 51.33 -12.31 -23.84
N ARG D 453 50.82 -12.11 -22.62
CA ARG D 453 51.64 -12.08 -21.42
C ARG D 453 51.04 -13.03 -20.39
N ASP D 454 51.84 -14.00 -19.95
CA ASP D 454 51.36 -14.94 -18.95
C ASP D 454 51.25 -14.29 -17.56
N ASN D 455 52.15 -13.36 -17.25
CA ASN D 455 52.16 -12.68 -15.96
C ASN D 455 51.24 -11.47 -16.00
N ILE D 456 50.42 -11.32 -14.96
CA ILE D 456 49.51 -10.20 -14.85
C ILE D 456 50.30 -8.97 -14.40
N CYS D 457 50.01 -7.82 -15.03
CA CYS D 457 50.73 -6.57 -14.82
C CYS D 457 49.80 -5.51 -14.26
N LYS D 458 50.39 -4.37 -13.88
CA LYS D 458 49.63 -3.29 -13.27
C LYS D 458 48.64 -2.66 -14.24
N ALA D 459 49.04 -2.51 -15.50
CA ALA D 459 48.16 -1.92 -16.50
C ALA D 459 46.93 -2.79 -16.74
N ASP D 460 47.04 -4.11 -16.55
CA ASP D 460 45.88 -4.98 -16.66
C ASP D 460 44.84 -4.64 -15.60
N ILE D 461 45.28 -4.36 -14.37
CA ILE D 461 44.34 -3.99 -13.31
C ILE D 461 43.80 -2.59 -13.54
N GLU D 462 44.64 -1.69 -14.06
CA GLU D 462 44.14 -0.34 -14.38
C GLU D 462 43.08 -0.38 -15.47
N GLU D 463 43.22 -1.32 -16.41
CA GLU D 463 42.19 -1.54 -17.42
C GLU D 463 40.94 -2.17 -16.81
N VAL D 464 41.13 -3.20 -15.99
CA VAL D 464 40.01 -4.02 -15.52
C VAL D 464 39.15 -3.24 -14.52
N THR D 465 39.78 -2.50 -13.61
CA THR D 465 39.01 -1.71 -12.65
C THR D 465 38.22 -0.61 -13.34
N SER D 466 38.69 -0.13 -14.50
CA SER D 466 37.89 0.80 -15.29
C SER D 466 36.76 0.09 -15.99
N LEU D 467 37.00 -1.13 -16.50
CA LEU D 467 35.97 -1.85 -17.23
C LEU D 467 34.83 -2.26 -16.31
N TYR D 468 35.14 -2.90 -15.18
CA TYR D 468 34.16 -3.42 -14.23
C TYR D 468 34.20 -2.60 -12.96
N LEU D 469 33.06 -2.01 -12.60
CA LEU D 469 32.89 -1.25 -11.38
C LEU D 469 32.19 -2.11 -10.34
N ASP D 470 32.39 -1.75 -9.08
CA ASP D 470 31.65 -2.38 -7.99
C ASP D 470 30.22 -1.86 -7.98
N ALA D 471 29.40 -2.43 -7.10
CA ALA D 471 27.97 -2.09 -7.09
C ALA D 471 27.73 -0.67 -6.60
N LYS D 472 28.45 -0.24 -5.56
CA LYS D 472 28.24 1.10 -5.01
C LYS D 472 28.67 2.17 -6.00
N SER D 473 29.85 1.99 -6.64
CA SER D 473 30.32 2.96 -7.62
C SER D 473 29.40 3.01 -8.83
N SER D 474 28.90 1.85 -9.26
CA SER D 474 27.99 1.82 -10.40
C SER D 474 26.67 2.51 -10.07
N ALA D 475 26.14 2.29 -8.87
CA ALA D 475 24.91 2.97 -8.47
C ALA D 475 25.12 4.47 -8.38
N LYS D 476 26.28 4.90 -7.86
CA LYS D 476 26.60 6.32 -7.83
C LYS D 476 26.69 6.91 -9.23
N LEU D 477 27.32 6.18 -10.15
CA LEU D 477 27.44 6.63 -11.53
C LEU D 477 26.07 6.75 -12.20
N LEU D 478 25.19 5.78 -11.97
CA LEU D 478 23.86 5.86 -12.55
C LEU D 478 23.06 6.99 -11.93
N HIS D 479 23.24 7.25 -10.64
CA HIS D 479 22.51 8.35 -10.01
C HIS D 479 23.01 9.71 -10.48
N GLU D 480 24.30 9.81 -10.81
CA GLU D 480 24.81 11.05 -11.39
C GLU D 480 24.16 11.34 -12.74
N GLN D 481 24.01 10.31 -13.58
CA GLN D 481 23.41 10.47 -14.90
C GLN D 481 21.91 10.66 -14.76
N GLN E 63 -34.68 25.39 0.22
CA GLN E 63 -33.95 25.19 -1.07
C GLN E 63 -34.80 25.64 -2.24
N VAL E 64 -34.42 26.78 -2.82
CA VAL E 64 -35.09 27.36 -3.98
C VAL E 64 -34.20 27.31 -5.22
N LYS E 65 -32.93 27.68 -5.07
CA LYS E 65 -32.00 27.60 -6.20
C LYS E 65 -31.78 26.15 -6.62
N ALA E 66 -31.61 25.24 -5.66
CA ALA E 66 -31.42 23.84 -5.98
C ALA E 66 -32.67 23.25 -6.64
N ARG E 67 -33.85 23.63 -6.15
CA ARG E 67 -35.08 23.13 -6.76
C ARG E 67 -35.30 23.72 -8.15
N LYS E 68 -34.92 24.98 -8.37
CA LYS E 68 -34.99 25.54 -9.72
C LYS E 68 -34.02 24.83 -10.66
N ALA E 69 -32.82 24.50 -10.17
CA ALA E 69 -31.88 23.74 -10.98
C ALA E 69 -32.44 22.35 -11.31
N ALA E 70 -33.10 21.73 -10.33
CA ALA E 70 -33.76 20.45 -10.58
C ALA E 70 -34.86 20.58 -11.62
N GLY E 71 -35.60 21.71 -11.59
CA GLY E 71 -36.61 21.94 -12.61
C GLY E 71 -36.04 22.11 -14.00
N VAL E 72 -34.92 22.83 -14.11
CA VAL E 72 -34.27 23.00 -15.41
C VAL E 72 -33.75 21.65 -15.92
N ILE E 73 -33.17 20.84 -15.04
CA ILE E 73 -32.72 19.51 -15.43
C ILE E 73 -33.92 18.65 -15.82
N LEU E 74 -35.05 18.82 -15.14
CA LEU E 74 -36.24 18.07 -15.49
C LEU E 74 -36.75 18.44 -16.87
N GLN E 75 -36.68 19.74 -17.22
CA GLN E 75 -37.04 20.14 -18.58
C GLN E 75 -36.07 19.57 -19.59
N MET E 76 -34.77 19.52 -19.26
CA MET E 76 -33.79 18.88 -20.12
C MET E 76 -34.11 17.40 -20.32
N ILE E 77 -34.60 16.74 -19.26
CA ILE E 77 -35.01 15.34 -19.37
C ILE E 77 -36.22 15.23 -20.29
N ARG E 78 -37.20 16.12 -20.12
CA ARG E 78 -38.45 16.02 -20.86
C ARG E 78 -38.24 16.26 -22.35
N GLU E 79 -37.47 17.29 -22.71
CA GLU E 79 -37.12 17.49 -24.12
C GLU E 79 -36.07 16.48 -24.62
N GLY E 80 -35.47 15.68 -23.74
CA GLY E 80 -34.50 14.69 -24.18
C GLY E 80 -33.13 15.22 -24.51
N LYS E 81 -32.86 16.50 -24.23
CA LYS E 81 -31.55 17.06 -24.52
C LYS E 81 -30.46 16.47 -23.63
N ILE E 82 -30.81 15.97 -22.45
CA ILE E 82 -29.84 15.29 -21.60
C ILE E 82 -29.59 13.90 -22.18
N ALA E 83 -28.31 13.58 -22.41
CA ALA E 83 -27.95 12.32 -23.03
C ALA E 83 -26.47 12.06 -22.84
N GLY E 84 -26.12 10.90 -22.28
CA GLY E 84 -24.75 10.66 -21.87
C GLY E 84 -24.29 11.63 -20.81
N ARG E 85 -25.20 12.05 -19.92
CA ARG E 85 -24.93 13.02 -18.88
C ARG E 85 -25.61 12.58 -17.60
N ALA E 86 -25.07 13.04 -16.47
CA ALA E 86 -25.57 12.73 -15.14
C ALA E 86 -25.68 14.04 -14.36
N ILE E 87 -26.19 13.94 -13.14
CA ILE E 87 -26.44 15.09 -12.27
C ILE E 87 -25.80 14.80 -10.91
N LEU E 88 -25.24 15.85 -10.30
CA LEU E 88 -24.64 15.79 -8.98
C LEU E 88 -25.30 16.83 -8.07
N ILE E 89 -25.58 16.42 -6.84
CA ILE E 89 -26.19 17.29 -5.82
C ILE E 89 -25.19 17.39 -4.69
N ALA E 90 -24.53 18.54 -4.58
CA ALA E 90 -23.50 18.80 -3.59
C ALA E 90 -24.05 19.66 -2.45
N GLY E 91 -23.23 19.82 -1.42
CA GLY E 91 -23.52 20.64 -0.26
C GLY E 91 -23.25 19.90 1.02
N GLN E 92 -23.53 20.58 2.13
CA GLN E 92 -23.28 20.02 3.45
C GLN E 92 -24.23 18.85 3.71
N PRO E 93 -23.90 17.97 4.66
CA PRO E 93 -24.73 16.78 4.86
C PRO E 93 -26.13 17.11 5.38
N GLY E 94 -27.08 16.27 4.99
CA GLY E 94 -28.43 16.39 5.50
C GLY E 94 -29.22 17.57 5.02
N THR E 95 -28.83 18.20 3.91
CA THR E 95 -29.55 19.35 3.35
C THR E 95 -30.56 18.91 2.30
N GLY E 96 -31.38 17.91 2.65
CA GLY E 96 -32.50 17.49 1.81
C GLY E 96 -32.15 17.04 0.41
N LYS E 97 -30.97 16.46 0.21
CA LYS E 97 -30.58 16.04 -1.14
C LYS E 97 -31.47 14.93 -1.66
N THR E 98 -31.77 13.95 -0.81
CA THR E 98 -32.69 12.88 -1.21
C THR E 98 -34.09 13.42 -1.45
N ALA E 99 -34.48 14.48 -0.76
CA ALA E 99 -35.75 15.13 -1.04
C ALA E 99 -35.78 15.69 -2.45
N ILE E 100 -34.68 16.32 -2.89
CA ILE E 100 -34.58 16.82 -4.26
C ILE E 100 -34.66 15.65 -5.25
N ALA E 101 -33.96 14.55 -4.94
CA ALA E 101 -33.93 13.41 -5.87
C ALA E 101 -35.32 12.79 -6.04
N MET E 102 -35.99 12.48 -4.94
CA MET E 102 -37.34 11.94 -5.03
C MET E 102 -38.32 12.94 -5.59
N GLY E 103 -38.14 14.23 -5.32
CA GLY E 103 -39.01 15.23 -5.92
C GLY E 103 -38.89 15.27 -7.43
N MET E 104 -37.67 15.19 -7.94
CA MET E 104 -37.48 15.13 -9.40
C MET E 104 -38.07 13.84 -9.96
N ALA E 105 -37.88 12.73 -9.25
CA ALA E 105 -38.38 11.45 -9.74
C ALA E 105 -39.91 11.42 -9.82
N LYS E 106 -40.58 11.97 -8.79
CA LYS E 106 -42.04 12.04 -8.83
C LYS E 106 -42.52 13.08 -9.83
N SER E 107 -41.77 14.18 -9.99
CA SER E 107 -42.17 15.21 -10.93
C SER E 107 -42.07 14.75 -12.38
N LEU E 108 -41.14 13.84 -12.68
CA LEU E 108 -41.20 13.15 -13.97
C LEU E 108 -42.49 12.32 -14.07
N GLY E 109 -42.86 11.66 -12.98
CA GLY E 109 -44.07 10.86 -12.95
C GLY E 109 -44.03 9.83 -11.84
N LEU E 110 -45.17 9.63 -11.16
CA LEU E 110 -45.24 8.63 -10.12
C LEU E 110 -45.05 7.23 -10.68
N GLU E 111 -45.50 6.99 -11.91
CA GLU E 111 -45.29 5.71 -12.57
C GLU E 111 -43.82 5.41 -12.83
N THR E 112 -42.98 6.44 -12.95
CA THR E 112 -41.57 6.19 -13.25
C THR E 112 -40.86 5.64 -12.00
N PRO E 113 -39.91 4.71 -12.15
CA PRO E 113 -39.31 4.10 -10.96
C PRO E 113 -38.21 4.98 -10.37
N PHE E 114 -37.73 4.55 -9.21
CA PHE E 114 -36.68 5.24 -8.47
C PHE E 114 -35.91 4.20 -7.68
N ALA E 115 -34.63 4.47 -7.43
CA ALA E 115 -33.77 3.52 -6.73
C ALA E 115 -32.66 4.27 -6.01
N MET E 116 -32.68 4.23 -4.68
CA MET E 116 -31.63 4.78 -3.83
C MET E 116 -30.91 3.58 -3.20
N ILE E 117 -29.67 3.33 -3.66
CA ILE E 117 -28.98 2.07 -3.41
C ILE E 117 -27.63 2.31 -2.74
N ALA E 118 -27.00 3.45 -3.02
CA ALA E 118 -25.56 3.55 -2.91
C ALA E 118 -25.14 4.15 -1.57
N GLY E 119 -23.84 4.46 -1.47
CA GLY E 119 -23.19 4.90 -0.26
C GLY E 119 -22.16 3.87 0.16
N SER E 120 -21.97 3.70 1.46
CA SER E 120 -21.27 2.53 1.98
C SER E 120 -22.18 1.30 2.08
N GLU E 121 -23.43 1.39 1.63
CA GLU E 121 -24.28 0.21 1.50
C GLU E 121 -23.64 -0.82 0.57
N ILE E 122 -23.15 -0.35 -0.58
CA ILE E 122 -22.27 -1.18 -1.39
C ILE E 122 -21.00 -1.48 -0.60
N PHE E 123 -20.34 -2.59 -0.94
CA PHE E 123 -19.17 -3.15 -0.24
C PHE E 123 -19.53 -3.76 1.11
N SER E 124 -20.82 -4.05 1.37
CA SER E 124 -21.26 -4.72 2.59
C SER E 124 -22.30 -5.80 2.37
N LEU E 125 -23.05 -5.78 1.27
CA LEU E 125 -24.03 -6.82 1.01
C LEU E 125 -23.35 -8.14 0.65
N GLU E 126 -24.16 -9.22 0.72
CA GLU E 126 -23.67 -10.54 0.36
C GLU E 126 -23.21 -10.64 -1.09
N MET E 127 -23.76 -9.80 -1.98
CA MET E 127 -23.43 -9.83 -3.40
C MET E 127 -22.32 -8.84 -3.70
N SER E 128 -21.66 -9.06 -4.84
CA SER E 128 -20.55 -8.20 -5.24
C SER E 128 -21.05 -6.79 -5.56
N LYS E 129 -20.10 -5.86 -5.65
CA LYS E 129 -20.45 -4.46 -5.93
C LYS E 129 -21.05 -4.32 -7.33
N THR E 130 -20.49 -5.03 -8.31
CA THR E 130 -20.99 -4.92 -9.67
C THR E 130 -22.39 -5.50 -9.80
N GLU E 131 -22.68 -6.58 -9.07
CA GLU E 131 -24.01 -7.17 -9.14
C GLU E 131 -25.05 -6.25 -8.52
N ALA E 132 -24.72 -5.61 -7.40
CA ALA E 132 -25.64 -4.67 -6.78
C ALA E 132 -25.88 -3.46 -7.67
N LEU E 133 -24.81 -2.93 -8.29
CA LEU E 133 -24.96 -1.81 -9.19
C LEU E 133 -25.79 -2.18 -10.42
N THR E 134 -25.58 -3.39 -10.97
CA THR E 134 -26.36 -3.83 -12.11
C THR E 134 -27.84 -3.98 -11.75
N GLN E 135 -28.12 -4.56 -10.57
CA GLN E 135 -29.50 -4.75 -10.14
C GLN E 135 -30.19 -3.41 -9.91
N SER E 136 -29.49 -2.45 -9.31
CA SER E 136 -30.10 -1.14 -9.10
C SER E 136 -30.29 -0.40 -10.42
N PHE E 137 -29.35 -0.55 -11.36
CA PHE E 137 -29.51 0.07 -12.68
C PHE E 137 -30.71 -0.50 -13.41
N ARG E 138 -30.88 -1.82 -13.36
CA ARG E 138 -32.07 -2.44 -13.95
C ARG E 138 -33.34 -2.11 -13.18
N LYS E 139 -33.22 -1.75 -11.90
CA LYS E 139 -34.39 -1.38 -11.11
C LYS E 139 -35.05 -0.10 -11.64
N ALA E 140 -34.27 0.81 -12.22
CA ALA E 140 -34.72 2.15 -12.60
C ALA E 140 -35.07 2.26 -14.07
N ILE E 141 -35.65 1.20 -14.66
CA ILE E 141 -36.09 1.18 -16.05
C ILE E 141 -37.48 0.57 -16.06
N GLY E 142 -38.52 1.40 -16.11
CA GLY E 142 -39.87 0.92 -15.91
C GLY E 142 -40.56 0.49 -17.19
N VAL E 143 -40.98 -0.78 -17.24
CA VAL E 143 -41.70 -1.34 -18.39
C VAL E 143 -43.18 -1.30 -18.06
N ARG E 144 -43.94 -0.58 -18.86
CA ARG E 144 -45.39 -0.42 -18.70
C ARG E 144 -46.13 -0.86 -19.96
N CYS E 256 -47.16 -1.10 -13.61
CA CYS E 256 -45.80 -1.05 -14.19
C CYS E 256 -44.88 -2.08 -13.55
N VAL E 257 -43.94 -2.59 -14.33
CA VAL E 257 -42.94 -3.55 -13.88
C VAL E 257 -41.59 -3.14 -14.45
N THR E 258 -40.55 -3.21 -13.62
CA THR E 258 -39.20 -2.85 -14.02
C THR E 258 -38.47 -4.06 -14.59
N LEU E 259 -37.32 -3.79 -15.20
CA LEU E 259 -36.52 -4.88 -15.76
C LEU E 259 -35.97 -5.78 -14.65
N HIS E 260 -35.62 -5.20 -13.51
CA HIS E 260 -35.13 -6.02 -12.40
C HIS E 260 -36.22 -6.91 -11.84
N GLU E 261 -37.47 -6.44 -11.84
CA GLU E 261 -38.57 -7.29 -11.41
C GLU E 261 -38.76 -8.45 -12.38
N ILE E 262 -38.55 -8.19 -13.68
CA ILE E 262 -38.59 -9.27 -14.66
C ILE E 262 -37.49 -10.27 -14.39
N ASP E 263 -36.31 -9.79 -13.96
CA ASP E 263 -35.21 -10.70 -13.66
C ASP E 263 -35.55 -11.56 -12.45
N VAL E 264 -36.20 -10.98 -11.44
CA VAL E 264 -36.58 -11.77 -10.26
C VAL E 264 -37.66 -12.78 -10.64
N ILE E 265 -38.60 -12.39 -11.51
CA ILE E 265 -39.63 -13.33 -11.94
C ILE E 265 -39.02 -14.49 -12.73
N ASN E 266 -38.07 -14.18 -13.62
CA ASN E 266 -37.41 -15.20 -14.42
C ASN E 266 -36.35 -15.99 -13.66
N SER E 267 -36.02 -15.61 -12.42
CA SER E 267 -35.07 -16.37 -11.62
C SER E 267 -35.61 -17.75 -11.29
N THR E 280 -29.98 -13.39 -5.64
CA THR E 280 -29.21 -12.82 -6.77
C THR E 280 -28.97 -13.88 -7.84
N GLY E 281 -28.20 -14.91 -7.49
CA GLY E 281 -27.85 -15.95 -8.44
C GLY E 281 -27.00 -15.43 -9.58
N GLU E 282 -27.56 -15.40 -10.78
CA GLU E 282 -26.91 -14.86 -11.97
C GLU E 282 -27.92 -14.05 -12.77
N ILE E 283 -27.41 -13.09 -13.53
CA ILE E 283 -28.22 -12.23 -14.39
C ILE E 283 -28.15 -12.81 -15.81
N ARG E 284 -29.31 -13.10 -16.38
CA ARG E 284 -29.41 -13.66 -17.72
C ARG E 284 -29.42 -12.54 -18.75
N SER E 285 -28.57 -12.69 -19.78
CA SER E 285 -28.53 -11.72 -20.86
C SER E 285 -29.66 -11.89 -21.87
N GLU E 286 -30.45 -12.97 -21.78
CA GLU E 286 -31.54 -13.17 -22.74
C GLU E 286 -32.61 -12.10 -22.62
N VAL E 287 -32.77 -11.50 -21.43
CA VAL E 287 -33.87 -10.57 -21.18
C VAL E 287 -33.72 -9.33 -22.05
N ARG E 288 -32.48 -8.88 -22.29
CA ARG E 288 -32.28 -7.71 -23.13
C ARG E 288 -32.70 -7.99 -24.58
N GLU E 289 -32.37 -9.17 -25.10
CA GLU E 289 -32.80 -9.51 -26.46
C GLU E 289 -34.32 -9.63 -26.54
N GLN E 290 -34.94 -10.31 -25.56
CA GLN E 290 -36.39 -10.48 -25.58
C GLN E 290 -37.11 -9.14 -25.48
N ILE E 291 -36.68 -8.27 -24.58
CA ILE E 291 -37.38 -7.00 -24.39
C ILE E 291 -37.08 -6.06 -25.55
N ASP E 292 -35.91 -6.17 -26.19
CA ASP E 292 -35.66 -5.41 -27.40
C ASP E 292 -36.62 -5.82 -28.52
N THR E 293 -36.82 -7.13 -28.67
CA THR E 293 -37.80 -7.60 -29.65
C THR E 293 -39.21 -7.13 -29.30
N LYS E 294 -39.54 -7.12 -28.01
CA LYS E 294 -40.88 -6.73 -27.59
C LYS E 294 -41.12 -5.24 -27.80
N VAL E 295 -40.16 -4.39 -27.43
CA VAL E 295 -40.35 -2.95 -27.63
C VAL E 295 -40.32 -2.62 -29.12
N ALA E 296 -39.58 -3.39 -29.92
CA ALA E 296 -39.67 -3.23 -31.37
C ALA E 296 -41.06 -3.60 -31.87
N GLU E 297 -41.65 -4.66 -31.32
CA GLU E 297 -42.96 -5.15 -31.76
C GLU E 297 -44.10 -4.54 -30.96
N TRP E 298 -44.14 -4.80 -29.65
CA TRP E 298 -45.18 -4.29 -28.76
C TRP E 298 -44.75 -2.92 -28.24
N ARG E 299 -45.24 -1.86 -28.88
CA ARG E 299 -45.15 -0.51 -28.36
C ARG E 299 -46.37 0.27 -28.84
N GLU E 300 -46.70 1.32 -28.07
CA GLU E 300 -47.95 2.07 -28.24
C GLU E 300 -49.18 1.17 -28.09
N GLU E 301 -49.07 0.13 -27.24
CA GLU E 301 -50.16 -0.77 -26.91
C GLU E 301 -50.42 -0.89 -25.40
N GLY E 302 -49.57 -0.32 -24.55
CA GLY E 302 -49.74 -0.46 -23.12
C GLY E 302 -49.28 -1.79 -22.56
N LYS E 303 -48.38 -2.50 -23.25
CA LYS E 303 -47.88 -3.80 -22.86
C LYS E 303 -46.40 -3.80 -22.53
N ALA E 304 -45.55 -3.32 -23.45
CA ALA E 304 -44.09 -3.41 -23.34
C ALA E 304 -43.42 -2.11 -23.77
N GLU E 305 -44.06 -0.97 -23.51
CA GLU E 305 -43.39 0.31 -23.62
C GLU E 305 -42.47 0.47 -22.41
N ILE E 306 -41.45 1.33 -22.55
CA ILE E 306 -40.43 1.53 -21.52
C ILE E 306 -40.27 3.03 -21.28
N VAL E 307 -40.14 3.40 -20.01
CA VAL E 307 -39.81 4.76 -19.56
C VAL E 307 -38.51 4.61 -18.76
N PRO E 308 -37.56 5.56 -18.83
CA PRO E 308 -36.36 5.45 -17.99
C PRO E 308 -36.55 6.14 -16.65
N GLY E 309 -36.10 5.45 -15.60
CA GLY E 309 -36.22 5.95 -14.24
C GLY E 309 -35.07 6.85 -13.85
N VAL E 310 -35.17 7.37 -12.63
CA VAL E 310 -34.16 8.23 -12.04
C VAL E 310 -33.41 7.41 -10.99
N LEU E 311 -32.30 6.81 -11.40
CA LEU E 311 -31.40 6.20 -10.43
C LEU E 311 -30.80 7.29 -9.55
N PHE E 312 -30.56 6.94 -8.28
CA PHE E 312 -29.98 7.84 -7.29
C PHE E 312 -28.89 7.07 -6.55
N ILE E 313 -27.65 7.55 -6.67
CA ILE E 313 -26.48 6.92 -6.06
C ILE E 313 -26.03 7.86 -4.95
N ASP E 314 -26.57 7.65 -3.75
CA ASP E 314 -26.30 8.57 -2.64
C ASP E 314 -24.91 8.26 -2.10
N GLU E 315 -24.19 9.32 -1.73
CA GLU E 315 -22.85 9.25 -1.14
C GLU E 315 -21.91 8.50 -2.10
N VAL E 316 -21.69 9.16 -3.25
CA VAL E 316 -20.94 8.54 -4.33
C VAL E 316 -19.43 8.58 -4.10
N HIS E 317 -18.94 9.39 -3.16
CA HIS E 317 -17.50 9.44 -2.93
C HIS E 317 -16.95 8.15 -2.34
N MET E 318 -17.79 7.30 -1.74
CA MET E 318 -17.35 5.99 -1.30
C MET E 318 -17.18 4.99 -2.44
N LEU E 319 -17.75 5.24 -3.60
CA LEU E 319 -17.66 4.28 -4.70
C LEU E 319 -16.23 4.15 -5.21
N ASP E 320 -15.85 2.93 -5.55
CA ASP E 320 -14.51 2.63 -6.03
C ASP E 320 -14.38 3.08 -7.49
N ILE E 321 -13.13 3.13 -7.97
CA ILE E 321 -12.87 3.39 -9.37
C ILE E 321 -13.44 2.26 -10.24
N GLU E 322 -13.51 1.04 -9.70
CA GLU E 322 -14.20 -0.05 -10.37
C GLU E 322 -15.67 0.30 -10.60
N CYS E 323 -16.32 0.87 -9.58
CA CYS E 323 -17.73 1.24 -9.70
C CYS E 323 -17.92 2.37 -10.70
N PHE E 324 -17.00 3.34 -10.73
CA PHE E 324 -17.11 4.42 -11.72
C PHE E 324 -16.91 3.90 -13.14
N SER E 325 -15.98 2.95 -13.32
CA SER E 325 -15.79 2.34 -14.63
C SER E 325 -17.04 1.58 -15.05
N PHE E 326 -17.67 0.87 -14.12
CA PHE E 326 -18.92 0.19 -14.43
C PHE E 326 -20.02 1.19 -14.76
N LEU E 327 -20.05 2.33 -14.06
CA LEU E 327 -21.03 3.37 -14.36
C LEU E 327 -20.84 3.91 -15.77
N ASN E 328 -19.59 4.13 -16.17
CA ASN E 328 -19.32 4.61 -17.53
C ASN E 328 -19.74 3.58 -18.57
N ARG E 329 -19.47 2.30 -18.29
CA ARG E 329 -19.86 1.26 -19.25
C ARG E 329 -21.38 1.09 -19.30
N ALA E 330 -22.08 1.34 -18.20
CA ALA E 330 -23.52 1.13 -18.14
C ALA E 330 -24.32 2.32 -18.65
N LEU E 331 -23.79 3.54 -18.52
CA LEU E 331 -24.54 4.72 -18.99
C LEU E 331 -24.62 4.74 -20.51
N GLU E 332 -23.54 4.34 -21.19
CA GLU E 332 -23.51 4.37 -22.65
C GLU E 332 -24.51 3.40 -23.28
N ASN E 333 -24.96 2.38 -22.54
CA ASN E 333 -26.00 1.49 -23.04
C ASN E 333 -27.29 2.27 -23.25
N GLU E 334 -28.01 1.91 -24.31
CA GLU E 334 -29.33 2.48 -24.60
C GLU E 334 -30.30 2.19 -23.43
N MET E 335 -31.39 2.96 -23.40
CA MET E 335 -32.48 2.88 -22.40
C MET E 335 -31.94 2.82 -20.97
N SER E 336 -30.94 3.64 -20.68
CA SER E 336 -30.32 3.71 -19.37
C SER E 336 -31.12 4.65 -18.47
N PRO E 337 -30.97 4.54 -17.14
CA PRO E 337 -31.65 5.48 -16.25
C PRO E 337 -30.92 6.81 -16.16
N ILE E 338 -31.65 7.82 -15.69
CA ILE E 338 -31.08 9.15 -15.49
C ILE E 338 -30.30 9.11 -14.19
N LEU E 339 -28.98 9.09 -14.29
CA LEU E 339 -28.14 8.95 -13.10
C LEU E 339 -28.16 10.24 -12.29
N VAL E 340 -28.27 10.10 -10.98
CA VAL E 340 -28.13 11.19 -10.02
C VAL E 340 -27.22 10.71 -8.91
N VAL E 341 -26.29 11.58 -8.48
CA VAL E 341 -25.33 11.26 -7.44
C VAL E 341 -25.31 12.40 -6.43
N ALA E 342 -24.82 12.09 -5.23
CA ALA E 342 -24.77 13.02 -4.10
C ALA E 342 -23.41 12.95 -3.44
N THR E 343 -22.98 14.09 -2.89
CA THR E 343 -21.65 14.20 -2.30
C THR E 343 -21.69 15.31 -1.25
N ASN E 344 -20.92 15.12 -0.17
CA ASN E 344 -20.76 16.11 0.89
C ASN E 344 -19.29 16.23 1.28
N ARG E 345 -18.40 16.19 0.28
CA ARG E 345 -16.96 16.37 0.48
C ARG E 345 -16.41 17.10 -0.72
N GLY E 346 -15.45 18.00 -0.47
CA GLY E 346 -14.93 18.85 -1.53
C GLY E 346 -13.95 18.19 -2.46
N VAL E 347 -12.78 17.81 -1.94
CA VAL E 347 -11.72 17.17 -2.71
C VAL E 347 -11.25 15.97 -1.91
N THR E 348 -11.26 14.79 -2.52
CA THR E 348 -10.89 13.55 -1.84
C THR E 348 -10.08 12.66 -2.78
N THR E 349 -9.39 11.70 -2.18
CA THR E 349 -8.76 10.63 -2.94
C THR E 349 -9.82 9.75 -3.58
N ILE E 350 -9.60 9.39 -4.84
CA ILE E 350 -10.48 8.43 -5.49
C ILE E 350 -10.30 7.09 -4.82
N ARG E 351 -11.40 6.44 -4.46
CA ARG E 351 -11.32 5.16 -3.78
C ARG E 351 -10.80 4.11 -4.75
N GLY E 352 -9.66 3.52 -4.42
CA GLY E 352 -8.97 2.56 -5.26
C GLY E 352 -7.75 3.11 -5.99
N THR E 353 -7.53 4.42 -5.98
CA THR E 353 -6.33 5.03 -6.55
C THR E 353 -5.80 6.08 -5.58
N ASN E 354 -4.62 6.59 -5.89
CA ASN E 354 -3.96 7.59 -5.06
C ASN E 354 -4.32 9.02 -5.45
N GLN E 355 -4.59 9.27 -6.72
CA GLN E 355 -4.79 10.63 -7.20
C GLN E 355 -6.08 11.23 -6.65
N LYS E 356 -6.01 12.50 -6.26
CA LYS E 356 -7.15 13.21 -5.71
C LYS E 356 -8.00 13.82 -6.83
N SER E 357 -9.23 14.17 -6.48
CA SER E 357 -10.15 14.79 -7.42
C SER E 357 -11.24 15.53 -6.63
N PRO E 358 -11.92 16.49 -7.25
CA PRO E 358 -13.11 17.07 -6.61
C PRO E 358 -14.20 16.02 -6.44
N HIS E 359 -14.81 16.01 -5.25
CA HIS E 359 -15.95 15.16 -4.91
C HIS E 359 -15.63 13.66 -4.91
N GLY E 360 -14.36 13.27 -5.00
CA GLY E 360 -14.01 11.86 -5.06
C GLY E 360 -14.57 11.14 -6.27
N ILE E 361 -14.59 11.81 -7.42
CA ILE E 361 -15.17 11.32 -8.67
C ILE E 361 -14.10 11.51 -9.74
N PRO E 362 -13.94 10.63 -10.74
CA PRO E 362 -12.95 10.89 -11.78
C PRO E 362 -13.32 12.09 -12.64
N ILE E 363 -12.28 12.68 -13.25
CA ILE E 363 -12.46 13.88 -14.07
C ILE E 363 -13.33 13.59 -15.28
N ASP E 364 -13.23 12.37 -15.84
CA ASP E 364 -14.05 12.02 -16.99
C ASP E 364 -15.53 11.99 -16.64
N LEU E 365 -15.87 11.66 -15.38
CA LEU E 365 -17.23 11.83 -14.90
C LEU E 365 -17.57 13.29 -14.66
N LEU E 366 -16.64 14.02 -14.04
CA LEU E 366 -16.92 15.40 -13.64
C LEU E 366 -17.09 16.34 -14.83
N ASP E 367 -16.56 15.99 -15.99
CA ASP E 367 -16.76 16.77 -17.21
C ASP E 367 -18.10 16.50 -17.89
N ARG E 368 -19.01 15.75 -17.26
CA ARG E 368 -20.36 15.51 -17.75
C ARG E 368 -21.46 15.78 -16.73
N LEU E 369 -21.11 16.09 -15.48
CA LEU E 369 -22.09 16.22 -14.40
C LEU E 369 -22.59 17.65 -14.30
N LEU E 370 -23.92 17.81 -14.28
CA LEU E 370 -24.55 19.08 -13.93
C LEU E 370 -24.61 19.15 -12.40
N ILE E 371 -23.76 19.97 -11.81
CA ILE E 371 -23.57 19.97 -10.36
C ILE E 371 -24.55 20.97 -9.75
N ILE E 372 -25.58 20.45 -9.09
CA ILE E 372 -26.47 21.25 -8.26
C ILE E 372 -25.80 21.44 -6.90
N THR E 373 -25.82 22.67 -6.40
CA THR E 373 -25.26 23.02 -5.10
C THR E 373 -26.40 23.47 -4.18
N THR E 374 -26.48 22.84 -3.01
CA THR E 374 -27.51 23.13 -2.02
C THR E 374 -26.95 24.05 -0.96
N GLN E 375 -27.57 25.22 -0.80
CA GLN E 375 -27.14 26.18 0.20
C GLN E 375 -27.61 25.73 1.60
N PRO E 376 -26.96 26.20 2.66
CA PRO E 376 -27.47 25.87 4.00
C PRO E 376 -28.80 26.55 4.28
N TYR E 377 -29.55 25.95 5.20
CA TYR E 377 -30.87 26.47 5.54
C TYR E 377 -30.75 27.83 6.21
N THR E 378 -31.70 28.72 5.90
CA THR E 378 -31.79 30.05 6.50
C THR E 378 -32.73 29.99 7.70
N ASP E 379 -32.94 31.15 8.33
CA ASP E 379 -33.73 31.20 9.56
C ASP E 379 -35.21 30.87 9.29
N ASP E 380 -35.73 31.38 8.17
CA ASP E 380 -37.16 31.17 7.81
C ASP E 380 -37.37 29.70 7.44
N ASP E 381 -36.37 29.03 6.87
CA ASP E 381 -36.46 27.60 6.57
C ASP E 381 -36.37 26.77 7.85
N ILE E 382 -35.49 27.14 8.77
CA ILE E 382 -35.35 26.41 10.03
C ILE E 382 -36.64 26.52 10.84
N ARG E 383 -37.20 27.74 10.90
CA ARG E 383 -38.45 27.96 11.64
C ARG E 383 -39.60 27.17 11.03
N LYS E 384 -39.68 27.14 9.69
CA LYS E 384 -40.75 26.39 9.03
C LYS E 384 -40.59 24.89 9.25
N ILE E 385 -39.35 24.39 9.18
CA ILE E 385 -39.12 22.96 9.38
C ILE E 385 -39.47 22.56 10.81
N LEU E 386 -39.09 23.39 11.78
CA LEU E 386 -39.43 23.09 13.17
C LEU E 386 -40.94 23.17 13.39
N GLU E 387 -41.62 24.09 12.72
CA GLU E 387 -43.08 24.16 12.84
C GLU E 387 -43.74 22.92 12.24
N ILE E 388 -43.23 22.45 11.10
CA ILE E 388 -43.77 21.24 10.48
C ILE E 388 -43.55 20.04 11.38
N ARG E 389 -42.37 19.93 12.00
CA ARG E 389 -42.12 18.81 12.91
C ARG E 389 -42.95 18.92 14.18
N CYS E 390 -43.23 20.15 14.65
CA CYS E 390 -44.14 20.31 15.77
C CYS E 390 -45.55 19.86 15.42
N GLN E 391 -46.02 20.21 14.22
CA GLN E 391 -47.35 19.81 13.81
C GLN E 391 -47.43 18.30 13.60
N GLU E 392 -46.35 17.69 13.11
CA GLU E 392 -46.36 16.25 12.83
C GLU E 392 -46.46 15.44 14.12
N GLU E 393 -45.68 15.81 15.14
CA GLU E 393 -45.56 15.04 16.36
C GLU E 393 -46.59 15.42 17.43
N ASP E 394 -47.55 16.30 17.11
CA ASP E 394 -48.58 16.73 18.06
C ASP E 394 -47.96 17.39 19.29
N VAL E 395 -47.11 18.38 19.05
CA VAL E 395 -46.40 19.14 20.07
C VAL E 395 -46.74 20.61 19.89
N GLU E 396 -47.19 21.26 20.97
CA GLU E 396 -47.53 22.67 20.99
C GLU E 396 -46.53 23.41 21.87
N MET E 397 -46.05 24.56 21.41
CA MET E 397 -45.07 25.34 22.13
C MET E 397 -45.17 26.81 21.72
N ASN E 398 -44.91 27.69 22.70
CA ASN E 398 -45.15 29.11 22.53
C ASN E 398 -44.08 29.73 21.63
N GLU E 399 -44.23 31.03 21.37
CA GLU E 399 -43.39 31.70 20.38
C GLU E 399 -41.99 31.98 20.91
N GLU E 400 -41.84 32.20 22.23
CA GLU E 400 -40.51 32.35 22.81
C GLU E 400 -39.71 31.07 22.65
N ALA E 401 -40.34 29.93 22.94
CA ALA E 401 -39.68 28.64 22.77
C ALA E 401 -39.35 28.39 21.31
N LYS E 402 -40.26 28.75 20.40
CA LYS E 402 -40.01 28.56 18.97
C LYS E 402 -38.84 29.40 18.50
N GLN E 403 -38.76 30.67 18.95
CA GLN E 403 -37.67 31.53 18.50
C GLN E 403 -36.34 31.06 19.07
N LEU E 404 -36.32 30.67 20.35
CA LEU E 404 -35.06 30.20 20.94
C LEU E 404 -34.62 28.89 20.31
N LEU E 405 -35.57 28.01 19.97
CA LEU E 405 -35.20 26.79 19.27
C LEU E 405 -34.71 27.05 17.86
N THR E 406 -35.27 28.05 17.18
CA THR E 406 -34.75 28.45 15.87
C THR E 406 -33.32 28.97 16.00
N LEU E 407 -33.04 29.74 17.05
CA LEU E 407 -31.68 30.20 17.30
C LEU E 407 -30.75 29.03 17.57
N ILE E 408 -31.21 28.06 18.35
CA ILE E 408 -30.39 26.88 18.67
C ILE E 408 -30.10 26.08 17.41
N GLY E 409 -31.13 25.90 16.56
CA GLY E 409 -30.94 25.17 15.32
C GLY E 409 -30.02 25.88 14.36
N ARG E 410 -30.09 27.21 14.31
CA ARG E 410 -29.17 27.98 13.48
C ARG E 410 -27.74 27.80 13.99
N ASP E 411 -27.53 27.93 15.30
CA ASP E 411 -26.19 27.88 15.83
C ASP E 411 -25.64 26.45 15.80
N THR E 412 -26.44 25.47 16.21
CA THR E 412 -25.96 24.13 16.51
C THR E 412 -26.19 23.14 15.36
N SER E 413 -27.46 22.84 15.04
CA SER E 413 -27.82 21.92 13.97
C SER E 413 -29.33 21.81 13.86
N LEU E 414 -29.85 21.50 12.69
CA LEU E 414 -31.30 21.33 12.54
C LEU E 414 -31.76 20.03 13.19
N ARG E 415 -31.03 18.94 12.98
CA ARG E 415 -31.42 17.66 13.55
C ARG E 415 -31.33 17.65 15.06
N TYR E 416 -30.37 18.41 15.62
CA TYR E 416 -30.28 18.56 17.07
C TYR E 416 -31.54 19.24 17.61
N ALA E 417 -32.00 20.28 16.92
CA ALA E 417 -33.24 20.95 17.33
C ALA E 417 -34.44 20.02 17.17
N ILE E 418 -34.44 19.17 16.15
CA ILE E 418 -35.54 18.24 15.95
C ILE E 418 -35.57 17.20 17.07
N HIS E 419 -34.41 16.76 17.54
CA HIS E 419 -34.36 15.89 18.71
C HIS E 419 -34.85 16.63 19.95
N LEU E 420 -34.48 17.91 20.07
CA LEU E 420 -34.91 18.73 21.19
C LEU E 420 -36.42 18.88 21.24
N ILE E 421 -37.10 18.85 20.08
CA ILE E 421 -38.56 18.95 20.06
C ILE E 421 -39.18 17.78 20.84
N THR E 422 -38.79 16.55 20.50
CA THR E 422 -39.33 15.38 21.17
C THR E 422 -38.94 15.34 22.64
N ALA E 423 -37.67 15.64 22.92
CA ALA E 423 -37.18 15.57 24.30
C ALA E 423 -37.87 16.61 25.19
N ALA E 424 -38.05 17.83 24.68
CA ALA E 424 -38.75 18.85 25.44
C ALA E 424 -40.24 18.54 25.56
N ALA E 425 -40.82 17.88 24.55
CA ALA E 425 -42.22 17.48 24.64
C ALA E 425 -42.43 16.52 25.81
N LEU E 426 -41.56 15.50 25.92
CA LEU E 426 -41.71 14.59 27.05
C LEU E 426 -41.28 15.23 28.37
N SER E 427 -40.36 16.19 28.34
CA SER E 427 -40.01 16.92 29.56
C SER E 427 -41.20 17.71 30.08
N CYS E 428 -41.94 18.35 29.19
CA CYS E 428 -43.15 19.05 29.60
C CYS E 428 -44.25 18.08 30.02
N GLN E 429 -44.31 16.90 29.38
CA GLN E 429 -45.29 15.90 29.78
C GLN E 429 -45.02 15.40 31.19
N LYS E 430 -43.75 15.32 31.59
CA LYS E 430 -43.42 14.91 32.96
C LYS E 430 -43.93 15.93 33.98
N ARG E 431 -43.95 17.21 33.62
CA ARG E 431 -44.50 18.25 34.48
C ARG E 431 -46.02 18.38 34.38
N LYS E 432 -46.69 17.53 33.59
CA LYS E 432 -48.13 17.61 33.35
C LYS E 432 -48.54 18.92 32.67
N GLY E 433 -47.64 19.55 31.93
CA GLY E 433 -47.98 20.77 31.24
C GLY E 433 -48.73 20.51 29.94
N LYS E 434 -49.54 21.49 29.54
CA LYS E 434 -50.28 21.43 28.29
C LYS E 434 -49.49 21.97 27.11
N VAL E 435 -48.58 22.91 27.35
CA VAL E 435 -47.77 23.56 26.32
C VAL E 435 -46.32 23.56 26.79
N VAL E 436 -45.41 23.17 25.89
CA VAL E 436 -43.98 23.22 26.20
C VAL E 436 -43.56 24.68 26.36
N GLU E 437 -42.72 24.92 27.36
CA GLU E 437 -42.26 26.25 27.75
C GLU E 437 -40.76 26.37 27.51
N VAL E 438 -40.26 27.59 27.70
CA VAL E 438 -38.83 27.86 27.46
C VAL E 438 -37.96 27.12 28.46
N GLU E 439 -38.47 26.89 29.68
CA GLU E 439 -37.69 26.17 30.69
C GLU E 439 -37.43 24.73 30.27
N ASP E 440 -38.38 24.11 29.57
CA ASP E 440 -38.16 22.77 29.03
C ASP E 440 -37.00 22.75 28.04
N ILE E 441 -36.94 23.76 27.17
CA ILE E 441 -35.87 23.82 26.18
C ILE E 441 -34.54 24.06 26.87
N GLN E 442 -34.52 24.93 27.89
CA GLN E 442 -33.28 25.19 28.63
C GLN E 442 -32.80 23.93 29.34
N ARG E 443 -33.71 23.21 29.99
CA ARG E 443 -33.36 21.98 30.69
C ARG E 443 -32.82 20.93 29.72
N VAL E 444 -33.51 20.73 28.60
CA VAL E 444 -33.10 19.68 27.68
C VAL E 444 -31.79 20.05 26.99
N TYR E 445 -31.58 21.34 26.69
CA TYR E 445 -30.30 21.76 26.14
C TYR E 445 -29.17 21.56 27.14
N ARG E 446 -29.45 21.74 28.43
CA ARG E 446 -28.45 21.43 29.44
C ARG E 446 -28.15 19.94 29.46
N LEU E 447 -29.19 19.09 29.33
CA LEU E 447 -28.99 17.65 29.47
C LEU E 447 -28.35 17.05 28.22
N PHE E 448 -29.05 17.11 27.09
CA PHE E 448 -28.64 16.41 25.88
C PHE E 448 -27.67 17.31 25.11
N LEU E 449 -26.39 16.94 25.14
CA LEU E 449 -25.39 17.72 24.42
C LEU E 449 -25.54 17.50 22.92
N ASP E 450 -25.01 18.45 22.15
CA ASP E 450 -24.89 18.34 20.71
C ASP E 450 -23.53 17.75 20.36
N VAL E 451 -23.24 17.65 19.06
CA VAL E 451 -21.97 17.06 18.63
C VAL E 451 -20.82 18.01 18.94
N ARG E 452 -20.98 19.30 18.65
CA ARG E 452 -19.88 20.24 18.82
C ARG E 452 -19.54 20.45 20.29
N ARG E 453 -20.56 20.62 21.14
CA ARG E 453 -20.31 20.86 22.55
C ARG E 453 -19.68 19.65 23.22
N SER E 454 -20.17 18.44 22.88
CA SER E 454 -19.57 17.24 23.44
C SER E 454 -18.16 17.00 22.91
N MET E 455 -17.93 17.36 21.64
CA MET E 455 -16.58 17.30 21.07
C MET E 455 -15.63 18.22 21.84
N GLN E 456 -16.10 19.43 22.14
CA GLN E 456 -15.31 20.38 22.93
C GLN E 456 -15.04 19.82 24.32
N TYR E 457 -16.07 19.29 24.97
CA TYR E 457 -15.91 18.81 26.34
C TYR E 457 -15.06 17.54 26.41
N LEU E 458 -14.96 16.77 25.31
CA LEU E 458 -14.10 15.59 25.29
C LEU E 458 -12.66 15.94 24.98
N VAL E 459 -12.42 16.87 24.05
CA VAL E 459 -11.04 17.27 23.80
C VAL E 459 -10.48 18.03 25.01
N GLU E 460 -11.32 18.80 25.71
CA GLU E 460 -10.87 19.50 26.91
C GLU E 460 -10.50 18.55 28.04
N TYR E 461 -10.96 17.30 28.02
CA TYR E 461 -10.44 16.26 28.91
C TYR E 461 -9.18 15.62 28.33
N GLN E 462 -9.23 15.23 27.06
CA GLN E 462 -8.21 14.33 26.54
C GLN E 462 -6.87 15.03 26.30
N SER E 463 -6.90 16.31 25.90
CA SER E 463 -5.63 17.00 25.65
C SER E 463 -4.85 17.23 26.93
N GLN E 464 -5.53 17.58 28.03
CA GLN E 464 -4.88 17.89 29.29
C GLN E 464 -4.60 16.62 30.11
N TYR E 465 -5.64 15.84 30.42
CA TYR E 465 -5.50 14.72 31.35
C TYR E 465 -4.80 13.50 30.76
N MET E 466 -4.45 13.51 29.46
CA MET E 466 -3.71 12.42 28.83
C MET E 466 -2.65 12.99 27.89
N GLN F 63 13.58 -12.80 42.52
CA GLN F 63 12.28 -12.08 42.61
C GLN F 63 11.71 -12.22 44.01
N VAL F 64 11.16 -11.13 44.54
CA VAL F 64 10.58 -11.07 45.88
C VAL F 64 9.16 -10.54 45.78
N LYS F 65 9.01 -9.32 45.23
CA LYS F 65 7.69 -8.71 45.15
C LYS F 65 6.81 -9.44 44.14
N ALA F 66 7.38 -9.87 43.02
CA ALA F 66 6.60 -10.59 42.01
C ALA F 66 6.12 -11.92 42.54
N ARG F 67 6.96 -12.62 43.30
CA ARG F 67 6.55 -13.90 43.87
C ARG F 67 5.48 -13.72 44.94
N LYS F 68 5.56 -12.64 45.72
CA LYS F 68 4.50 -12.36 46.69
C LYS F 68 3.19 -12.04 46.00
N ALA F 69 3.25 -11.27 44.89
CA ALA F 69 2.06 -11.00 44.11
C ALA F 69 1.47 -12.29 43.55
N ALA F 70 2.32 -13.18 43.06
CA ALA F 70 1.85 -14.47 42.57
C ALA F 70 1.21 -15.29 43.68
N GLY F 71 1.75 -15.19 44.91
CA GLY F 71 1.11 -15.87 46.03
C GLY F 71 -0.25 -15.30 46.37
N VAL F 72 -0.39 -13.97 46.30
CA VAL F 72 -1.70 -13.35 46.55
C VAL F 72 -2.70 -13.78 45.49
N ILE F 73 -2.30 -13.81 44.22
CA ILE F 73 -3.19 -14.30 43.17
C ILE F 73 -3.48 -15.78 43.39
N LEU F 74 -2.52 -16.56 43.88
CA LEU F 74 -2.74 -17.98 44.13
C LEU F 74 -3.83 -18.18 45.17
N GLN F 75 -3.76 -17.41 46.27
CA GLN F 75 -4.84 -17.45 47.25
C GLN F 75 -6.15 -16.97 46.66
N MET F 76 -6.10 -16.03 45.71
CA MET F 76 -7.33 -15.55 45.10
C MET F 76 -8.00 -16.64 44.26
N ILE F 77 -7.23 -17.35 43.42
CA ILE F 77 -7.84 -18.39 42.59
C ILE F 77 -8.28 -19.55 43.48
N ARG F 78 -7.50 -19.85 44.53
CA ARG F 78 -7.85 -20.94 45.43
C ARG F 78 -9.15 -20.65 46.20
N GLU F 79 -9.45 -19.37 46.45
CA GLU F 79 -10.71 -18.97 47.06
C GLU F 79 -11.84 -18.79 46.05
N GLY F 80 -11.61 -19.00 44.76
CA GLY F 80 -12.67 -18.87 43.78
C GLY F 80 -13.19 -17.47 43.60
N LYS F 81 -12.30 -16.48 43.52
CA LYS F 81 -12.64 -15.07 43.35
C LYS F 81 -12.08 -14.46 42.06
N ILE F 82 -11.67 -15.30 41.09
CA ILE F 82 -10.98 -14.83 39.89
C ILE F 82 -11.91 -14.69 38.70
N ALA F 83 -13.22 -14.86 38.87
CA ALA F 83 -14.13 -14.97 37.74
C ALA F 83 -14.21 -13.64 37.00
N GLY F 84 -13.87 -13.67 35.71
CA GLY F 84 -13.84 -12.48 34.90
C GLY F 84 -12.54 -11.71 34.95
N ARG F 85 -11.42 -12.36 35.27
CA ARG F 85 -10.11 -11.73 35.36
C ARG F 85 -9.05 -12.60 34.68
N ALA F 86 -7.88 -12.01 34.50
CA ALA F 86 -6.70 -12.69 34.01
C ALA F 86 -5.49 -12.02 34.68
N ILE F 87 -4.30 -12.56 34.40
CA ILE F 87 -3.06 -12.10 35.01
C ILE F 87 -2.10 -11.68 33.91
N LEU F 88 -1.38 -10.59 34.14
CA LEU F 88 -0.38 -10.06 33.22
C LEU F 88 0.94 -9.93 33.95
N ILE F 89 2.01 -10.44 33.34
CA ILE F 89 3.37 -10.35 33.86
C ILE F 89 4.13 -9.46 32.88
N ALA F 90 4.41 -8.22 33.29
CA ALA F 90 4.85 -7.16 32.38
C ALA F 90 6.19 -6.57 32.78
N GLY F 91 7.17 -7.44 33.05
CA GLY F 91 8.52 -7.03 33.33
C GLY F 91 9.42 -7.14 32.12
N GLN F 92 10.72 -6.96 32.37
CA GLN F 92 11.73 -7.02 31.34
C GLN F 92 11.97 -8.48 30.93
N PRO F 93 12.47 -8.72 29.71
CA PRO F 93 12.60 -10.11 29.25
C PRO F 93 13.75 -10.83 29.95
N GLY F 94 13.64 -12.14 30.01
CA GLY F 94 14.62 -12.96 30.70
C GLY F 94 14.67 -12.67 32.18
N THR F 95 13.49 -12.57 32.81
CA THR F 95 13.34 -12.24 34.22
C THR F 95 12.32 -13.16 34.87
N GLY F 96 12.34 -14.44 34.50
CA GLY F 96 11.53 -15.44 35.16
C GLY F 96 10.03 -15.30 34.99
N LYS F 97 9.57 -14.86 33.83
CA LYS F 97 8.14 -14.87 33.54
C LYS F 97 7.61 -16.29 33.53
N THR F 98 8.24 -17.15 32.73
CA THR F 98 7.83 -18.55 32.64
C THR F 98 8.02 -19.26 33.96
N ALA F 99 9.07 -18.91 34.71
CA ALA F 99 9.30 -19.52 36.02
C ALA F 99 8.15 -19.21 36.98
N ILE F 100 7.68 -17.96 36.98
CA ILE F 100 6.52 -17.62 37.80
C ILE F 100 5.27 -18.34 37.28
N ALA F 101 5.16 -18.55 35.97
CA ALA F 101 4.01 -19.28 35.44
C ALA F 101 3.98 -20.73 35.93
N MET F 102 5.09 -21.44 35.79
CA MET F 102 5.13 -22.82 36.29
C MET F 102 5.02 -22.85 37.81
N GLY F 103 5.53 -21.84 38.51
CA GLY F 103 5.35 -21.79 39.95
C GLY F 103 3.89 -21.67 40.34
N MET F 104 3.14 -20.84 39.62
CA MET F 104 1.70 -20.74 39.86
C MET F 104 1.01 -22.07 39.60
N ALA F 105 1.34 -22.70 38.47
CA ALA F 105 0.71 -23.97 38.10
C ALA F 105 1.03 -25.08 39.10
N LYS F 106 2.25 -25.08 39.64
CA LYS F 106 2.63 -26.09 40.62
C LYS F 106 1.98 -25.81 41.97
N SER F 107 1.92 -24.53 42.36
CA SER F 107 1.38 -24.20 43.68
C SER F 107 -0.12 -24.45 43.74
N LEU F 108 -0.83 -24.33 42.62
CA LEU F 108 -2.20 -24.84 42.58
C LEU F 108 -2.25 -26.34 42.81
N GLY F 109 -1.35 -27.08 42.17
CA GLY F 109 -1.33 -28.52 42.30
C GLY F 109 -0.64 -29.23 41.16
N LEU F 110 -0.05 -30.39 41.44
CA LEU F 110 0.59 -31.17 40.39
C LEU F 110 -0.42 -31.70 39.39
N GLU F 111 -1.65 -31.96 39.84
CA GLU F 111 -2.69 -32.45 38.93
C GLU F 111 -3.13 -31.41 37.91
N THR F 112 -2.95 -30.11 38.19
CA THR F 112 -3.51 -29.08 37.33
C THR F 112 -2.63 -28.93 36.09
N PRO F 113 -3.18 -29.05 34.87
CA PRO F 113 -2.30 -28.96 33.69
C PRO F 113 -1.83 -27.53 33.45
N PHE F 114 -0.73 -27.43 32.71
CA PHE F 114 -0.12 -26.16 32.32
C PHE F 114 0.03 -26.16 30.81
N ALA F 115 -0.60 -25.18 30.15
CA ALA F 115 -0.59 -25.03 28.69
C ALA F 115 0.32 -23.87 28.32
N MET F 116 1.53 -24.19 27.88
CA MET F 116 2.48 -23.20 27.41
C MET F 116 2.16 -22.85 25.96
N ILE F 117 2.29 -21.57 25.62
CA ILE F 117 2.24 -21.14 24.23
C ILE F 117 2.90 -19.78 24.16
N ALA F 118 3.51 -19.47 23.00
CA ALA F 118 4.05 -18.16 22.70
C ALA F 118 3.27 -17.55 21.54
N GLY F 119 3.26 -16.21 21.50
CA GLY F 119 2.41 -15.51 20.56
C GLY F 119 2.78 -15.73 19.10
N SER F 120 4.06 -15.92 18.81
CA SER F 120 4.50 -16.12 17.43
C SER F 120 4.20 -17.52 16.90
N GLU F 121 3.92 -18.49 17.79
CA GLU F 121 3.80 -19.88 17.34
C GLU F 121 2.46 -20.15 16.64
N ILE F 122 1.40 -19.45 17.05
CA ILE F 122 0.07 -19.76 16.51
C ILE F 122 -0.02 -19.42 15.02
N PHE F 123 0.77 -18.45 14.55
CA PHE F 123 0.69 -17.99 13.16
C PHE F 123 1.49 -18.86 12.19
N SER F 124 1.93 -20.04 12.59
CA SER F 124 2.58 -20.95 11.64
C SER F 124 1.57 -21.40 10.60
N LEU F 125 2.05 -21.57 9.36
CA LEU F 125 1.15 -21.80 8.23
C LEU F 125 0.48 -23.17 8.26
N GLU F 126 0.92 -24.11 9.10
CA GLU F 126 0.26 -25.40 9.21
C GLU F 126 -1.09 -25.34 9.92
N MET F 127 -1.44 -24.22 10.54
CA MET F 127 -2.66 -24.13 11.34
C MET F 127 -3.09 -22.67 11.40
N SER F 128 -4.36 -22.45 11.74
CA SER F 128 -4.89 -21.12 11.90
C SER F 128 -4.60 -20.60 13.31
N LYS F 129 -4.71 -19.28 13.47
CA LYS F 129 -4.50 -18.67 14.78
C LYS F 129 -5.57 -19.13 15.77
N THR F 130 -6.83 -19.18 15.34
CA THR F 130 -7.89 -19.59 16.23
C THR F 130 -7.81 -21.08 16.56
N GLU F 131 -7.32 -21.90 15.63
CA GLU F 131 -7.19 -23.33 15.89
C GLU F 131 -6.14 -23.60 16.95
N ALA F 132 -4.98 -22.93 16.83
CA ALA F 132 -3.95 -23.08 17.85
C ALA F 132 -4.42 -22.54 19.20
N LEU F 133 -5.13 -21.40 19.18
CA LEU F 133 -5.60 -20.82 20.43
C LEU F 133 -6.63 -21.70 21.12
N THR F 134 -7.59 -22.25 20.37
CA THR F 134 -8.58 -23.11 21.02
C THR F 134 -7.99 -24.44 21.45
N GLN F 135 -7.00 -24.96 20.71
CA GLN F 135 -6.32 -26.18 21.15
C GLN F 135 -5.57 -25.95 22.46
N SER F 136 -4.82 -24.85 22.54
CA SER F 136 -4.12 -24.53 23.79
C SER F 136 -5.10 -24.20 24.91
N PHE F 137 -6.26 -23.63 24.57
CA PHE F 137 -7.30 -23.37 25.56
C PHE F 137 -7.83 -24.66 26.15
N ARG F 138 -8.19 -25.61 25.29
CA ARG F 138 -8.75 -26.87 25.78
C ARG F 138 -7.70 -27.71 26.49
N LYS F 139 -6.43 -27.60 26.09
CA LYS F 139 -5.37 -28.37 26.73
C LYS F 139 -5.17 -27.99 28.19
N ALA F 140 -5.54 -26.78 28.59
CA ALA F 140 -5.32 -26.31 29.95
C ALA F 140 -6.41 -26.72 30.94
N ILE F 141 -7.37 -27.55 30.54
CA ILE F 141 -8.49 -27.97 31.38
C ILE F 141 -8.35 -29.47 31.62
N GLY F 142 -8.14 -29.87 32.86
CA GLY F 142 -7.95 -31.26 33.22
C GLY F 142 -9.25 -31.90 33.68
N VAL F 143 -9.37 -33.20 33.45
CA VAL F 143 -10.51 -34.01 33.87
C VAL F 143 -9.99 -35.23 34.58
N ARG F 144 -10.58 -35.53 35.74
CA ARG F 144 -10.22 -36.71 36.52
C ARG F 144 -11.48 -37.31 37.16
N CYS F 256 -6.11 -38.90 35.20
CA CYS F 256 -5.93 -37.49 34.76
C CYS F 256 -5.85 -37.41 33.24
N VAL F 257 -6.62 -36.48 32.66
CA VAL F 257 -6.64 -36.32 31.20
C VAL F 257 -7.12 -34.91 30.90
N THR F 258 -6.48 -34.29 29.90
CA THR F 258 -6.87 -32.98 29.40
C THR F 258 -7.94 -33.14 28.33
N LEU F 259 -8.63 -32.02 28.03
CA LEU F 259 -9.70 -32.08 27.04
C LEU F 259 -9.16 -32.31 25.64
N HIS F 260 -7.96 -31.84 25.34
CA HIS F 260 -7.34 -32.16 24.07
C HIS F 260 -7.05 -33.66 23.97
N GLU F 261 -6.61 -34.27 25.08
CA GLU F 261 -6.41 -35.71 25.09
C GLU F 261 -7.74 -36.45 24.95
N ILE F 262 -8.81 -35.89 25.50
CA ILE F 262 -10.13 -36.50 25.33
C ILE F 262 -10.54 -36.43 23.86
N ASP F 263 -10.23 -35.32 23.19
CA ASP F 263 -10.51 -35.21 21.76
C ASP F 263 -9.69 -36.21 20.96
N VAL F 264 -8.43 -36.42 21.36
CA VAL F 264 -7.58 -37.39 20.70
C VAL F 264 -8.16 -38.79 20.88
N ILE F 265 -8.62 -39.11 22.08
CA ILE F 265 -9.19 -40.44 22.37
C ILE F 265 -10.47 -40.64 21.56
N ASN F 266 -11.37 -39.65 21.57
CA ASN F 266 -12.67 -39.84 20.94
C ASN F 266 -12.53 -39.86 19.42
N SER F 267 -11.65 -39.01 18.88
CA SER F 267 -11.41 -38.96 17.43
C SER F 267 -10.85 -40.29 16.94
N THR F 280 -2.58 -28.07 14.28
CA THR F 280 -3.49 -28.60 15.32
C THR F 280 -3.86 -30.05 15.00
N GLY F 281 -4.65 -30.23 13.94
CA GLY F 281 -5.05 -31.54 13.45
C GLY F 281 -6.36 -32.05 14.01
N GLU F 282 -6.75 -31.59 15.19
CA GLU F 282 -8.02 -31.97 15.83
C GLU F 282 -9.15 -31.02 15.42
N ILE F 283 -9.30 -30.80 14.11
CA ILE F 283 -10.26 -29.81 13.59
C ILE F 283 -11.58 -30.56 13.42
N ARG F 284 -12.43 -30.46 14.44
CA ARG F 284 -13.59 -31.34 14.54
C ARG F 284 -14.58 -30.71 15.52
N SER F 285 -15.68 -30.14 14.98
CA SER F 285 -16.61 -29.35 15.78
C SER F 285 -17.77 -30.15 16.37
N GLU F 286 -18.31 -31.11 15.62
CA GLU F 286 -19.44 -31.88 16.13
C GLU F 286 -19.04 -32.72 17.34
N VAL F 287 -17.85 -33.33 17.29
CA VAL F 287 -17.40 -34.12 18.43
C VAL F 287 -16.90 -33.20 19.54
N ARG F 288 -16.53 -31.96 19.23
CA ARG F 288 -16.32 -30.99 20.30
C ARG F 288 -17.62 -30.75 21.08
N GLU F 289 -18.74 -30.60 20.37
CA GLU F 289 -20.03 -30.49 21.05
C GLU F 289 -20.36 -31.75 21.84
N GLN F 290 -20.05 -32.93 21.26
CA GLN F 290 -20.28 -34.18 21.96
C GLN F 290 -19.46 -34.26 23.24
N ILE F 291 -18.19 -33.88 23.17
CA ILE F 291 -17.31 -33.92 24.33
C ILE F 291 -17.81 -32.96 25.40
N ASP F 292 -18.25 -31.77 25.00
CA ASP F 292 -18.77 -30.81 25.95
C ASP F 292 -20.01 -31.34 26.65
N THR F 293 -20.93 -31.95 25.90
CA THR F 293 -22.13 -32.53 26.52
C THR F 293 -21.77 -33.69 27.44
N LYS F 294 -20.85 -34.55 27.01
CA LYS F 294 -20.59 -35.76 27.78
C LYS F 294 -19.82 -35.45 29.06
N VAL F 295 -18.81 -34.57 28.98
CA VAL F 295 -18.14 -34.15 30.21
C VAL F 295 -19.07 -33.29 31.07
N ALA F 296 -20.05 -32.61 30.46
CA ALA F 296 -21.04 -31.90 31.27
C ALA F 296 -21.89 -32.85 32.10
N GLU F 297 -22.33 -33.97 31.50
CA GLU F 297 -23.15 -34.90 32.28
C GLU F 297 -22.31 -35.59 33.34
N TRP F 298 -21.02 -35.85 33.06
CA TRP F 298 -20.15 -36.38 34.12
C TRP F 298 -19.95 -35.35 35.23
N ARG F 299 -19.80 -34.07 34.87
CA ARG F 299 -19.60 -33.04 35.89
C ARG F 299 -20.83 -32.90 36.77
N GLU F 300 -22.03 -32.95 36.16
CA GLU F 300 -23.25 -32.86 36.95
C GLU F 300 -23.45 -34.12 37.79
N GLU F 301 -23.17 -35.30 37.23
CA GLU F 301 -23.37 -36.54 37.95
C GLU F 301 -22.29 -36.81 38.99
N GLY F 302 -21.15 -36.12 38.94
CA GLY F 302 -20.09 -36.35 39.89
C GLY F 302 -19.24 -37.58 39.64
N LYS F 303 -19.33 -38.18 38.44
CA LYS F 303 -18.52 -39.35 38.12
C LYS F 303 -17.08 -38.97 37.81
N ALA F 304 -16.86 -37.81 37.20
CA ALA F 304 -15.53 -37.33 36.85
C ALA F 304 -15.51 -35.82 37.03
N GLU F 305 -14.64 -35.35 37.94
CA GLU F 305 -14.55 -33.94 38.24
C GLU F 305 -13.75 -33.21 37.17
N ILE F 306 -13.61 -31.89 37.34
CA ILE F 306 -12.90 -31.02 36.41
C ILE F 306 -12.00 -30.10 37.22
N VAL F 307 -10.80 -29.83 36.70
CA VAL F 307 -9.83 -28.94 37.33
C VAL F 307 -9.38 -27.91 36.28
N PRO F 308 -9.64 -26.62 36.46
CA PRO F 308 -9.01 -25.63 35.57
C PRO F 308 -7.52 -25.51 35.85
N GLY F 309 -6.74 -25.45 34.77
CA GLY F 309 -5.29 -25.31 34.82
C GLY F 309 -4.86 -23.88 34.64
N VAL F 310 -3.67 -23.71 34.05
CA VAL F 310 -3.07 -22.41 33.80
C VAL F 310 -2.63 -22.37 32.34
N LEU F 311 -3.15 -21.39 31.60
CA LEU F 311 -2.79 -21.15 30.20
C LEU F 311 -1.86 -19.95 30.16
N PHE F 312 -0.59 -20.19 29.81
CA PHE F 312 0.43 -19.15 29.73
C PHE F 312 0.66 -18.78 28.28
N ILE F 313 0.50 -17.50 27.95
CA ILE F 313 0.76 -16.94 26.62
C ILE F 313 1.98 -16.03 26.77
N ASP F 314 3.09 -16.41 26.14
CA ASP F 314 4.39 -15.79 26.42
C ASP F 314 4.54 -14.41 25.79
N GLU F 315 3.96 -14.18 24.61
CA GLU F 315 4.21 -13.00 23.77
C GLU F 315 2.89 -12.39 23.32
N VAL F 316 2.03 -12.08 24.30
CA VAL F 316 0.65 -11.66 24.04
C VAL F 316 0.56 -10.39 23.21
N HIS F 317 1.60 -9.54 23.22
CA HIS F 317 1.62 -8.38 22.34
C HIS F 317 1.61 -8.79 20.87
N MET F 318 2.17 -9.96 20.54
CA MET F 318 2.15 -10.46 19.18
C MET F 318 0.79 -10.99 18.73
N LEU F 319 -0.18 -11.10 19.64
CA LEU F 319 -1.52 -11.55 19.27
C LEU F 319 -2.27 -10.43 18.56
N ASP F 320 -3.04 -10.79 17.54
CA ASP F 320 -3.82 -9.82 16.78
C ASP F 320 -5.13 -9.50 17.52
N ILE F 321 -5.86 -8.53 16.98
CA ILE F 321 -7.14 -8.14 17.59
C ILE F 321 -8.15 -9.28 17.49
N GLU F 322 -8.08 -10.08 16.43
CA GLU F 322 -8.94 -11.25 16.35
C GLU F 322 -8.61 -12.26 17.44
N CYS F 323 -7.31 -12.44 17.73
CA CYS F 323 -6.91 -13.33 18.81
C CYS F 323 -7.38 -12.82 20.16
N PHE F 324 -7.30 -11.50 20.39
CA PHE F 324 -7.78 -10.94 21.64
C PHE F 324 -9.29 -11.07 21.77
N SER F 325 -10.01 -10.89 20.66
CA SER F 325 -11.45 -11.10 20.67
C SER F 325 -11.80 -12.54 21.00
N PHE F 326 -11.04 -13.49 20.44
CA PHE F 326 -11.26 -14.90 20.75
C PHE F 326 -10.99 -15.18 22.22
N LEU F 327 -9.92 -14.60 22.78
CA LEU F 327 -9.61 -14.82 24.18
C LEU F 327 -10.71 -14.24 25.08
N ASN F 328 -11.19 -13.05 24.74
CA ASN F 328 -12.26 -12.43 25.52
C ASN F 328 -13.54 -13.26 25.46
N ARG F 329 -13.84 -13.82 24.28
CA ARG F 329 -15.01 -14.70 24.17
C ARG F 329 -14.81 -15.97 24.98
N ALA F 330 -13.64 -16.59 24.88
CA ALA F 330 -13.42 -17.90 25.50
C ALA F 330 -13.35 -17.81 27.01
N LEU F 331 -12.90 -16.67 27.56
CA LEU F 331 -12.87 -16.51 29.00
C LEU F 331 -14.27 -16.51 29.62
N GLU F 332 -15.29 -16.12 28.84
CA GLU F 332 -16.66 -16.08 29.36
C GLU F 332 -17.20 -17.46 29.74
N ASN F 333 -16.64 -18.53 29.17
CA ASN F 333 -17.09 -19.87 29.52
C ASN F 333 -16.75 -20.18 30.97
N GLU F 334 -17.69 -20.85 31.66
CA GLU F 334 -17.42 -21.32 33.01
C GLU F 334 -16.36 -22.42 33.05
N MET F 335 -16.11 -23.11 31.93
CA MET F 335 -15.11 -24.14 31.82
C MET F 335 -13.72 -23.61 31.48
N SER F 336 -13.50 -22.30 31.60
CA SER F 336 -12.25 -21.69 31.13
C SER F 336 -11.11 -21.95 32.13
N PRO F 337 -9.83 -21.92 31.66
CA PRO F 337 -8.71 -22.02 32.59
C PRO F 337 -8.32 -20.66 33.15
N ILE F 338 -7.30 -20.60 33.99
CA ILE F 338 -6.76 -19.34 34.48
C ILE F 338 -5.77 -18.83 33.44
N LEU F 339 -6.03 -17.63 32.92
CA LEU F 339 -5.22 -17.05 31.85
C LEU F 339 -4.11 -16.20 32.44
N VAL F 340 -2.87 -16.51 32.07
CA VAL F 340 -1.70 -15.68 32.36
C VAL F 340 -1.10 -15.29 31.01
N VAL F 341 -0.77 -14.01 30.87
CA VAL F 341 -0.14 -13.46 29.68
C VAL F 341 1.14 -12.76 30.11
N ALA F 342 2.12 -12.74 29.21
CA ALA F 342 3.43 -12.15 29.47
C ALA F 342 3.85 -11.29 28.30
N THR F 343 4.58 -10.23 28.60
CA THR F 343 5.04 -9.31 27.57
C THR F 343 6.19 -8.49 28.13
N ASN F 344 6.97 -7.90 27.21
CA ASN F 344 8.07 -7.00 27.55
C ASN F 344 8.02 -5.71 26.72
N ARG F 345 6.85 -5.36 26.19
CA ARG F 345 6.65 -4.17 25.36
C ARG F 345 5.93 -3.10 26.18
N GLY F 346 6.34 -1.85 26.01
CA GLY F 346 5.65 -0.74 26.64
C GLY F 346 4.39 -0.39 25.89
N VAL F 347 4.10 0.90 25.74
CA VAL F 347 2.98 1.32 24.92
C VAL F 347 3.29 0.99 23.47
N THR F 348 2.31 0.43 22.76
CA THR F 348 2.52 0.03 21.38
C THR F 348 1.17 -0.14 20.71
N THR F 349 1.22 -0.36 19.39
CA THR F 349 0.02 -0.51 18.57
C THR F 349 -0.34 -1.98 18.45
N ILE F 350 -1.63 -2.28 18.62
CA ILE F 350 -2.08 -3.67 18.53
C ILE F 350 -1.96 -4.11 17.08
N ARG F 351 -1.54 -5.36 16.88
CA ARG F 351 -1.42 -5.90 15.54
C ARG F 351 -2.79 -6.00 14.88
N GLY F 352 -2.84 -5.61 13.60
CA GLY F 352 -4.08 -5.53 12.88
C GLY F 352 -4.89 -4.27 13.13
N THR F 353 -4.33 -3.29 13.86
CA THR F 353 -5.03 -2.04 14.15
C THR F 353 -3.99 -0.93 14.27
N ASN F 354 -4.45 0.30 14.06
CA ASN F 354 -3.63 1.49 14.16
C ASN F 354 -3.72 2.19 15.52
N GLN F 355 -4.48 1.63 16.48
CA GLN F 355 -4.67 2.26 17.77
C GLN F 355 -3.54 1.86 18.72
N LYS F 356 -3.05 2.84 19.48
CA LYS F 356 -1.98 2.62 20.45
C LYS F 356 -2.58 2.40 21.83
N SER F 357 -2.03 1.44 22.55
CA SER F 357 -2.48 1.11 23.91
C SER F 357 -1.32 0.51 24.67
N PRO F 358 -1.45 0.37 25.99
CA PRO F 358 -0.39 -0.31 26.76
C PRO F 358 -0.26 -1.78 26.39
N HIS F 359 0.97 -2.20 26.11
CA HIS F 359 1.33 -3.60 25.88
C HIS F 359 0.71 -4.22 24.63
N GLY F 360 0.10 -3.43 23.76
CA GLY F 360 -0.55 -3.98 22.59
C GLY F 360 -1.72 -4.88 22.93
N ILE F 361 -2.46 -4.55 24.00
CA ILE F 361 -3.61 -5.31 24.47
C ILE F 361 -4.81 -4.36 24.37
N PRO F 362 -6.02 -4.80 24.03
CA PRO F 362 -7.16 -3.87 24.06
C PRO F 362 -7.48 -3.44 25.49
N ILE F 363 -8.11 -2.27 25.59
CA ILE F 363 -8.41 -1.68 26.89
C ILE F 363 -9.41 -2.53 27.66
N ASP F 364 -10.35 -3.17 26.96
CA ASP F 364 -11.36 -3.98 27.63
C ASP F 364 -10.75 -5.20 28.32
N LEU F 365 -9.60 -5.69 27.86
CA LEU F 365 -8.87 -6.75 28.55
C LEU F 365 -7.91 -6.19 29.59
N LEU F 366 -7.31 -5.02 29.33
CA LEU F 366 -6.42 -4.41 30.31
C LEU F 366 -7.15 -4.02 31.58
N ASP F 367 -8.45 -3.73 31.47
CA ASP F 367 -9.26 -3.30 32.64
C ASP F 367 -9.50 -4.48 33.56
N ARG F 368 -9.33 -5.72 33.10
CA ARG F 368 -9.48 -6.92 33.91
C ARG F 368 -8.16 -7.55 34.35
N LEU F 369 -7.05 -7.24 33.67
CA LEU F 369 -5.79 -7.91 33.96
C LEU F 369 -5.18 -7.40 35.27
N LEU F 370 -4.76 -8.33 36.12
CA LEU F 370 -3.94 -8.02 37.30
C LEU F 370 -2.48 -8.04 36.85
N ILE F 371 -1.83 -6.88 36.91
CA ILE F 371 -0.54 -6.68 36.27
C ILE F 371 0.55 -6.89 37.31
N ILE F 372 1.21 -8.04 37.23
CA ILE F 372 2.46 -8.27 37.96
C ILE F 372 3.58 -7.62 37.16
N THR F 373 4.52 -6.99 37.87
CA THR F 373 5.77 -6.50 37.30
C THR F 373 6.93 -7.16 38.03
N THR F 374 7.93 -7.60 37.26
CA THR F 374 9.10 -8.29 37.78
C THR F 374 10.29 -7.34 37.71
N GLN F 375 10.97 -7.17 38.85
CA GLN F 375 12.10 -6.25 38.93
C GLN F 375 13.33 -6.89 38.32
N PRO F 376 14.34 -6.09 37.92
CA PRO F 376 15.60 -6.70 37.49
C PRO F 376 16.32 -7.36 38.65
N TYR F 377 17.14 -8.35 38.33
CA TYR F 377 17.90 -9.05 39.35
C TYR F 377 18.94 -8.12 39.96
N THR F 378 19.09 -8.21 41.28
CA THR F 378 20.06 -7.41 42.02
C THR F 378 21.43 -8.10 41.99
N ASP F 379 22.39 -7.49 42.68
CA ASP F 379 23.75 -8.05 42.70
C ASP F 379 23.79 -9.39 43.44
N ASP F 380 23.09 -9.48 44.58
CA ASP F 380 23.02 -10.73 45.30
C ASP F 380 22.29 -11.79 44.51
N ASP F 381 21.21 -11.41 43.82
CA ASP F 381 20.46 -12.36 42.99
C ASP F 381 21.32 -12.88 41.84
N ILE F 382 22.09 -11.98 41.20
CA ILE F 382 22.96 -12.40 40.12
C ILE F 382 24.04 -13.35 40.64
N ARG F 383 24.64 -12.99 41.79
CA ARG F 383 25.68 -13.84 42.38
C ARG F 383 25.13 -15.21 42.74
N LYS F 384 23.93 -15.27 43.32
CA LYS F 384 23.32 -16.55 43.68
C LYS F 384 23.02 -17.38 42.44
N ILE F 385 22.42 -16.76 41.41
CA ILE F 385 22.02 -17.50 40.21
C ILE F 385 23.24 -18.03 39.50
N LEU F 386 24.30 -17.24 39.44
CA LEU F 386 25.56 -17.73 38.88
C LEU F 386 26.15 -18.86 39.71
N GLU F 387 25.95 -18.83 41.03
CA GLU F 387 26.45 -19.93 41.86
C GLU F 387 25.70 -21.24 41.55
N ILE F 388 24.37 -21.19 41.44
CA ILE F 388 23.64 -22.43 41.12
C ILE F 388 23.98 -22.89 39.71
N ARG F 389 24.16 -21.96 38.77
CA ARG F 389 24.55 -22.36 37.42
C ARG F 389 25.94 -22.97 37.39
N CYS F 390 26.83 -22.50 38.27
CA CYS F 390 28.16 -23.11 38.37
C CYS F 390 28.09 -24.52 38.93
N GLN F 391 27.32 -24.71 40.00
CA GLN F 391 27.25 -26.04 40.62
C GLN F 391 26.54 -27.03 39.70
N GLU F 392 25.52 -26.59 38.97
CA GLU F 392 24.87 -27.46 38.01
C GLU F 392 25.83 -27.85 36.88
N GLU F 393 26.63 -26.89 36.42
CA GLU F 393 27.59 -27.13 35.36
C GLU F 393 28.85 -27.87 35.81
N ASP F 394 29.06 -28.03 37.12
CA ASP F 394 30.29 -28.62 37.67
C ASP F 394 31.51 -27.80 37.25
N VAL F 395 31.49 -26.52 37.65
CA VAL F 395 32.53 -25.55 37.33
C VAL F 395 32.98 -24.89 38.63
N GLU F 396 34.28 -24.85 38.85
CA GLU F 396 34.88 -24.30 40.07
C GLU F 396 35.49 -22.94 39.76
N MET F 397 35.21 -21.96 40.62
CA MET F 397 35.79 -20.63 40.54
C MET F 397 36.20 -20.15 41.93
N ASN F 398 37.31 -19.43 41.97
CA ASN F 398 37.66 -18.65 43.15
C ASN F 398 36.73 -17.44 43.27
N GLU F 399 36.77 -16.80 44.43
CA GLU F 399 35.80 -15.75 44.73
C GLU F 399 36.05 -14.49 43.90
N GLU F 400 37.31 -14.20 43.57
CA GLU F 400 37.59 -13.04 42.73
C GLU F 400 37.01 -13.21 41.33
N ALA F 401 37.12 -14.40 40.76
CA ALA F 401 36.52 -14.66 39.45
C ALA F 401 35.00 -14.59 39.54
N LYS F 402 34.42 -15.11 40.62
CA LYS F 402 32.97 -15.08 40.78
C LYS F 402 32.45 -13.65 40.90
N GLN F 403 33.15 -12.79 41.66
CA GLN F 403 32.69 -11.42 41.80
C GLN F 403 32.93 -10.62 40.52
N LEU F 404 34.00 -10.91 39.77
CA LEU F 404 34.16 -10.27 38.47
C LEU F 404 33.05 -10.69 37.52
N LEU F 405 32.68 -11.96 37.54
CA LEU F 405 31.62 -12.44 36.67
C LEU F 405 30.28 -11.85 37.08
N THR F 406 30.07 -11.65 38.38
CA THR F 406 28.88 -10.95 38.87
C THR F 406 28.86 -9.51 38.38
N LEU F 407 30.01 -8.83 38.39
CA LEU F 407 30.08 -7.48 37.87
C LEU F 407 29.78 -7.45 36.38
N ILE F 408 30.27 -8.45 35.64
CA ILE F 408 29.99 -8.56 34.21
C ILE F 408 28.50 -8.75 33.98
N GLY F 409 27.86 -9.61 34.78
CA GLY F 409 26.44 -9.83 34.64
C GLY F 409 25.61 -8.61 34.98
N ARG F 410 26.02 -7.87 36.01
CA ARG F 410 25.35 -6.63 36.37
C ARG F 410 25.49 -5.60 35.25
N ASP F 411 26.67 -5.51 34.65
CA ASP F 411 26.93 -4.47 33.65
C ASP F 411 26.13 -4.73 32.37
N THR F 412 26.15 -5.98 31.87
CA THR F 412 25.66 -6.29 30.53
C THR F 412 24.38 -7.11 30.56
N SER F 413 24.41 -8.32 31.11
CA SER F 413 23.24 -9.20 31.14
C SER F 413 23.55 -10.49 31.89
N LEU F 414 22.53 -11.12 32.46
CA LEU F 414 22.74 -12.37 33.18
C LEU F 414 23.02 -13.53 32.22
N ARG F 415 22.31 -13.56 31.09
CA ARG F 415 22.48 -14.66 30.14
C ARG F 415 23.86 -14.63 29.49
N TYR F 416 24.38 -13.43 29.25
CA TYR F 416 25.74 -13.31 28.73
C TYR F 416 26.75 -13.86 29.73
N ALA F 417 26.55 -13.59 31.01
CA ALA F 417 27.40 -14.15 32.04
C ALA F 417 27.27 -15.68 32.10
N ILE F 418 26.07 -16.19 31.88
CA ILE F 418 25.87 -17.64 31.88
C ILE F 418 26.61 -18.27 30.71
N HIS F 419 26.65 -17.60 29.57
CA HIS F 419 27.49 -18.06 28.47
C HIS F 419 28.96 -18.04 28.85
N LEU F 420 29.39 -16.97 29.53
CA LEU F 420 30.79 -16.85 29.91
C LEU F 420 31.21 -17.91 30.93
N ILE F 421 30.27 -18.45 31.72
CA ILE F 421 30.62 -19.56 32.61
C ILE F 421 31.13 -20.75 31.80
N THR F 422 30.35 -21.15 30.79
CA THR F 422 30.72 -22.28 29.94
C THR F 422 32.00 -21.99 29.18
N ALA F 423 32.12 -20.78 28.64
CA ALA F 423 33.30 -20.41 27.87
C ALA F 423 34.56 -20.41 28.73
N ALA F 424 34.48 -19.88 29.95
CA ALA F 424 35.63 -19.86 30.84
C ALA F 424 35.99 -21.27 31.31
N ALA F 425 34.98 -22.12 31.52
CA ALA F 425 35.24 -23.50 31.90
C ALA F 425 36.01 -24.23 30.80
N LEU F 426 35.57 -24.06 29.55
CA LEU F 426 36.29 -24.71 28.45
C LEU F 426 37.67 -24.09 28.23
N SER F 427 37.81 -22.77 28.45
CA SER F 427 39.11 -22.14 28.30
C SER F 427 40.10 -22.67 29.35
N CYS F 428 39.64 -22.84 30.60
CA CYS F 428 40.52 -23.40 31.62
C CYS F 428 40.84 -24.86 31.34
N GLN F 429 39.85 -25.62 30.86
CA GLN F 429 40.10 -27.03 30.53
C GLN F 429 41.09 -27.17 29.39
N LYS F 430 41.07 -26.23 28.44
CA LYS F 430 42.02 -26.28 27.33
C LYS F 430 43.44 -26.05 27.82
N ARG F 431 43.62 -25.16 28.80
CA ARG F 431 44.93 -24.81 29.33
C ARG F 431 45.44 -25.82 30.38
N LYS F 432 44.75 -26.94 30.60
CA LYS F 432 45.09 -27.98 31.56
C LYS F 432 44.94 -27.56 33.02
N GLY F 433 44.38 -26.37 33.30
CA GLY F 433 44.02 -26.02 34.65
C GLY F 433 42.75 -26.73 35.09
N LYS F 434 42.44 -26.59 36.37
CA LYS F 434 41.25 -27.19 36.99
C LYS F 434 40.27 -26.12 37.48
N VAL F 435 40.72 -25.20 38.33
CA VAL F 435 39.87 -24.12 38.83
C VAL F 435 39.92 -22.98 37.83
N VAL F 436 38.75 -22.46 37.49
CA VAL F 436 38.64 -21.37 36.52
C VAL F 436 39.07 -20.08 37.21
N GLU F 437 40.06 -19.41 36.65
CA GLU F 437 40.68 -18.23 37.24
C GLU F 437 40.15 -16.95 36.61
N VAL F 438 40.53 -15.82 37.20
CA VAL F 438 40.09 -14.51 36.72
C VAL F 438 40.64 -14.22 35.32
N GLU F 439 41.85 -14.71 35.01
CA GLU F 439 42.45 -14.44 33.71
C GLU F 439 41.67 -15.11 32.59
N ASP F 440 41.13 -16.31 32.84
CA ASP F 440 40.28 -16.96 31.86
C ASP F 440 39.02 -16.15 31.58
N ILE F 441 38.44 -15.56 32.63
CA ILE F 441 37.25 -14.73 32.43
C ILE F 441 37.61 -13.48 31.65
N GLN F 442 38.77 -12.89 31.91
CA GLN F 442 39.18 -11.71 31.16
C GLN F 442 39.40 -12.05 29.68
N ARG F 443 40.01 -13.21 29.42
CA ARG F 443 40.19 -13.68 28.03
C ARG F 443 38.84 -13.88 27.35
N VAL F 444 37.90 -14.52 28.04
CA VAL F 444 36.62 -14.84 27.43
C VAL F 444 35.81 -13.56 27.20
N TYR F 445 35.90 -12.60 28.11
CA TYR F 445 35.25 -11.32 27.89
C TYR F 445 35.88 -10.57 26.71
N ARG F 446 37.20 -10.72 26.54
CA ARG F 446 37.85 -10.12 25.38
C ARG F 446 37.36 -10.76 24.09
N LEU F 447 37.18 -12.07 24.08
CA LEU F 447 36.80 -12.77 22.85
C LEU F 447 35.32 -12.60 22.53
N PHE F 448 34.44 -13.11 23.39
CA PHE F 448 33.00 -13.12 23.13
C PHE F 448 32.40 -11.81 23.57
N LEU F 449 31.69 -11.15 22.65
CA LEU F 449 31.10 -9.84 22.91
C LEU F 449 29.67 -9.98 23.42
N ASP F 450 29.32 -9.13 24.38
CA ASP F 450 27.91 -8.97 24.72
C ASP F 450 27.19 -8.25 23.59
N VAL F 451 25.85 -8.17 23.70
CA VAL F 451 25.04 -7.66 22.61
C VAL F 451 25.30 -6.17 22.39
N ARG F 452 25.35 -5.40 23.47
CA ARG F 452 25.47 -3.95 23.35
C ARG F 452 26.84 -3.55 22.81
N ARG F 453 27.90 -4.25 23.21
CA ARG F 453 29.24 -3.91 22.75
C ARG F 453 29.39 -4.17 21.26
N SER F 454 28.93 -5.34 20.80
CA SER F 454 28.97 -5.65 19.37
C SER F 454 28.08 -4.70 18.59
N MET F 455 26.92 -4.34 19.14
CA MET F 455 26.03 -3.39 18.48
C MET F 455 26.70 -2.04 18.32
N GLN F 456 27.38 -1.55 19.36
CA GLN F 456 28.06 -0.27 19.27
C GLN F 456 29.22 -0.32 18.28
N TYR F 457 29.99 -1.42 18.30
CA TYR F 457 31.13 -1.55 17.39
C TYR F 457 30.68 -1.57 15.94
N LEU F 458 29.58 -2.28 15.65
CA LEU F 458 29.06 -2.32 14.29
C LEU F 458 28.32 -1.04 13.89
N VAL F 459 27.72 -0.35 14.86
CA VAL F 459 27.09 0.94 14.58
C VAL F 459 28.15 1.95 14.19
N GLU F 460 29.35 1.87 14.79
CA GLU F 460 30.44 2.77 14.40
C GLU F 460 30.80 2.60 12.92
N TYR F 461 30.91 1.35 12.47
CA TYR F 461 31.20 1.09 11.06
C TYR F 461 30.05 1.55 10.17
N GLN F 462 28.81 1.22 10.56
CA GLN F 462 27.67 1.52 9.70
C GLN F 462 27.42 3.02 9.60
N SER F 463 27.75 3.77 10.65
CA SER F 463 27.69 5.23 10.56
C SER F 463 28.84 5.78 9.74
N GLN F 464 30.04 5.18 9.88
CA GLN F 464 31.18 5.63 9.09
C GLN F 464 30.96 5.33 7.61
N TYR F 465 30.47 4.14 7.29
CA TYR F 465 30.18 3.73 5.91
C TYR F 465 28.72 4.10 5.64
N MET F 466 28.51 5.35 5.25
CA MET F 466 27.18 5.84 4.92
C MET F 466 27.28 7.18 4.19
N SER G 377 -2.49 48.34 -17.77
CA SER G 377 -1.52 48.08 -16.67
C SER G 377 -1.65 46.64 -16.16
N LYS G 378 -2.88 46.24 -15.84
CA LYS G 378 -3.12 44.88 -15.39
C LYS G 378 -3.01 43.85 -16.51
N ASN G 379 -3.09 44.28 -17.77
CA ASN G 379 -2.92 43.34 -18.89
C ASN G 379 -1.45 42.93 -19.07
N ILE G 380 -0.51 43.80 -18.68
CA ILE G 380 0.93 43.56 -18.86
C ILE G 380 1.54 43.39 -17.47
N LYS G 381 1.73 42.13 -17.08
CA LYS G 381 2.26 41.72 -15.78
C LYS G 381 3.48 40.83 -15.97
N THR G 382 4.16 40.57 -14.86
CA THR G 382 5.34 39.72 -14.88
C THR G 382 4.95 38.28 -15.19
N PRO G 383 5.49 37.64 -16.23
CA PRO G 383 5.29 36.19 -16.35
C PRO G 383 6.16 35.42 -15.38
N LYS G 384 5.57 34.41 -14.75
CA LYS G 384 6.28 33.52 -13.84
C LYS G 384 6.96 32.34 -14.55
N SER G 385 6.64 32.09 -15.81
CA SER G 385 7.07 30.86 -16.48
C SER G 385 7.01 31.05 -17.98
N ALA G 386 7.62 30.10 -18.70
CA ALA G 386 7.55 30.10 -20.16
C ALA G 386 6.13 29.91 -20.66
N TYR G 387 5.32 29.18 -19.89
CA TYR G 387 3.89 29.10 -20.19
C TYR G 387 3.25 30.49 -20.16
N GLU G 388 3.55 31.26 -19.12
CA GLU G 388 3.00 32.60 -19.01
C GLU G 388 3.52 33.51 -20.12
N PHE G 389 4.81 33.40 -20.44
CA PHE G 389 5.40 34.22 -21.49
C PHE G 389 4.75 33.91 -22.84
N GLU G 390 4.59 32.62 -23.15
CA GLU G 390 4.04 32.25 -24.45
C GLU G 390 2.57 32.62 -24.55
N ASN G 391 1.81 32.49 -23.45
CA ASN G 391 0.40 32.87 -23.50
C ASN G 391 0.21 34.38 -23.52
N SER G 392 1.17 35.15 -22.98
CA SER G 392 1.14 36.59 -23.18
C SER G 392 1.53 36.96 -24.60
N TRP G 393 2.48 36.22 -25.17
CA TRP G 393 2.91 36.48 -26.55
C TRP G 393 1.80 36.22 -27.55
N ARG G 394 1.03 35.14 -27.32
CA ARG G 394 -0.05 34.81 -28.25
C ARG G 394 -1.15 35.87 -28.24
N SER G 395 -1.53 36.33 -27.05
CA SER G 395 -2.60 37.32 -26.96
C SER G 395 -2.16 38.65 -27.55
N PHE G 396 -0.91 39.04 -27.32
CA PHE G 396 -0.34 40.29 -27.81
C PHE G 396 0.38 40.11 -29.15
N SER G 397 0.07 39.05 -29.90
CA SER G 397 0.86 38.71 -31.08
C SER G 397 0.68 39.74 -32.18
N GLY G 398 -0.57 40.12 -32.46
CA GLY G 398 -0.83 41.02 -33.58
C GLY G 398 -0.43 42.46 -33.36
N ASP G 399 -0.31 42.90 -32.10
CA ASP G 399 -0.03 44.29 -31.74
C ASP G 399 1.38 44.36 -31.16
N SER G 400 2.28 45.02 -31.89
CA SER G 400 3.67 45.13 -31.45
C SER G 400 3.82 46.05 -30.25
N ALA G 401 2.89 47.01 -30.06
CA ALA G 401 3.04 48.00 -29.00
C ALA G 401 3.01 47.36 -27.62
N LEU G 402 2.12 46.40 -27.41
CA LEU G 402 2.08 45.64 -26.17
C LEU G 402 3.12 44.52 -26.12
N ARG G 403 3.98 44.37 -27.13
CA ARG G 403 5.13 43.48 -27.11
C ARG G 403 6.43 44.22 -26.85
N SER G 404 6.58 45.43 -27.40
CA SER G 404 7.77 46.22 -27.13
C SER G 404 7.79 46.70 -25.68
N GLN G 405 6.63 46.98 -25.10
CA GLN G 405 6.55 47.34 -23.69
C GLN G 405 6.42 46.12 -22.77
N LEU G 406 6.24 44.92 -23.32
CA LEU G 406 6.20 43.73 -22.48
C LEU G 406 7.56 43.48 -21.83
N LEU G 407 8.64 43.55 -22.63
CA LEU G 407 9.99 43.34 -22.11
C LEU G 407 10.44 44.29 -21.00
N LYS G 408 9.73 45.41 -20.78
CA LYS G 408 10.07 46.33 -19.71
C LYS G 408 9.57 45.82 -18.37
N VAL G 409 8.46 45.06 -18.33
CA VAL G 409 7.88 44.67 -17.04
C VAL G 409 8.53 43.42 -16.45
N THR G 410 9.59 42.89 -17.07
CA THR G 410 10.25 41.66 -16.64
C THR G 410 11.75 41.91 -16.55
N THR G 411 12.38 41.25 -15.58
CA THR G 411 13.82 41.39 -15.39
C THR G 411 14.55 40.46 -16.36
N PRO G 412 15.56 40.92 -17.11
CA PRO G 412 16.30 39.97 -17.94
C PRO G 412 17.07 38.92 -17.16
N SER G 413 17.41 39.18 -15.90
CA SER G 413 18.09 38.19 -15.09
C SER G 413 17.21 36.96 -14.86
N SER G 414 15.90 37.16 -14.74
CA SER G 414 14.98 36.04 -14.60
C SER G 414 14.75 35.28 -15.90
N LEU G 415 15.21 35.81 -17.04
CA LEU G 415 14.92 35.19 -18.34
C LEU G 415 15.43 33.76 -18.49
N PRO G 416 16.68 33.42 -18.14
CA PRO G 416 17.06 32.00 -18.19
C PRO G 416 16.34 31.12 -17.20
N GLN G 417 15.74 31.69 -16.14
CA GLN G 417 14.83 30.92 -15.28
C GLN G 417 13.46 30.76 -15.91
N ILE G 418 12.98 31.78 -16.63
CA ILE G 418 11.68 31.68 -17.30
C ILE G 418 11.72 30.61 -18.37
N PHE G 419 12.71 30.67 -19.25
CA PHE G 419 12.90 29.69 -20.32
C PHE G 419 13.79 28.58 -19.79
N LYS G 420 13.26 27.36 -19.79
CA LYS G 420 13.92 26.16 -19.26
C LYS G 420 13.94 25.12 -20.37
N ASN G 421 14.49 25.52 -21.52
CA ASN G 421 14.51 24.91 -22.87
C ASN G 421 13.25 25.16 -23.68
N ALA G 422 12.23 25.84 -23.15
CA ALA G 422 11.01 26.15 -23.92
C ALA G 422 11.20 27.46 -24.68
N LEU G 423 12.05 27.42 -25.69
CA LEU G 423 12.31 28.58 -26.54
C LEU G 423 12.65 28.07 -27.95
N THR G 424 11.81 28.41 -28.91
CA THR G 424 12.00 28.05 -30.31
C THR G 424 12.64 29.20 -31.07
N SER G 425 13.20 28.87 -32.24
CA SER G 425 13.96 29.85 -33.01
C SER G 425 13.12 31.05 -33.48
N PRO G 426 11.90 30.87 -33.98
CA PRO G 426 11.05 32.04 -34.26
C PRO G 426 10.82 32.94 -33.05
N VAL G 427 10.63 32.38 -31.86
CA VAL G 427 10.46 33.21 -30.68
C VAL G 427 11.77 33.93 -30.35
N LEU G 428 12.90 33.28 -30.58
CA LEU G 428 14.20 33.93 -30.37
C LEU G 428 14.37 35.12 -31.30
N VAL G 429 14.04 34.94 -32.58
CA VAL G 429 14.15 36.03 -33.55
C VAL G 429 13.19 37.15 -33.18
N ASP G 430 11.97 36.80 -32.77
CA ASP G 430 10.98 37.80 -32.38
C ASP G 430 11.45 38.60 -31.17
N ILE G 431 12.04 37.92 -30.18
CA ILE G 431 12.42 38.62 -28.95
C ILE G 431 13.63 39.52 -29.23
N ILE G 432 14.57 39.05 -30.07
CA ILE G 432 15.71 39.87 -30.45
C ILE G 432 15.23 41.10 -31.21
N LYS G 433 14.30 40.92 -32.14
CA LYS G 433 13.76 42.05 -32.90
C LYS G 433 12.98 43.01 -32.00
N CYS G 434 12.33 42.48 -30.96
CA CYS G 434 11.59 43.34 -30.04
C CYS G 434 12.55 44.13 -29.16
N VAL G 435 13.67 43.52 -28.77
CA VAL G 435 14.72 44.25 -28.06
C VAL G 435 15.30 45.33 -28.97
N ALA G 436 15.40 45.05 -30.27
CA ALA G 436 15.85 46.07 -31.21
C ALA G 436 14.87 47.24 -31.31
N SER G 437 13.58 47.00 -31.02
CA SER G 437 12.58 48.07 -31.11
C SER G 437 12.86 49.17 -30.08
N PHE G 438 13.23 48.79 -28.86
CA PHE G 438 13.64 49.70 -27.79
C PHE G 438 15.10 49.49 -27.45
N PHE G 439 15.95 49.35 -28.47
CA PHE G 439 17.39 49.37 -28.24
C PHE G 439 17.82 50.74 -27.73
N THR G 440 17.59 51.79 -28.52
CA THR G 440 18.06 53.12 -28.18
C THR G 440 17.40 53.69 -26.92
N GLU G 441 16.23 53.18 -26.52
CA GLU G 441 15.55 53.72 -25.36
C GLU G 441 16.32 53.44 -24.07
N ASP G 442 16.71 52.16 -23.83
CA ASP G 442 17.52 51.77 -22.68
C ASP G 442 18.59 50.80 -23.19
N MET G 443 19.69 51.38 -23.69
CA MET G 443 20.69 50.62 -24.45
C MET G 443 21.34 49.55 -23.59
N ASP G 444 21.70 49.90 -22.35
CA ASP G 444 22.27 48.95 -21.40
C ASP G 444 21.33 47.76 -21.19
N LEU G 445 20.04 48.05 -21.00
CA LEU G 445 19.07 46.98 -20.80
C LEU G 445 19.00 46.09 -22.03
N ALA G 446 19.10 46.70 -23.23
CA ALA G 446 19.14 45.91 -24.45
C ALA G 446 20.36 45.01 -24.47
N VAL G 447 21.54 45.56 -24.18
CA VAL G 447 22.73 44.72 -24.18
C VAL G 447 22.75 43.82 -22.95
N LYS G 448 21.93 44.09 -21.94
CA LYS G 448 21.72 43.10 -20.90
C LYS G 448 20.81 41.99 -21.40
N TYR G 449 19.70 42.38 -22.07
CA TYR G 449 18.67 41.40 -22.45
C TYR G 449 19.22 40.37 -23.43
N ILE G 450 19.89 40.84 -24.48
CA ILE G 450 20.54 39.95 -25.45
C ILE G 450 21.58 39.10 -24.74
N GLU G 451 22.34 39.69 -23.80
CA GLU G 451 23.30 38.92 -23.03
C GLU G 451 22.58 37.87 -22.21
N ASN G 452 21.45 38.24 -21.60
CA ASN G 452 20.69 37.26 -20.85
C ASN G 452 20.07 36.22 -21.77
N LEU G 453 19.80 36.59 -23.04
CA LEU G 453 19.34 35.59 -24.00
C LEU G 453 20.42 34.55 -24.26
N THR G 454 21.70 34.92 -24.12
CA THR G 454 22.77 33.93 -24.25
C THR G 454 22.75 32.91 -23.12
N LYS G 455 22.16 33.23 -21.96
CA LYS G 455 22.17 32.32 -20.82
C LYS G 455 21.04 31.32 -20.83
N VAL G 456 20.16 31.33 -21.84
CA VAL G 456 19.06 30.36 -21.91
C VAL G 456 19.64 28.99 -22.26
N PRO G 457 19.01 27.88 -21.86
CA PRO G 457 19.45 26.58 -22.36
C PRO G 457 19.18 26.42 -23.86
N ARG G 458 19.94 25.50 -24.46
CA ARG G 458 19.83 25.14 -25.88
C ARG G 458 19.98 26.35 -26.80
N PHE G 459 20.83 27.30 -26.39
CA PHE G 459 21.04 28.49 -27.19
C PHE G 459 21.82 28.20 -28.46
N ASN G 460 22.81 27.31 -28.38
CA ASN G 460 23.74 27.09 -29.49
C ASN G 460 22.99 26.45 -30.65
N MET G 461 22.24 25.39 -30.37
CA MET G 461 21.41 24.78 -31.41
C MET G 461 20.35 25.75 -31.91
N LEU G 462 19.86 26.64 -31.03
CA LEU G 462 18.84 27.61 -31.43
C LEU G 462 19.38 28.55 -32.50
N VAL G 463 20.57 29.13 -32.28
CA VAL G 463 21.13 30.01 -33.30
C VAL G 463 21.55 29.18 -34.52
N MET G 464 21.95 27.94 -34.32
CA MET G 464 22.19 27.05 -35.47
C MET G 464 20.91 26.73 -36.23
N CYS G 465 19.74 26.84 -35.60
CA CYS G 465 18.47 26.50 -36.24
C CYS G 465 17.91 27.62 -37.10
N LEU G 466 18.56 28.77 -37.19
CA LEU G 466 18.01 29.90 -37.93
C LEU G 466 18.03 29.62 -39.44
N THR G 467 16.95 30.02 -40.10
CA THR G 467 16.87 29.96 -41.56
C THR G 467 17.60 31.17 -42.15
N SER G 468 17.86 31.10 -43.46
CA SER G 468 18.67 32.11 -44.12
C SER G 468 18.00 33.47 -44.12
N THR G 469 16.66 33.51 -44.17
CA THR G 469 15.95 34.79 -44.15
C THR G 469 16.17 35.51 -42.82
N GLU G 470 15.99 34.78 -41.71
CA GLU G 470 16.22 35.37 -40.40
C GLU G 470 17.69 35.74 -40.21
N LYS G 471 18.61 34.94 -40.75
CA LYS G 471 20.04 35.27 -40.67
C LYS G 471 20.35 36.58 -41.39
N ASN G 472 19.82 36.73 -42.60
CA ASN G 472 20.04 37.95 -43.37
C ASN G 472 19.43 39.16 -42.68
N GLU G 473 18.22 39.02 -42.13
CA GLU G 473 17.58 40.19 -41.55
C GLU G 473 18.23 40.53 -40.21
N LEU G 474 18.75 39.54 -39.48
CA LEU G 474 19.55 39.84 -38.29
C LEU G 474 20.82 40.58 -38.64
N LEU G 475 21.47 40.20 -39.75
CA LEU G 475 22.63 40.97 -40.22
C LEU G 475 22.23 42.41 -40.56
N LYS G 476 21.06 42.57 -41.19
CA LYS G 476 20.57 43.91 -41.51
C LYS G 476 20.31 44.71 -40.24
N ILE G 477 19.69 44.09 -39.23
CA ILE G 477 19.43 44.76 -37.97
C ILE G 477 20.74 45.11 -37.25
N TRP G 478 21.75 44.26 -37.39
CA TRP G 478 23.06 44.55 -36.82
C TRP G 478 23.65 45.82 -37.42
N GLU G 479 23.69 45.90 -38.75
CA GLU G 479 24.27 47.10 -39.35
C GLU G 479 23.40 48.33 -39.13
N ASP G 480 22.08 48.16 -39.00
CA ASP G 480 21.17 49.30 -38.84
C ASP G 480 21.13 49.77 -37.39
N VAL G 481 20.70 48.90 -36.48
CA VAL G 481 20.29 49.31 -35.13
C VAL G 481 21.43 49.12 -34.14
N PHE G 482 21.88 47.88 -33.99
CA PHE G 482 22.82 47.53 -32.92
C PHE G 482 24.25 47.96 -33.20
N CYS G 483 24.57 48.47 -34.39
CA CYS G 483 25.90 48.98 -34.72
C CYS G 483 25.80 50.32 -35.42
N ASN G 484 24.91 51.19 -34.94
CA ASN G 484 24.79 52.55 -35.46
C ASN G 484 25.85 53.43 -34.79
N LYS G 485 25.99 54.65 -35.32
CA LYS G 485 26.92 55.61 -34.75
C LYS G 485 26.43 56.22 -33.44
N ALA G 486 25.12 56.11 -33.14
CA ALA G 486 24.58 56.76 -31.96
C ALA G 486 25.07 56.11 -30.67
N THR G 487 25.18 54.78 -30.66
CA THR G 487 25.52 54.07 -29.43
C THR G 487 26.99 54.33 -29.07
N PRO G 488 27.34 54.32 -27.78
CA PRO G 488 28.76 54.46 -27.42
C PRO G 488 29.51 53.15 -27.63
N MET G 489 30.84 53.27 -27.63
CA MET G 489 31.69 52.10 -27.82
C MET G 489 31.57 51.11 -26.67
N GLU G 490 31.18 51.57 -25.47
CA GLU G 490 31.08 50.70 -24.31
C GLU G 490 30.03 49.61 -24.51
N TYR G 491 28.83 50.00 -24.97
CA TYR G 491 27.80 49.03 -25.30
C TYR G 491 28.07 48.36 -26.65
N ALA G 492 28.70 49.09 -27.58
CA ALA G 492 28.93 48.54 -28.92
C ALA G 492 29.88 47.35 -28.87
N GLU G 493 30.91 47.41 -28.04
CA GLU G 493 31.86 46.31 -27.94
C GLU G 493 31.17 45.04 -27.43
N VAL G 494 30.31 45.18 -26.42
CA VAL G 494 29.61 44.02 -25.88
C VAL G 494 28.61 43.49 -26.91
N LEU G 495 27.91 44.39 -27.61
CA LEU G 495 26.94 43.94 -28.60
C LEU G 495 27.61 43.20 -29.75
N ASP G 496 28.76 43.72 -30.23
CA ASP G 496 29.47 43.03 -31.30
C ASP G 496 30.11 41.73 -30.81
N LYS G 497 30.54 41.68 -29.54
CA LYS G 497 31.05 40.42 -28.99
C LYS G 497 29.97 39.36 -28.96
N LEU G 498 28.75 39.73 -28.55
CA LEU G 498 27.66 38.77 -28.57
C LEU G 498 27.25 38.42 -30.01
N ARG G 499 27.23 39.41 -30.90
CA ARG G 499 26.81 39.18 -32.27
C ARG G 499 27.82 38.35 -33.06
N SER G 500 29.08 38.31 -32.62
CA SER G 500 30.03 37.37 -33.21
C SER G 500 29.58 35.93 -33.03
N ARG G 501 28.94 35.62 -31.90
CA ARG G 501 28.47 34.27 -31.59
C ARG G 501 27.00 34.03 -31.92
N TYR G 502 26.21 35.09 -32.15
CA TYR G 502 24.82 34.87 -32.58
C TYR G 502 24.75 34.46 -34.05
N CYS G 503 25.19 35.35 -34.95
CA CYS G 503 25.01 35.12 -36.38
C CYS G 503 25.84 33.94 -36.86
N LEU G 504 27.09 33.85 -36.41
CA LEU G 504 28.00 32.77 -36.76
C LEU G 504 28.23 32.69 -38.27
N LYS G 505 28.36 33.86 -38.90
CA LYS G 505 28.63 33.92 -40.33
C LYS G 505 30.00 33.31 -40.62
N GLN G 506 30.05 32.45 -41.63
CA GLN G 506 31.28 31.76 -41.99
C GLN G 506 31.19 31.17 -43.39
#